data_8UFJ
#
_entry.id   8UFJ
#
_cell.length_a   137.264
_cell.length_b   167.546
_cell.length_c   176.922
_cell.angle_alpha   90.00
_cell.angle_beta   90.00
_cell.angle_gamma   90.00
#
_symmetry.space_group_name_H-M   'I 2 2 2'
#
loop_
_entity.id
_entity.type
_entity.pdbx_description
1 polymer 'Glutamine synthetase'
2 non-polymer 'MAGNESIUM ION'
3 water water
#
_entity_poly.entity_id   1
_entity_poly.type   'polypeptide(L)'
_entity_poly.pdbx_seq_one_letter_code
;MGSSHHHHHHSSGLVPRGSHMVQMKKCTTKEDVLEAVKERDVKFIRTQFTDTLGIIKSWAIPAEQLEEAFENGVMFDGSS
IQGFTRIEESDMKLALDPSTFRILPWRPATGAVARILGDVYLPDGNPFKGDPRYVLKTAIKEAEKMGFSMNVGPELEFFL
FKLDANGNPTTELTDQGGYFDFAPLDLGQDVRRDIDYALEHMGFQIEASHHEVAPSQHEIDFRFGDVLCTADNVVTFKYV
VKSIAYHKGYYASFMPKPLFGVNGSGMHSNQSLFKDGKNVFYDPDTPTKLSQDAMYYIGGLLKHIREFTAVTNPVVNSYK
RLVPGYEAPVYISWSAQNRSSLIRIPATRGNGTRIELRCPDPACNPYLAFALMLRAGLEGIKNKIDPGEPTNVNIFHLSD
KEREERGIRSLPADLKEAIDEMKGSKFVKEALGEHVFSHYLCAKEMEWDEYKAVVHPWELSRYLSML
;
_entity_poly.pdbx_strand_id   A,B,C
#
# COMPACT_ATOMS: atom_id res chain seq x y z
N LYS A 25 26.47 3.54 -31.58
CA LYS A 25 26.08 4.91 -31.29
C LYS A 25 27.29 5.76 -30.89
N LYS A 26 28.42 5.52 -31.54
CA LYS A 26 29.68 6.21 -31.25
C LYS A 26 30.02 7.07 -32.47
N CYS A 27 30.00 8.38 -32.30
CA CYS A 27 30.21 9.33 -33.39
C CYS A 27 31.62 9.90 -33.31
N THR A 28 32.32 9.91 -34.46
CA THR A 28 33.70 10.38 -34.52
C THR A 28 33.91 11.46 -35.57
N THR A 29 33.29 11.34 -36.74
CA THR A 29 33.53 12.25 -37.85
C THR A 29 32.25 13.00 -38.21
N LYS A 30 32.41 14.06 -39.00
CA LYS A 30 31.24 14.79 -39.49
C LYS A 30 30.37 13.91 -40.37
N GLU A 31 30.99 12.99 -41.13
CA GLU A 31 30.23 12.05 -41.93
C GLU A 31 29.44 11.08 -41.06
N ASP A 32 29.97 10.72 -39.89
CA ASP A 32 29.19 9.92 -38.95
C ASP A 32 27.94 10.65 -38.53
N VAL A 33 28.05 11.94 -38.24
CA VAL A 33 26.90 12.73 -37.79
C VAL A 33 25.89 12.87 -38.93
N LEU A 34 26.37 13.20 -40.12
CA LEU A 34 25.47 13.49 -41.24
C LEU A 34 24.67 12.25 -41.65
N GLU A 35 25.31 11.07 -41.64
CA GLU A 35 24.58 9.85 -41.96
C GLU A 35 23.55 9.51 -40.90
N ALA A 36 23.90 9.69 -39.62
CA ALA A 36 22.95 9.43 -38.55
C ALA A 36 21.79 10.42 -38.57
N VAL A 37 22.05 11.67 -38.96
CA VAL A 37 20.98 12.65 -39.10
C VAL A 37 19.99 12.19 -40.17
N LYS A 38 20.52 11.65 -41.28
CA LYS A 38 19.65 11.19 -42.37
C LYS A 38 18.92 9.91 -42.00
N GLU A 39 19.61 8.97 -41.33
CA GLU A 39 19.02 7.68 -41.04
C GLU A 39 17.97 7.77 -39.92
N ARG A 40 18.25 8.55 -38.89
CA ARG A 40 17.36 8.66 -37.74
C ARG A 40 16.31 9.75 -37.90
N ASP A 41 16.28 10.43 -39.05
CA ASP A 41 15.33 11.51 -39.33
C ASP A 41 15.40 12.61 -38.27
N VAL A 42 16.60 13.17 -38.13
CA VAL A 42 16.81 14.33 -37.28
C VAL A 42 16.52 15.58 -38.11
N LYS A 43 15.59 16.41 -37.62
CA LYS A 43 15.20 17.61 -38.33
C LYS A 43 15.76 18.89 -37.73
N PHE A 44 15.99 18.91 -36.41
CA PHE A 44 16.55 20.08 -35.75
C PHE A 44 17.79 19.68 -34.96
N ILE A 45 18.81 20.52 -35.03
CA ILE A 45 20.02 20.37 -34.23
C ILE A 45 20.08 21.54 -33.27
N ARG A 46 20.33 21.26 -31.99
CA ARG A 46 20.43 22.28 -30.97
C ARG A 46 21.87 22.37 -30.50
N THR A 47 22.47 23.54 -30.68
CA THR A 47 23.76 23.80 -30.07
C THR A 47 23.63 23.84 -28.56
N GLN A 48 24.71 23.51 -27.87
CA GLN A 48 24.71 23.52 -26.40
C GLN A 48 25.98 24.17 -25.91
N PHE A 49 25.83 25.25 -25.14
CA PHE A 49 26.95 25.87 -24.44
C PHE A 49 26.39 26.55 -23.20
N THR A 50 27.30 27.03 -22.36
CA THR A 50 26.90 27.72 -21.13
C THR A 50 27.55 29.11 -21.10
N ASP A 51 26.90 30.02 -20.39
CA ASP A 51 27.44 31.34 -20.18
C ASP A 51 28.36 31.33 -18.97
N THR A 52 28.89 32.51 -18.63
CA THR A 52 29.87 32.60 -17.54
C THR A 52 29.30 32.11 -16.22
N LEU A 53 28.00 32.32 -15.99
CA LEU A 53 27.37 31.99 -14.72
C LEU A 53 26.74 30.59 -14.70
N GLY A 54 26.92 29.80 -15.76
CA GLY A 54 26.44 28.43 -15.77
C GLY A 54 25.06 28.22 -16.35
N ILE A 55 24.38 29.29 -16.77
CA ILE A 55 23.09 29.13 -17.44
C ILE A 55 23.30 28.43 -18.77
N ILE A 56 22.45 27.45 -19.06
CA ILE A 56 22.55 26.67 -20.29
C ILE A 56 22.03 27.48 -21.46
N LYS A 57 22.83 27.57 -22.51
CA LYS A 57 22.51 28.36 -23.70
C LYS A 57 22.40 27.47 -24.92
N SER A 58 21.64 27.92 -25.91
CA SER A 58 21.33 27.10 -27.07
C SER A 58 20.70 27.94 -28.16
N TRP A 59 20.85 27.46 -29.40
CA TRP A 59 20.02 27.92 -30.51
C TRP A 59 19.82 26.75 -31.46
N ALA A 60 18.77 26.83 -32.27
CA ALA A 60 18.34 25.74 -33.11
C ALA A 60 18.83 25.92 -34.54
N ILE A 61 19.27 24.82 -35.14
CA ILE A 61 19.72 24.81 -36.53
C ILE A 61 18.93 23.71 -37.25
N PRO A 62 18.21 24.02 -38.33
CA PRO A 62 17.61 22.94 -39.12
C PRO A 62 18.69 22.03 -39.68
N ALA A 63 18.40 20.73 -39.68
CA ALA A 63 19.42 19.74 -40.04
C ALA A 63 19.90 19.90 -41.48
N GLU A 64 19.08 20.51 -42.35
CA GLU A 64 19.52 20.72 -43.73
C GLU A 64 20.78 21.59 -43.79
N GLN A 65 20.92 22.52 -42.85
CA GLN A 65 22.06 23.42 -42.81
C GLN A 65 23.25 22.84 -42.06
N LEU A 66 23.14 21.59 -41.57
CA LEU A 66 24.18 21.03 -40.71
C LEU A 66 25.48 20.81 -41.47
N GLU A 67 25.41 20.36 -42.73
CA GLU A 67 26.62 20.09 -43.50
C GLU A 67 27.42 21.37 -43.74
N GLU A 68 26.74 22.47 -44.03
CA GLU A 68 27.45 23.75 -44.13
C GLU A 68 28.04 24.16 -42.79
N ALA A 69 27.35 23.86 -41.70
CA ALA A 69 27.84 24.22 -40.38
C ALA A 69 29.15 23.50 -40.05
N PHE A 70 29.25 22.22 -40.43
CA PHE A 70 30.49 21.48 -40.22
C PHE A 70 31.63 22.05 -41.04
N GLU A 71 31.35 22.53 -42.25
CA GLU A 71 32.40 23.02 -43.13
C GLU A 71 32.92 24.39 -42.70
N ASN A 72 32.03 25.31 -42.32
CA ASN A 72 32.39 26.72 -42.18
C ASN A 72 32.28 27.26 -40.76
N GLY A 73 31.63 26.54 -39.85
CA GLY A 73 31.29 27.10 -38.55
C GLY A 73 30.00 27.88 -38.61
N VAL A 74 29.49 28.24 -37.43
CA VAL A 74 28.23 28.94 -37.30
C VAL A 74 28.48 30.26 -36.56
N MET A 75 28.13 31.36 -37.20
CA MET A 75 28.24 32.67 -36.57
C MET A 75 27.08 32.90 -35.61
N PHE A 76 27.40 33.42 -34.42
CA PHE A 76 26.40 33.68 -33.40
C PHE A 76 26.89 34.83 -32.52
N ASP A 77 25.97 35.41 -31.77
CA ASP A 77 26.28 36.52 -30.88
C ASP A 77 27.01 35.97 -29.65
N GLY A 78 28.30 36.29 -29.55
CA GLY A 78 29.10 35.77 -28.46
C GLY A 78 28.84 36.41 -27.12
N SER A 79 28.20 37.59 -27.11
CA SER A 79 27.84 38.22 -25.85
C SER A 79 26.84 37.40 -25.05
N SER A 80 26.17 36.44 -25.71
CA SER A 80 25.32 35.50 -24.98
C SER A 80 26.11 34.71 -23.94
N ILE A 81 27.38 34.43 -24.23
CA ILE A 81 28.24 33.75 -23.26
C ILE A 81 28.55 34.66 -22.09
N GLN A 82 28.55 35.97 -22.30
CA GLN A 82 29.02 36.92 -21.30
C GLN A 82 28.12 36.96 -20.07
N GLY A 83 26.88 36.48 -20.16
CA GLY A 83 25.97 36.49 -19.03
C GLY A 83 24.88 37.53 -19.19
N PHE A 84 24.40 38.08 -18.08
CA PHE A 84 23.47 39.21 -18.13
C PHE A 84 24.16 40.55 -17.96
N THR A 85 25.50 40.56 -17.88
CA THR A 85 26.26 41.80 -17.79
C THR A 85 26.71 42.30 -19.15
N ARG A 86 26.13 41.79 -20.24
CA ARG A 86 26.52 42.18 -21.58
C ARG A 86 25.83 43.47 -21.99
N ILE A 87 26.56 44.33 -22.70
CA ILE A 87 26.01 45.52 -23.33
C ILE A 87 26.25 45.52 -24.84
N GLU A 88 27.45 45.15 -25.27
CA GLU A 88 27.82 45.13 -26.68
C GLU A 88 27.83 43.72 -27.22
N GLU A 89 27.47 43.59 -28.50
CA GLU A 89 27.57 42.33 -29.21
C GLU A 89 29.03 42.01 -29.51
N SER A 90 29.29 40.73 -29.80
CA SER A 90 30.59 40.31 -30.27
C SER A 90 30.36 39.11 -31.19
N ASP A 91 30.58 39.31 -32.49
CA ASP A 91 30.37 38.23 -33.44
C ASP A 91 31.41 37.15 -33.22
N MET A 92 30.96 35.92 -32.99
CA MET A 92 31.86 34.80 -32.79
C MET A 92 31.39 33.62 -33.62
N LYS A 93 32.26 32.62 -33.74
CA LYS A 93 32.01 31.45 -34.57
C LYS A 93 32.11 30.19 -33.71
N LEU A 94 31.16 29.29 -33.90
CA LEU A 94 31.14 28.02 -33.17
C LEU A 94 31.54 26.92 -34.14
N ALA A 95 32.68 26.29 -33.88
CA ALA A 95 33.16 25.15 -34.66
C ALA A 95 32.62 23.88 -34.02
N LEU A 96 31.72 23.20 -34.72
CA LEU A 96 31.01 22.05 -34.13
C LEU A 96 31.93 20.85 -33.98
N ASP A 97 31.82 20.19 -32.83
CA ASP A 97 32.58 18.97 -32.56
C ASP A 97 31.68 17.77 -32.85
N PRO A 98 31.94 17.01 -33.91
CA PRO A 98 31.04 15.90 -34.26
C PRO A 98 30.99 14.80 -33.21
N SER A 99 32.01 14.69 -32.36
CA SER A 99 32.00 13.66 -31.33
C SER A 99 31.05 13.97 -30.17
N THR A 100 30.55 15.20 -30.08
CA THR A 100 29.58 15.55 -29.06
C THR A 100 28.13 15.40 -29.52
N PHE A 101 27.92 15.00 -30.78
CA PHE A 101 26.58 14.81 -31.29
C PHE A 101 25.85 13.72 -30.49
N ARG A 102 24.60 13.99 -30.13
CA ARG A 102 23.82 13.07 -29.31
C ARG A 102 22.35 13.40 -29.48
N ILE A 103 21.54 12.37 -29.73
CA ILE A 103 20.12 12.55 -29.99
C ILE A 103 19.38 12.67 -28.66
N LEU A 104 18.50 13.67 -28.58
CA LEU A 104 17.78 13.93 -27.34
C LEU A 104 16.72 12.86 -27.09
N PRO A 105 16.34 12.63 -25.82
CA PRO A 105 15.53 11.45 -25.48
C PRO A 105 14.02 11.63 -25.64
N TRP A 106 13.57 12.64 -26.37
CA TRP A 106 12.17 12.79 -26.70
C TRP A 106 11.99 12.78 -28.21
N ARG A 107 10.80 12.39 -28.65
CA ARG A 107 10.53 12.14 -30.06
C ARG A 107 9.36 12.98 -30.54
N PRO A 108 9.60 14.16 -31.09
CA PRO A 108 8.51 14.93 -31.73
C PRO A 108 7.96 14.16 -32.91
N ALA A 109 6.68 14.40 -33.18
CA ALA A 109 6.05 13.77 -34.34
C ALA A 109 6.73 14.19 -35.64
N THR A 110 7.16 15.45 -35.74
CA THR A 110 7.81 15.93 -36.95
C THR A 110 9.10 15.16 -37.21
N GLY A 111 9.95 15.03 -36.19
CA GLY A 111 11.21 14.33 -36.37
C GLY A 111 12.00 14.33 -35.08
N ALA A 112 13.19 13.75 -35.17
CA ALA A 112 14.05 13.64 -34.01
C ALA A 112 14.82 14.95 -33.77
N VAL A 113 15.34 15.09 -32.56
CA VAL A 113 16.10 16.26 -32.14
C VAL A 113 17.41 15.79 -31.55
N ALA A 114 18.49 16.52 -31.81
CA ALA A 114 19.81 16.18 -31.30
C ALA A 114 20.52 17.43 -30.82
N ARG A 115 21.48 17.23 -29.92
CA ARG A 115 22.32 18.30 -29.43
C ARG A 115 23.74 18.12 -29.93
N ILE A 116 24.47 19.24 -29.99
CA ILE A 116 25.87 19.22 -30.40
C ILE A 116 26.59 20.37 -29.70
N LEU A 117 27.85 20.14 -29.36
CA LEU A 117 28.70 21.14 -28.74
C LEU A 117 29.77 21.59 -29.73
N GLY A 118 30.66 22.46 -29.28
CA GLY A 118 31.72 22.94 -30.14
C GLY A 118 32.59 23.93 -29.41
N ASP A 119 33.55 24.48 -30.16
CA ASP A 119 34.49 25.46 -29.64
C ASP A 119 34.20 26.82 -30.26
N VAL A 120 34.35 27.87 -29.45
CA VAL A 120 34.01 29.22 -29.84
C VAL A 120 35.29 29.95 -30.25
N TYR A 121 35.27 30.59 -31.42
CA TYR A 121 36.41 31.32 -31.94
C TYR A 121 36.02 32.76 -32.24
N LEU A 122 36.99 33.65 -32.08
CA LEU A 122 36.83 35.02 -32.49
C LEU A 122 36.94 35.13 -34.01
N PRO A 123 36.49 36.24 -34.60
CA PRO A 123 36.63 36.40 -36.06
C PRO A 123 38.07 36.32 -36.54
N ASP A 124 39.04 36.71 -35.71
CA ASP A 124 40.45 36.62 -36.12
C ASP A 124 40.95 35.18 -36.18
N GLY A 125 40.18 34.21 -35.68
CA GLY A 125 40.57 32.82 -35.69
C GLY A 125 41.11 32.29 -34.38
N ASN A 126 41.27 33.13 -33.38
CA ASN A 126 41.77 32.66 -32.09
C ASN A 126 40.63 32.14 -31.23
N PRO A 127 40.88 31.12 -30.41
CA PRO A 127 39.84 30.64 -29.50
C PRO A 127 39.42 31.73 -28.51
N PHE A 128 38.12 31.84 -28.30
CA PHE A 128 37.59 32.82 -27.37
C PHE A 128 37.86 32.35 -25.93
N LYS A 129 38.69 33.12 -25.21
CA LYS A 129 39.10 32.73 -23.86
C LYS A 129 37.96 32.80 -22.85
N GLY A 130 36.85 33.44 -23.20
CA GLY A 130 35.74 33.59 -22.28
C GLY A 130 34.75 32.46 -22.21
N ASP A 131 34.89 31.44 -23.06
CA ASP A 131 33.99 30.29 -22.98
C ASP A 131 34.39 29.44 -21.78
N PRO A 132 33.46 29.15 -20.86
CA PRO A 132 33.82 28.30 -19.72
C PRO A 132 34.36 26.94 -20.14
N ARG A 133 33.87 26.38 -21.25
CA ARG A 133 34.39 25.12 -21.73
C ARG A 133 35.87 25.23 -22.09
N TYR A 134 36.26 26.35 -22.70
CA TYR A 134 37.67 26.59 -22.97
C TYR A 134 38.48 26.68 -21.68
N VAL A 135 37.90 27.30 -20.65
CA VAL A 135 38.59 27.39 -19.36
C VAL A 135 38.86 26.00 -18.80
N LEU A 136 37.90 25.09 -18.93
CA LEU A 136 38.13 23.71 -18.51
C LEU A 136 39.21 23.05 -19.36
N LYS A 137 39.22 23.34 -20.66
CA LYS A 137 40.20 22.70 -21.54
C LYS A 137 41.62 23.10 -21.19
N THR A 138 41.83 24.35 -20.79
CA THR A 138 43.18 24.79 -20.42
C THR A 138 43.66 24.09 -19.16
N ALA A 139 42.76 23.87 -18.19
CA ALA A 139 43.14 23.11 -16.99
C ALA A 139 43.48 21.68 -17.35
N ILE A 140 42.71 21.07 -18.26
CA ILE A 140 43.06 19.76 -18.78
C ILE A 140 44.42 19.83 -19.47
N LYS A 141 44.67 20.91 -20.20
CA LYS A 141 45.94 21.07 -20.91
C LYS A 141 47.10 21.20 -19.94
N GLU A 142 46.94 21.97 -18.87
CA GLU A 142 47.99 22.09 -17.87
C GLU A 142 48.22 20.79 -17.12
N ALA A 143 47.15 20.00 -16.92
CA ALA A 143 47.30 18.70 -16.27
C ALA A 143 48.10 17.74 -17.14
N GLU A 144 47.88 17.79 -18.46
CA GLU A 144 48.63 16.92 -19.37
C GLU A 144 50.10 17.29 -19.43
N LYS A 145 50.46 18.54 -19.09
CA LYS A 145 51.88 18.89 -19.08
C LYS A 145 52.65 18.03 -18.09
N MET A 146 52.01 17.63 -16.98
CA MET A 146 52.62 16.78 -15.99
C MET A 146 52.22 15.32 -16.15
N GLY A 147 51.52 14.97 -17.23
CA GLY A 147 51.12 13.60 -17.48
C GLY A 147 49.86 13.16 -16.76
N PHE A 148 49.07 14.09 -16.24
CA PHE A 148 47.86 13.77 -15.50
C PHE A 148 46.63 13.94 -16.38
N SER A 149 45.67 13.05 -16.20
CA SER A 149 44.33 13.21 -16.75
C SER A 149 43.33 12.97 -15.62
N MET A 150 42.25 13.74 -15.63
CA MET A 150 41.33 13.79 -14.51
C MET A 150 40.01 13.12 -14.87
N ASN A 151 39.52 12.25 -13.98
CA ASN A 151 38.21 11.63 -14.11
C ASN A 151 37.33 12.11 -12.96
N VAL A 152 36.04 12.29 -13.25
CA VAL A 152 35.11 12.87 -12.29
C VAL A 152 33.80 12.10 -12.35
N GLY A 153 33.23 11.80 -11.18
CA GLY A 153 31.87 11.34 -11.10
C GLY A 153 31.05 12.22 -10.18
N PRO A 154 30.15 13.01 -10.76
CA PRO A 154 29.33 13.91 -9.94
C PRO A 154 28.05 13.25 -9.45
N GLU A 155 27.69 13.59 -8.20
CA GLU A 155 26.47 13.13 -7.56
C GLU A 155 25.50 14.32 -7.49
N LEU A 156 24.47 14.30 -8.35
CA LEU A 156 23.59 15.43 -8.54
C LEU A 156 22.27 15.23 -7.81
N GLU A 157 22.00 16.08 -6.83
CA GLU A 157 20.78 16.04 -6.05
C GLU A 157 19.82 17.11 -6.56
N PHE A 158 18.54 16.77 -6.63
CA PHE A 158 17.52 17.70 -7.11
C PHE A 158 16.20 17.39 -6.43
N PHE A 159 15.24 18.31 -6.60
CA PHE A 159 13.92 18.18 -6.02
C PHE A 159 12.88 17.98 -7.12
N LEU A 160 11.89 17.14 -6.85
CA LEU A 160 10.77 16.92 -7.74
C LEU A 160 9.53 17.54 -7.09
N PHE A 161 9.06 18.64 -7.67
CA PHE A 161 7.95 19.40 -7.12
C PHE A 161 6.73 19.32 -8.03
N LYS A 162 5.62 19.85 -7.54
CA LYS A 162 4.39 19.94 -8.32
C LYS A 162 4.32 21.26 -9.04
N LEU A 163 3.56 21.28 -10.13
CA LEU A 163 3.21 22.51 -10.82
C LEU A 163 1.85 22.98 -10.33
N ASP A 164 1.66 24.30 -10.30
CA ASP A 164 0.38 24.87 -9.90
C ASP A 164 -0.61 24.72 -11.05
N ALA A 165 -1.80 25.33 -10.90
CA ALA A 165 -2.84 25.19 -11.90
C ALA A 165 -2.43 25.80 -13.25
N ASN A 166 -1.53 26.79 -13.23
CA ASN A 166 -1.09 27.45 -14.45
C ASN A 166 0.18 26.85 -15.03
N GLY A 167 0.66 25.73 -14.48
CA GLY A 167 1.87 25.11 -14.97
C GLY A 167 3.15 25.76 -14.49
N ASN A 168 3.06 26.67 -13.51
CA ASN A 168 4.25 27.29 -12.96
C ASN A 168 4.89 26.39 -11.90
N PRO A 169 6.21 26.44 -11.78
CA PRO A 169 6.87 25.69 -10.70
C PRO A 169 6.42 26.18 -9.33
N THR A 170 6.32 25.24 -8.39
CA THR A 170 6.10 25.53 -6.98
C THR A 170 7.07 24.68 -6.17
N THR A 171 6.97 24.80 -4.85
CA THR A 171 7.69 23.92 -3.94
C THR A 171 6.76 22.91 -3.28
N GLU A 172 5.62 22.61 -3.90
CA GLU A 172 4.69 21.63 -3.36
C GLU A 172 5.28 20.24 -3.46
N LEU A 173 5.21 19.49 -2.36
CA LEU A 173 5.87 18.20 -2.27
C LEU A 173 5.17 17.16 -3.13
N THR A 174 5.98 16.24 -3.67
CA THR A 174 5.48 15.10 -4.41
C THR A 174 5.54 13.80 -3.62
N ASP A 175 6.30 13.77 -2.54
CA ASP A 175 6.30 12.65 -1.61
C ASP A 175 6.85 13.15 -0.28
N GLN A 176 6.73 12.31 0.76
CA GLN A 176 7.27 12.58 2.07
C GLN A 176 8.39 11.62 2.45
N GLY A 177 9.00 10.97 1.46
CA GLY A 177 9.98 9.94 1.74
C GLY A 177 11.30 10.49 2.25
N GLY A 178 12.14 9.56 2.70
CA GLY A 178 13.45 9.90 3.25
C GLY A 178 14.61 9.24 2.52
N TYR A 179 15.73 9.10 3.21
CA TYR A 179 16.98 8.67 2.58
C TYR A 179 16.86 7.23 2.07
N PHE A 180 17.05 7.08 0.76
CA PHE A 180 16.99 5.79 0.06
C PHE A 180 15.61 5.14 0.11
N ASP A 181 14.58 5.91 0.46
CA ASP A 181 13.21 5.41 0.46
C ASP A 181 12.79 5.02 -0.95
N PHE A 182 12.03 3.93 -1.07
CA PHE A 182 11.37 3.60 -2.32
C PHE A 182 10.12 4.46 -2.42
N ALA A 183 10.32 5.69 -2.88
CA ALA A 183 9.26 6.68 -3.01
C ALA A 183 9.64 7.64 -4.13
N PRO A 184 8.67 8.25 -4.80
CA PRO A 184 7.21 8.11 -4.62
C PRO A 184 6.67 6.81 -5.22
N LEU A 185 5.46 6.41 -4.83
CA LEU A 185 4.82 5.21 -5.36
C LEU A 185 3.56 5.51 -6.14
N ASP A 186 3.19 6.78 -6.30
CA ASP A 186 2.08 7.21 -7.14
C ASP A 186 2.61 7.52 -8.54
N LEU A 187 1.84 8.26 -9.34
CA LEU A 187 2.29 8.67 -10.67
C LEU A 187 3.69 9.28 -10.66
N GLY A 188 4.15 9.83 -9.53
CA GLY A 188 5.52 10.29 -9.44
C GLY A 188 6.54 9.18 -9.60
N GLN A 189 6.15 7.95 -9.28
CA GLN A 189 7.01 6.79 -9.54
C GLN A 189 7.34 6.67 -11.01
N ASP A 190 6.40 7.04 -11.89
CA ASP A 190 6.63 6.92 -13.32
C ASP A 190 7.52 8.02 -13.88
N VAL A 191 7.42 9.26 -13.37
CA VAL A 191 8.29 10.32 -13.87
C VAL A 191 9.74 10.07 -13.45
N ARG A 192 9.95 9.59 -12.22
CA ARG A 192 11.31 9.26 -11.79
C ARG A 192 11.90 8.16 -12.65
N ARG A 193 11.09 7.15 -12.98
CA ARG A 193 11.54 6.11 -13.90
C ARG A 193 11.78 6.67 -15.30
N ASP A 194 10.91 7.58 -15.75
CA ASP A 194 11.09 8.20 -17.06
C ASP A 194 12.40 8.98 -17.13
N ILE A 195 12.75 9.67 -16.04
CA ILE A 195 13.99 10.43 -16.01
C ILE A 195 15.19 9.50 -16.13
N ASP A 196 15.20 8.41 -15.36
CA ASP A 196 16.30 7.46 -15.43
C ASP A 196 16.38 6.81 -16.81
N TYR A 197 15.23 6.45 -17.39
CA TYR A 197 15.24 5.85 -18.71
C TYR A 197 15.76 6.82 -19.77
N ALA A 198 15.35 8.08 -19.70
CA ALA A 198 15.77 9.05 -20.71
C ALA A 198 17.28 9.23 -20.70
N LEU A 199 17.88 9.25 -19.51
CA LEU A 199 19.33 9.37 -19.41
C LEU A 199 20.03 8.13 -19.95
N GLU A 200 19.53 6.94 -19.60
CA GLU A 200 20.11 5.71 -20.12
C GLU A 200 19.98 5.64 -21.63
N HIS A 201 18.81 6.03 -22.16
CA HIS A 201 18.60 6.04 -23.60
C HIS A 201 19.56 6.96 -24.32
N MET A 202 20.16 7.92 -23.63
CA MET A 202 21.07 8.89 -24.22
C MET A 202 22.54 8.55 -23.99
N GLY A 203 22.84 7.42 -23.37
CA GLY A 203 24.22 7.00 -23.17
C GLY A 203 24.90 7.55 -21.93
N PHE A 204 24.14 7.97 -20.92
CA PHE A 204 24.75 8.57 -19.73
C PHE A 204 25.49 7.54 -18.88
N GLN A 205 25.03 6.30 -18.87
CA GLN A 205 25.57 5.26 -17.99
C GLN A 205 25.52 5.69 -16.52
N ILE A 206 24.29 5.86 -16.04
CA ILE A 206 24.08 6.18 -14.63
C ILE A 206 24.59 5.03 -13.78
N GLU A 207 25.19 5.37 -12.63
CA GLU A 207 25.62 4.33 -11.70
C GLU A 207 24.48 3.94 -10.76
N ALA A 208 23.93 4.92 -10.04
CA ALA A 208 22.82 4.66 -9.13
C ALA A 208 21.91 5.87 -9.11
N SER A 209 20.64 5.63 -8.78
CA SER A 209 19.68 6.69 -8.54
C SER A 209 18.85 6.29 -7.33
N HIS A 210 18.57 7.26 -6.46
CA HIS A 210 17.91 6.96 -5.20
C HIS A 210 17.26 8.22 -4.66
N HIS A 211 16.36 8.02 -3.68
CA HIS A 211 15.78 9.12 -2.94
C HIS A 211 16.82 9.72 -1.99
N GLU A 212 16.78 11.04 -1.85
CA GLU A 212 17.69 11.77 -0.98
C GLU A 212 17.00 12.04 0.36
N VAL A 213 17.68 12.77 1.24
CA VAL A 213 17.25 12.88 2.63
C VAL A 213 15.93 13.64 2.74
N ALA A 214 15.83 14.78 2.07
CA ALA A 214 14.67 15.64 2.20
C ALA A 214 13.47 15.05 1.44
N PRO A 215 12.26 15.42 1.84
CA PRO A 215 11.08 15.00 1.06
C PRO A 215 11.18 15.54 -0.36
N SER A 216 10.74 14.71 -1.31
CA SER A 216 10.72 15.03 -2.73
C SER A 216 12.11 15.23 -3.33
N GLN A 217 13.17 14.88 -2.60
CA GLN A 217 14.54 15.06 -3.07
C GLN A 217 15.08 13.77 -3.66
N HIS A 218 15.87 13.90 -4.73
CA HIS A 218 16.36 12.75 -5.47
C HIS A 218 17.80 13.00 -5.89
N GLU A 219 18.55 11.91 -6.07
CA GLU A 219 19.95 11.95 -6.46
C GLU A 219 20.18 11.00 -7.61
N ILE A 220 21.02 11.41 -8.56
CA ILE A 220 21.49 10.56 -9.64
C ILE A 220 23.01 10.64 -9.70
N ASP A 221 23.67 9.48 -9.67
CA ASP A 221 25.12 9.40 -9.66
C ASP A 221 25.62 9.06 -11.06
N PHE A 222 26.54 9.88 -11.57
CA PHE A 222 27.07 9.68 -12.90
C PHE A 222 28.15 8.60 -12.90
N ARG A 223 28.42 8.06 -14.08
CA ARG A 223 29.57 7.20 -14.25
C ARG A 223 30.85 8.01 -14.12
N PHE A 224 31.88 7.37 -13.59
CA PHE A 224 33.20 7.98 -13.49
C PHE A 224 33.79 8.09 -14.89
N GLY A 225 33.86 9.32 -15.43
CA GLY A 225 34.39 9.53 -16.77
C GLY A 225 35.33 10.72 -16.79
N ASP A 226 35.92 10.96 -17.96
CA ASP A 226 36.84 12.07 -18.12
C ASP A 226 36.11 13.39 -17.91
N VAL A 227 36.86 14.39 -17.43
CA VAL A 227 36.26 15.60 -16.88
C VAL A 227 35.49 16.36 -17.97
N LEU A 228 36.06 16.48 -19.16
CA LEU A 228 35.41 17.25 -20.22
C LEU A 228 34.07 16.63 -20.62
N CYS A 229 34.07 15.32 -20.88
CA CYS A 229 32.83 14.65 -21.26
C CYS A 229 31.83 14.67 -20.11
N THR A 230 32.31 14.48 -18.87
CA THR A 230 31.42 14.54 -17.71
C THR A 230 30.82 15.92 -17.55
N ALA A 231 31.62 16.97 -17.72
CA ALA A 231 31.11 18.33 -17.56
C ALA A 231 30.02 18.64 -18.58
N ASP A 232 30.21 18.21 -19.83
CA ASP A 232 29.16 18.40 -20.84
C ASP A 232 27.88 17.68 -20.43
N ASN A 233 28.01 16.50 -19.82
CA ASN A 233 26.84 15.71 -19.44
C ASN A 233 26.08 16.37 -18.29
N VAL A 234 26.79 17.00 -17.36
CA VAL A 234 26.11 17.69 -16.26
C VAL A 234 25.19 18.79 -16.81
N VAL A 235 25.65 19.50 -17.84
CA VAL A 235 24.81 20.50 -18.49
C VAL A 235 23.63 19.83 -19.19
N THR A 236 23.89 18.78 -19.96
CA THR A 236 22.81 18.08 -20.67
C THR A 236 21.81 17.49 -19.68
N PHE A 237 22.31 16.90 -18.59
CA PHE A 237 21.45 16.34 -17.56
C PHE A 237 20.39 17.34 -17.10
N LYS A 238 20.79 18.58 -16.90
CA LYS A 238 19.90 19.55 -16.26
C LYS A 238 18.67 19.85 -17.10
N TYR A 239 18.85 20.11 -18.40
CA TYR A 239 17.68 20.44 -19.21
C TYR A 239 16.93 19.20 -19.68
N VAL A 240 17.58 18.03 -19.74
CA VAL A 240 16.85 16.81 -20.04
C VAL A 240 15.91 16.45 -18.90
N VAL A 241 16.41 16.45 -17.67
CA VAL A 241 15.55 16.15 -16.51
C VAL A 241 14.44 17.19 -16.41
N LYS A 242 14.78 18.47 -16.62
CA LYS A 242 13.79 19.53 -16.60
C LYS A 242 12.67 19.27 -17.60
N SER A 243 13.03 18.98 -18.84
CA SER A 243 12.04 18.80 -19.90
C SER A 243 11.19 17.56 -19.67
N ILE A 244 11.82 16.46 -19.25
CA ILE A 244 11.07 15.23 -19.04
C ILE A 244 10.05 15.41 -17.91
N ALA A 245 10.45 16.05 -16.82
CA ALA A 245 9.54 16.28 -15.71
C ALA A 245 8.39 17.20 -16.11
N TYR A 246 8.72 18.30 -16.82
CA TYR A 246 7.70 19.25 -17.24
C TYR A 246 6.60 18.58 -18.04
N HIS A 247 6.98 17.70 -18.97
CA HIS A 247 6.01 17.05 -19.83
C HIS A 247 5.23 15.95 -19.12
N LYS A 248 5.47 15.73 -17.83
CA LYS A 248 4.67 14.82 -17.03
C LYS A 248 3.89 15.53 -15.94
N GLY A 249 3.98 16.86 -15.85
CA GLY A 249 3.26 17.59 -14.84
C GLY A 249 4.04 17.90 -13.58
N TYR A 250 5.36 17.73 -13.60
CA TYR A 250 6.20 17.96 -12.42
C TYR A 250 7.30 18.94 -12.77
N TYR A 251 7.93 19.48 -11.73
CA TYR A 251 9.05 20.41 -11.88
C TYR A 251 10.28 19.86 -11.19
N ALA A 252 11.38 19.76 -11.93
CA ALA A 252 12.66 19.39 -11.36
C ALA A 252 13.43 20.66 -11.02
N SER A 253 13.80 20.79 -9.75
CA SER A 253 14.46 21.99 -9.23
C SER A 253 15.90 21.67 -8.85
N PHE A 254 16.83 22.52 -9.29
CA PHE A 254 18.23 22.40 -8.92
C PHE A 254 18.67 23.52 -7.98
N MET A 255 17.72 24.14 -7.29
CA MET A 255 18.06 25.11 -6.26
C MET A 255 18.86 24.43 -5.16
N PRO A 256 19.86 25.10 -4.60
CA PRO A 256 20.55 24.52 -3.43
C PRO A 256 19.62 24.27 -2.26
N LYS A 257 18.87 25.29 -1.84
CA LYS A 257 18.01 25.20 -0.65
C LYS A 257 16.65 25.80 -0.97
N PRO A 258 15.79 25.04 -1.66
CA PRO A 258 14.43 25.55 -1.93
C PRO A 258 13.53 25.58 -0.71
N LEU A 259 13.84 24.80 0.32
CA LEU A 259 12.96 24.66 1.48
C LEU A 259 13.78 24.82 2.76
N PHE A 260 13.32 25.70 3.64
CA PHE A 260 13.94 25.83 4.95
C PHE A 260 13.68 24.59 5.79
N GLY A 261 14.66 24.25 6.62
CA GLY A 261 14.50 23.21 7.61
C GLY A 261 14.72 21.80 7.12
N VAL A 262 15.03 21.60 5.85
CA VAL A 262 15.32 20.28 5.31
C VAL A 262 16.62 20.36 4.51
N ASN A 263 17.12 19.19 4.13
CA ASN A 263 18.40 19.11 3.45
C ASN A 263 18.40 19.94 2.17
N GLY A 264 19.55 20.56 1.88
CA GLY A 264 19.76 21.20 0.61
C GLY A 264 20.22 20.20 -0.45
N SER A 265 20.49 20.73 -1.63
CA SER A 265 20.95 19.91 -2.76
C SER A 265 22.39 20.26 -3.06
N GLY A 266 23.27 19.27 -3.00
CA GLY A 266 24.66 19.44 -3.37
C GLY A 266 24.98 18.73 -4.68
N MET A 267 26.18 19.02 -5.19
CA MET A 267 26.77 18.28 -6.31
C MET A 267 28.13 17.80 -5.82
N HIS A 268 28.14 16.65 -5.15
CA HIS A 268 29.40 16.04 -4.74
C HIS A 268 30.21 15.67 -5.97
N SER A 269 31.51 15.93 -5.92
CA SER A 269 32.40 15.74 -7.06
C SER A 269 33.52 14.79 -6.64
N ASN A 270 33.36 13.52 -6.94
CA ASN A 270 34.44 12.57 -6.79
C ASN A 270 35.41 12.73 -7.96
N GLN A 271 36.69 12.86 -7.65
CA GLN A 271 37.70 13.10 -8.66
C GLN A 271 38.90 12.20 -8.43
N SER A 272 39.64 11.95 -9.51
CA SER A 272 40.84 11.12 -9.45
C SER A 272 41.75 11.49 -10.62
N LEU A 273 43.05 11.30 -10.40
CA LEU A 273 44.06 11.57 -11.41
C LEU A 273 44.68 10.27 -11.91
N PHE A 274 44.97 10.22 -13.21
CA PHE A 274 45.60 9.07 -13.83
C PHE A 274 46.86 9.51 -14.56
N LYS A 275 47.90 8.68 -14.47
CA LYS A 275 49.14 8.86 -15.21
C LYS A 275 49.65 7.50 -15.63
N ASP A 276 49.95 7.35 -16.93
CA ASP A 276 50.39 6.07 -17.48
C ASP A 276 49.37 4.97 -17.21
N GLY A 277 48.09 5.33 -17.24
CA GLY A 277 47.01 4.36 -17.10
C GLY A 277 46.72 3.91 -15.68
N LYS A 278 47.54 4.29 -14.71
CA LYS A 278 47.35 3.87 -13.32
C LYS A 278 46.88 5.03 -12.47
N ASN A 279 46.18 4.70 -11.38
CA ASN A 279 45.60 5.73 -10.52
C ASN A 279 46.68 6.41 -9.71
N VAL A 280 46.79 7.73 -9.84
CA VAL A 280 47.84 8.48 -9.15
C VAL A 280 47.59 8.52 -7.64
N PHE A 281 46.33 8.43 -7.22
CA PHE A 281 45.99 8.55 -5.80
C PHE A 281 46.22 7.27 -5.01
N TYR A 282 46.40 6.14 -5.67
CA TYR A 282 46.50 4.85 -4.99
C TYR A 282 47.96 4.49 -4.70
N ASP A 283 48.19 3.90 -3.54
CA ASP A 283 49.51 3.41 -3.13
C ASP A 283 49.34 2.19 -2.23
N PRO A 284 49.66 0.99 -2.73
CA PRO A 284 49.35 -0.23 -1.95
C PRO A 284 50.08 -0.36 -0.62
N ASP A 285 51.21 0.33 -0.42
CA ASP A 285 52.05 0.08 0.76
C ASP A 285 51.88 1.10 1.88
N THR A 286 51.22 2.21 1.64
CA THR A 286 50.95 3.23 2.64
C THR A 286 49.85 2.76 3.60
N PRO A 287 49.91 3.17 4.89
CA PRO A 287 48.86 2.79 5.86
C PRO A 287 47.44 2.93 5.33
N THR A 288 47.06 4.12 4.88
CA THR A 288 45.72 4.33 4.33
C THR A 288 45.60 3.92 2.87
N LYS A 289 46.69 3.41 2.28
CA LYS A 289 46.73 3.04 0.87
C LYS A 289 46.46 4.24 -0.03
N LEU A 290 46.78 5.43 0.46
CA LEU A 290 46.66 6.67 -0.28
C LEU A 290 48.06 7.19 -0.59
N SER A 291 48.27 7.60 -1.83
CA SER A 291 49.60 8.02 -2.27
C SER A 291 49.94 9.40 -1.73
N GLN A 292 51.21 9.76 -1.87
CA GLN A 292 51.67 11.10 -1.48
C GLN A 292 51.00 12.18 -2.32
N ASP A 293 50.84 11.93 -3.62
CA ASP A 293 50.19 12.90 -4.48
C ASP A 293 48.72 13.11 -4.10
N ALA A 294 48.08 12.07 -3.58
CA ALA A 294 46.71 12.23 -3.08
C ALA A 294 46.67 13.22 -1.93
N MET A 295 47.65 13.13 -1.02
CA MET A 295 47.74 14.08 0.08
C MET A 295 48.00 15.50 -0.44
N TYR A 296 48.91 15.63 -1.39
CA TYR A 296 49.21 16.94 -1.97
C TYR A 296 47.99 17.51 -2.66
N TYR A 297 47.26 16.67 -3.42
CA TYR A 297 46.07 17.12 -4.11
C TYR A 297 45.03 17.69 -3.15
N ILE A 298 44.85 17.03 -2.00
CA ILE A 298 43.94 17.54 -0.98
C ILE A 298 44.44 18.86 -0.43
N GLY A 299 45.76 18.96 -0.19
CA GLY A 299 46.31 20.19 0.35
C GLY A 299 46.02 21.41 -0.53
N GLY A 300 46.20 21.26 -1.84
CA GLY A 300 45.87 22.34 -2.75
C GLY A 300 44.39 22.67 -2.73
N LEU A 301 43.54 21.64 -2.64
CA LEU A 301 42.10 21.88 -2.52
C LEU A 301 41.78 22.65 -1.25
N LEU A 302 42.37 22.24 -0.12
CA LEU A 302 42.10 22.91 1.15
C LEU A 302 42.65 24.34 1.15
N LYS A 303 43.80 24.55 0.51
CA LYS A 303 44.44 25.86 0.53
C LYS A 303 43.64 26.90 -0.24
N HIS A 304 42.92 26.49 -1.29
CA HIS A 304 42.31 27.44 -2.21
C HIS A 304 40.78 27.43 -2.22
N ILE A 305 40.13 26.53 -1.48
CA ILE A 305 38.70 26.35 -1.63
C ILE A 305 37.94 27.64 -1.27
N ARG A 306 38.40 28.36 -0.26
CA ARG A 306 37.73 29.60 0.10
C ARG A 306 37.76 30.61 -1.04
N GLU A 307 38.78 30.56 -1.89
CA GLU A 307 38.94 31.54 -2.96
C GLU A 307 37.99 31.31 -4.12
N PHE A 308 37.43 30.10 -4.28
CA PHE A 308 36.49 29.86 -5.36
C PHE A 308 35.22 29.18 -4.89
N THR A 309 34.85 29.38 -3.62
CA THR A 309 33.52 28.98 -3.18
C THR A 309 32.45 29.73 -3.96
N ALA A 310 32.74 30.97 -4.36
CA ALA A 310 31.81 31.74 -5.18
C ALA A 310 31.51 31.07 -6.51
N VAL A 311 32.37 30.15 -6.96
CA VAL A 311 32.12 29.41 -8.19
C VAL A 311 31.40 28.10 -7.91
N THR A 312 31.80 27.38 -6.87
CA THR A 312 31.12 26.15 -6.52
C THR A 312 29.75 26.40 -5.89
N ASN A 313 29.58 27.58 -5.27
CA ASN A 313 28.33 27.97 -4.63
C ASN A 313 27.98 29.36 -5.12
N PRO A 314 27.37 29.46 -6.30
CA PRO A 314 27.37 30.74 -7.03
C PRO A 314 26.22 31.69 -6.73
N VAL A 315 25.13 31.21 -6.14
CA VAL A 315 23.95 32.04 -5.96
C VAL A 315 23.77 32.37 -4.48
N VAL A 316 22.92 33.37 -4.21
CA VAL A 316 22.63 33.77 -2.84
C VAL A 316 22.07 32.60 -2.05
N ASN A 317 21.14 31.86 -2.66
CA ASN A 317 20.51 30.72 -2.00
C ASN A 317 21.50 29.61 -1.67
N SER A 318 22.68 29.60 -2.31
CA SER A 318 23.66 28.55 -2.03
C SER A 318 24.06 28.53 -0.56
N TYR A 319 24.12 29.69 0.07
CA TYR A 319 24.61 29.81 1.43
C TYR A 319 23.51 29.66 2.47
N LYS A 320 22.27 29.43 2.02
CA LYS A 320 21.25 28.87 2.90
C LYS A 320 21.42 27.36 3.03
N ARG A 321 22.10 26.72 2.09
CA ARG A 321 22.48 25.32 2.26
C ARG A 321 23.72 25.20 3.15
N LEU A 322 24.65 26.14 3.01
CA LEU A 322 25.89 26.13 3.79
C LEU A 322 25.66 26.75 5.18
N VAL A 323 24.78 26.12 5.92
CA VAL A 323 24.53 26.47 7.32
C VAL A 323 24.72 25.20 8.15
N PRO A 324 25.16 25.31 9.40
CA PRO A 324 25.41 24.09 10.19
C PRO A 324 24.13 23.33 10.50
N GLY A 325 24.28 22.02 10.66
CA GLY A 325 23.18 21.16 11.05
C GLY A 325 22.60 20.26 9.99
N TYR A 326 23.21 20.20 8.79
CA TYR A 326 22.71 19.34 7.73
C TYR A 326 23.91 18.64 7.08
N GLU A 327 23.66 17.98 5.95
CA GLU A 327 24.72 17.25 5.28
C GLU A 327 25.76 18.17 4.64
N ALA A 328 25.44 19.44 4.44
CA ALA A 328 26.36 20.34 3.76
C ALA A 328 27.53 20.70 4.68
N PRO A 329 28.75 20.75 4.15
CA PRO A 329 29.91 21.11 4.99
C PRO A 329 30.14 22.61 5.02
N VAL A 330 30.46 23.11 6.21
CA VAL A 330 30.75 24.52 6.41
C VAL A 330 32.13 24.75 6.98
N TYR A 331 32.90 23.70 7.24
CA TYR A 331 34.23 23.81 7.84
C TYR A 331 35.24 23.16 6.90
N ILE A 332 36.36 23.84 6.69
CA ILE A 332 37.38 23.38 5.75
C ILE A 332 38.21 22.31 6.45
N SER A 333 38.00 21.05 6.05
CA SER A 333 38.71 19.93 6.65
C SER A 333 38.58 18.72 5.74
N TRP A 334 39.38 17.71 6.04
CA TRP A 334 39.33 16.44 5.31
C TRP A 334 39.42 15.29 6.31
N SER A 335 38.87 14.15 5.91
CA SER A 335 38.91 12.95 6.74
C SER A 335 38.55 11.74 5.86
N ALA A 336 38.94 10.56 6.33
CA ALA A 336 38.57 9.31 5.69
C ALA A 336 37.42 8.62 6.40
N GLN A 337 36.93 9.16 7.51
CA GLN A 337 35.89 8.54 8.33
C GLN A 337 34.64 9.39 8.42
N ASN A 338 34.75 10.65 8.81
CA ASN A 338 33.59 11.53 8.93
C ASN A 338 33.07 11.91 7.56
N ARG A 339 31.73 11.91 7.43
CA ARG A 339 31.08 12.40 6.21
C ARG A 339 31.12 13.92 6.12
N SER A 340 30.81 14.59 7.22
CA SER A 340 30.53 16.02 7.26
C SER A 340 31.76 16.87 7.03
N SER A 341 32.89 16.29 6.67
CA SER A 341 34.06 17.07 6.29
C SER A 341 33.91 17.59 4.87
N LEU A 342 34.62 18.68 4.58
CA LEU A 342 34.56 19.28 3.25
C LEU A 342 35.09 18.33 2.19
N ILE A 343 36.18 17.63 2.48
CA ILE A 343 36.74 16.60 1.60
C ILE A 343 36.68 15.28 2.34
N ARG A 344 36.21 14.25 1.66
CA ARG A 344 36.11 12.91 2.23
C ARG A 344 36.76 11.93 1.27
N ILE A 345 37.44 10.92 1.83
CA ILE A 345 38.03 9.84 1.05
C ILE A 345 37.10 8.63 1.16
N PRO A 346 36.45 8.21 0.07
CA PRO A 346 35.70 6.95 0.10
C PRO A 346 36.63 5.77 0.36
N ALA A 347 36.04 4.70 0.89
CA ALA A 347 36.82 3.52 1.25
C ALA A 347 37.41 2.82 0.03
N THR A 348 36.88 3.06 -1.17
CA THR A 348 37.34 2.35 -2.36
C THR A 348 38.82 2.63 -2.62
N ARG A 349 39.54 1.59 -3.03
CA ARG A 349 40.96 1.73 -3.32
C ARG A 349 41.30 1.20 -4.71
N GLY A 350 42.60 1.14 -5.03
CA GLY A 350 43.00 0.64 -6.33
C GLY A 350 42.66 1.62 -7.44
N ASN A 351 42.23 1.08 -8.58
CA ASN A 351 41.89 1.91 -9.73
C ASN A 351 40.73 2.86 -9.44
N GLY A 352 39.91 2.57 -8.43
CA GLY A 352 38.80 3.41 -8.06
C GLY A 352 39.09 4.39 -6.95
N THR A 353 40.35 4.57 -6.56
CA THR A 353 40.68 5.53 -5.51
C THR A 353 40.31 6.93 -5.94
N ARG A 354 39.56 7.63 -5.09
CA ARG A 354 39.03 8.93 -5.46
C ARG A 354 38.89 9.78 -4.19
N ILE A 355 38.80 11.09 -4.39
CA ILE A 355 38.49 12.03 -3.33
C ILE A 355 37.23 12.78 -3.73
N GLU A 356 36.45 13.18 -2.72
CA GLU A 356 35.12 13.74 -2.94
C GLU A 356 35.05 15.12 -2.29
N LEU A 357 34.76 16.14 -3.10
CA LEU A 357 34.54 17.49 -2.62
C LEU A 357 33.04 17.72 -2.51
N ARG A 358 32.57 18.03 -1.30
CA ARG A 358 31.14 17.98 -1.00
C ARG A 358 30.47 19.35 -0.92
N CYS A 359 31.22 20.44 -1.07
CA CYS A 359 30.61 21.76 -0.97
C CYS A 359 29.78 22.21 -2.19
N PRO A 360 30.13 21.86 -3.43
CA PRO A 360 29.39 22.44 -4.56
C PRO A 360 27.93 22.03 -4.55
N ASP A 361 27.10 22.90 -5.14
CA ASP A 361 25.69 22.66 -5.38
C ASP A 361 25.41 22.67 -6.88
N PRO A 362 24.29 22.08 -7.32
CA PRO A 362 24.09 21.90 -8.76
C PRO A 362 23.81 23.19 -9.52
N ALA A 363 23.90 24.33 -8.84
CA ALA A 363 23.79 25.61 -9.53
C ALA A 363 25.11 26.08 -10.12
N CYS A 364 26.22 25.45 -9.75
CA CYS A 364 27.53 25.90 -10.20
C CYS A 364 27.75 25.60 -11.67
N ASN A 365 28.60 26.38 -12.30
CA ASN A 365 29.04 26.07 -13.65
C ASN A 365 30.00 24.89 -13.58
N PRO A 366 29.66 23.74 -14.15
CA PRO A 366 30.55 22.57 -14.02
C PRO A 366 31.91 22.77 -14.66
N TYR A 367 31.98 23.52 -15.76
CA TYR A 367 33.27 23.77 -16.40
C TYR A 367 34.19 24.55 -15.48
N LEU A 368 33.67 25.64 -14.90
CA LEU A 368 34.51 26.46 -14.02
C LEU A 368 34.82 25.74 -12.71
N ALA A 369 33.85 25.01 -12.16
CA ALA A 369 34.07 24.32 -10.89
C ALA A 369 35.09 23.19 -11.04
N PHE A 370 34.95 22.37 -12.07
CA PHE A 370 35.88 21.25 -12.26
C PHE A 370 37.27 21.77 -12.62
N ALA A 371 37.34 22.84 -13.41
CA ALA A 371 38.65 23.39 -13.77
C ALA A 371 39.39 23.89 -12.55
N LEU A 372 38.69 24.61 -11.66
CA LEU A 372 39.35 25.13 -10.46
C LEU A 372 39.71 24.03 -9.48
N MET A 373 38.89 22.97 -9.39
CA MET A 373 39.25 21.82 -8.58
C MET A 373 40.52 21.19 -9.10
N LEU A 374 40.63 21.03 -10.43
CA LEU A 374 41.82 20.43 -11.01
C LEU A 374 43.04 21.32 -10.79
N ARG A 375 42.89 22.63 -11.02
CA ARG A 375 44.02 23.54 -10.83
C ARG A 375 44.48 23.58 -9.38
N ALA A 376 43.53 23.63 -8.44
CA ALA A 376 43.88 23.65 -7.03
C ALA A 376 44.58 22.37 -6.62
N GLY A 377 44.07 21.22 -7.07
CA GLY A 377 44.75 19.96 -6.78
C GLY A 377 46.11 19.88 -7.44
N LEU A 378 46.22 20.38 -8.67
CA LEU A 378 47.50 20.39 -9.35
C LEU A 378 48.51 21.28 -8.64
N GLU A 379 48.06 22.44 -8.16
CA GLU A 379 48.95 23.32 -7.42
C GLU A 379 49.41 22.67 -6.11
N GLY A 380 48.58 21.81 -5.54
CA GLY A 380 49.01 21.05 -4.37
C GLY A 380 50.15 20.10 -4.69
N ILE A 381 50.07 19.40 -5.82
CA ILE A 381 51.13 18.48 -6.21
C ILE A 381 52.38 19.25 -6.63
N LYS A 382 52.22 20.37 -7.33
CA LYS A 382 53.37 21.17 -7.75
C LYS A 382 54.13 21.70 -6.55
N ASN A 383 53.43 22.23 -5.56
CA ASN A 383 54.03 22.91 -4.43
C ASN A 383 54.13 22.03 -3.20
N LYS A 384 53.80 20.74 -3.33
CA LYS A 384 53.92 19.77 -2.24
C LYS A 384 53.18 20.27 -0.99
N ILE A 385 51.95 20.71 -1.19
CA ILE A 385 51.18 21.35 -0.12
C ILE A 385 50.65 20.27 0.82
N ASP A 386 51.13 20.28 2.07
CA ASP A 386 50.64 19.34 3.06
C ASP A 386 49.21 19.68 3.46
N PRO A 387 48.32 18.69 3.54
CA PRO A 387 46.94 18.95 3.93
C PRO A 387 46.69 18.99 5.43
N GLY A 388 47.70 18.72 6.25
CA GLY A 388 47.50 18.61 7.67
C GLY A 388 46.94 17.26 8.07
N GLU A 389 46.69 17.10 9.37
CA GLU A 389 46.13 15.85 9.91
C GLU A 389 44.62 15.86 9.63
N PRO A 390 43.99 14.71 9.40
CA PRO A 390 42.56 14.67 9.14
C PRO A 390 41.77 14.96 10.42
N THR A 391 40.59 15.54 10.26
CA THR A 391 39.71 15.85 11.41
C THR A 391 38.68 14.73 11.46
N ASN A 392 38.86 13.78 12.38
CA ASN A 392 37.96 12.61 12.49
C ASN A 392 36.85 12.88 13.50
N VAL A 393 36.82 14.07 14.08
CA VAL A 393 35.77 14.41 15.03
C VAL A 393 34.70 15.20 14.29
N ASN A 394 33.44 15.01 14.67
CA ASN A 394 32.37 15.85 14.14
C ASN A 394 32.62 17.29 14.54
N ILE A 395 33.05 18.11 13.59
CA ILE A 395 33.48 19.48 13.89
C ILE A 395 32.31 20.30 14.42
N PHE A 396 31.09 19.98 13.99
CA PHE A 396 29.91 20.70 14.45
C PHE A 396 29.77 20.63 15.97
N HIS A 397 30.26 19.56 16.59
CA HIS A 397 30.19 19.37 18.03
C HIS A 397 31.27 20.12 18.80
N LEU A 398 31.97 21.07 18.16
CA LEU A 398 33.10 21.75 18.76
C LEU A 398 32.78 23.21 19.01
N SER A 399 33.44 23.78 20.02
CA SER A 399 33.34 25.20 20.30
C SER A 399 34.23 25.98 19.31
N ASP A 400 34.01 27.29 19.26
CA ASP A 400 34.79 28.14 18.37
C ASP A 400 36.26 28.13 18.76
N LYS A 401 36.55 28.13 20.06
CA LYS A 401 37.94 28.13 20.51
C LYS A 401 38.62 26.79 20.24
N GLU A 402 37.87 25.68 20.29
CA GLU A 402 38.44 24.39 19.94
C GLU A 402 38.90 24.38 18.49
N ARG A 403 38.04 24.80 17.56
CA ARG A 403 38.41 24.87 16.16
C ARG A 403 39.54 25.86 15.93
N GLU A 404 39.63 26.91 16.75
CA GLU A 404 40.69 27.89 16.60
C GLU A 404 42.07 27.27 16.80
N GLU A 405 42.21 26.43 17.83
CA GLU A 405 43.50 25.79 18.09
C GLU A 405 43.91 24.86 16.96
N ARG A 406 42.95 24.07 16.46
CA ARG A 406 43.23 23.07 15.43
C ARG A 406 43.31 23.67 14.03
N GLY A 407 43.26 25.00 13.91
CA GLY A 407 43.38 25.65 12.61
C GLY A 407 42.28 25.29 11.65
N ILE A 408 41.05 25.16 12.13
CA ILE A 408 39.91 24.78 11.32
C ILE A 408 39.19 26.05 10.90
N ARG A 409 39.31 26.42 9.64
CA ARG A 409 38.60 27.58 9.10
C ARG A 409 37.26 27.13 8.52
N SER A 410 36.41 28.11 8.22
CA SER A 410 35.08 27.84 7.70
C SER A 410 34.94 28.43 6.30
N LEU A 411 33.94 27.93 5.58
CA LEU A 411 33.60 28.47 4.28
C LEU A 411 32.98 29.86 4.43
N PRO A 412 32.99 30.67 3.38
CA PRO A 412 32.29 31.96 3.44
C PRO A 412 30.82 31.77 3.77
N ALA A 413 30.30 32.64 4.64
CA ALA A 413 28.96 32.49 5.17
C ALA A 413 27.88 33.09 4.29
N ASP A 414 28.24 33.87 3.27
CA ASP A 414 27.26 34.38 2.31
C ASP A 414 27.98 34.66 0.99
N LEU A 415 27.18 35.00 -0.02
CA LEU A 415 27.74 35.22 -1.35
C LEU A 415 28.71 36.42 -1.35
N LYS A 416 28.39 37.47 -0.59
CA LYS A 416 29.24 38.65 -0.58
C LYS A 416 30.63 38.32 -0.03
N GLU A 417 30.70 37.52 1.04
CA GLU A 417 31.99 37.12 1.56
C GLU A 417 32.76 36.28 0.55
N ALA A 418 32.07 35.38 -0.14
CA ALA A 418 32.73 34.57 -1.17
C ALA A 418 33.24 35.44 -2.31
N ILE A 419 32.48 36.48 -2.67
CA ILE A 419 32.93 37.39 -3.73
C ILE A 419 34.23 38.07 -3.32
N ASP A 420 34.29 38.56 -2.08
CA ASP A 420 35.47 39.29 -1.64
C ASP A 420 36.71 38.40 -1.60
N GLU A 421 36.53 37.14 -1.20
CA GLU A 421 37.68 36.20 -1.17
C GLU A 421 38.15 35.92 -2.59
N MET A 422 37.23 35.84 -3.55
CA MET A 422 37.60 35.57 -4.95
C MET A 422 38.17 36.84 -5.59
N LYS A 423 37.67 38.01 -5.22
CA LYS A 423 38.13 39.30 -5.78
C LYS A 423 39.64 39.43 -5.63
N GLY A 424 40.18 39.12 -4.46
CA GLY A 424 41.62 39.24 -4.25
C GLY A 424 42.34 37.91 -4.29
N SER A 425 42.14 37.12 -5.34
CA SER A 425 42.82 35.82 -5.40
C SER A 425 43.59 35.68 -6.71
N LYS A 426 44.91 35.69 -6.63
CA LYS A 426 45.73 35.51 -7.82
C LYS A 426 45.50 34.15 -8.46
N PHE A 427 45.24 33.13 -7.65
CA PHE A 427 45.04 31.78 -8.18
C PHE A 427 43.80 31.71 -9.07
N VAL A 428 42.68 32.27 -8.59
CA VAL A 428 41.44 32.17 -9.34
C VAL A 428 41.51 33.02 -10.62
N LYS A 429 42.13 34.21 -10.53
CA LYS A 429 42.21 35.08 -11.69
C LYS A 429 43.02 34.44 -12.82
N GLU A 430 44.12 33.78 -12.48
CA GLU A 430 44.95 33.16 -13.51
C GLU A 430 44.28 31.93 -14.10
N ALA A 431 43.55 31.18 -13.28
CA ALA A 431 42.96 29.93 -13.77
C ALA A 431 41.74 30.19 -14.65
N LEU A 432 40.98 31.25 -14.38
CA LEU A 432 39.84 31.59 -15.22
C LEU A 432 40.19 32.53 -16.37
N GLY A 433 41.26 33.31 -16.23
CA GLY A 433 41.51 34.37 -17.18
C GLY A 433 40.84 35.67 -16.76
N GLU A 434 41.49 36.78 -17.10
CA GLU A 434 41.03 38.09 -16.63
C GLU A 434 39.66 38.49 -17.15
N HIS A 435 39.16 37.83 -18.20
CA HIS A 435 37.87 38.18 -18.78
C HIS A 435 36.73 37.42 -18.09
N VAL A 436 36.86 36.11 -17.96
CA VAL A 436 35.89 35.34 -17.19
C VAL A 436 35.87 35.82 -15.74
N PHE A 437 37.06 36.04 -15.17
CA PHE A 437 37.17 36.46 -13.78
C PHE A 437 36.41 37.77 -13.53
N SER A 438 36.64 38.77 -14.38
CA SER A 438 35.98 40.06 -14.20
C SER A 438 34.46 39.95 -14.40
N HIS A 439 34.03 39.27 -15.46
CA HIS A 439 32.61 39.21 -15.76
C HIS A 439 31.85 38.41 -14.70
N TYR A 440 32.44 37.31 -14.23
CA TYR A 440 31.78 36.52 -13.19
C TYR A 440 31.58 37.33 -11.91
N LEU A 441 32.63 38.05 -11.50
CA LEU A 441 32.55 38.83 -10.26
C LEU A 441 31.56 39.99 -10.39
N CYS A 442 31.56 40.67 -11.54
CA CYS A 442 30.67 41.80 -11.73
C CYS A 442 29.21 41.37 -11.67
N ALA A 443 28.87 40.23 -12.28
CA ALA A 443 27.50 39.75 -12.22
C ALA A 443 27.11 39.34 -10.81
N LYS A 444 28.00 38.67 -10.09
CA LYS A 444 27.67 38.23 -8.73
C LYS A 444 27.53 39.42 -7.79
N GLU A 445 28.32 40.46 -8.00
CA GLU A 445 28.17 41.67 -7.19
C GLU A 445 26.83 42.35 -7.42
N MET A 446 26.42 42.45 -8.69
CA MET A 446 25.09 42.98 -8.99
C MET A 446 24.02 42.12 -8.35
N GLU A 447 24.24 40.80 -8.33
CA GLU A 447 23.31 39.91 -7.67
C GLU A 447 23.16 40.28 -6.20
N TRP A 448 24.28 40.41 -5.48
CA TRP A 448 24.21 40.67 -4.05
C TRP A 448 23.63 42.05 -3.75
N ASP A 449 23.98 43.05 -4.56
CA ASP A 449 23.48 44.39 -4.33
C ASP A 449 21.96 44.45 -4.50
N GLU A 450 21.40 43.56 -5.31
CA GLU A 450 19.94 43.48 -5.39
C GLU A 450 19.36 42.78 -4.17
N TYR A 451 19.95 41.66 -3.76
CA TYR A 451 19.42 40.90 -2.63
C TYR A 451 19.55 41.66 -1.32
N LYS A 452 20.66 42.35 -1.12
CA LYS A 452 20.93 42.99 0.17
C LYS A 452 19.93 44.09 0.50
N ALA A 453 19.25 44.65 -0.48
CA ALA A 453 18.31 45.73 -0.24
C ALA A 453 16.87 45.26 -0.08
N VAL A 454 16.60 43.96 -0.30
CA VAL A 454 15.24 43.47 -0.24
C VAL A 454 14.77 43.38 1.22
N VAL A 455 13.56 43.83 1.47
CA VAL A 455 12.93 43.68 2.78
C VAL A 455 12.08 42.41 2.76
N HIS A 456 12.46 41.45 3.57
CA HIS A 456 11.82 40.16 3.42
C HIS A 456 10.65 40.01 4.39
N PRO A 457 9.66 39.20 4.03
CA PRO A 457 8.52 38.97 4.94
C PRO A 457 8.91 38.49 6.32
N TRP A 458 10.02 37.74 6.43
CA TRP A 458 10.50 37.35 7.75
C TRP A 458 10.77 38.56 8.63
N GLU A 459 11.34 39.62 8.04
CA GLU A 459 11.56 40.84 8.79
C GLU A 459 10.24 41.46 9.25
N LEU A 460 9.22 41.42 8.38
CA LEU A 460 7.91 41.93 8.75
C LEU A 460 7.29 41.11 9.87
N SER A 461 7.41 39.79 9.81
CA SER A 461 6.84 38.94 10.86
C SER A 461 7.51 39.17 12.20
N ARG A 462 8.78 39.58 12.18
CA ARG A 462 9.55 39.68 13.40
C ARG A 462 9.51 41.07 14.01
N TYR A 463 9.47 42.12 13.19
CA TYR A 463 9.69 43.48 13.66
C TYR A 463 8.49 44.39 13.57
N LEU A 464 7.48 44.06 12.75
CA LEU A 464 6.37 44.98 12.55
C LEU A 464 5.63 45.24 13.86
N SER A 465 5.29 44.18 14.59
CA SER A 465 4.60 44.35 15.87
C SER A 465 5.54 44.71 17.01
N MET A 466 6.83 44.35 16.91
CA MET A 466 7.76 44.58 18.00
C MET A 466 8.18 46.03 18.11
N LEU A 467 8.48 46.68 16.99
CA LEU A 467 9.20 47.95 17.00
C LEU A 467 8.29 49.18 16.98
N MET B 24 6.47 -16.77 -14.13
CA MET B 24 7.48 -16.84 -13.08
C MET B 24 8.57 -17.85 -13.41
N LYS B 25 9.57 -17.91 -12.54
CA LYS B 25 10.69 -18.83 -12.65
C LYS B 25 11.52 -18.69 -11.38
N LYS B 26 12.37 -19.68 -11.14
CA LYS B 26 13.26 -19.69 -9.98
C LYS B 26 14.69 -19.52 -10.46
N CYS B 27 15.34 -18.44 -10.04
CA CYS B 27 16.71 -18.14 -10.43
C CYS B 27 17.66 -18.63 -9.36
N THR B 28 18.78 -19.21 -9.77
CA THR B 28 19.77 -19.70 -8.83
C THR B 28 21.14 -19.08 -9.04
N THR B 29 21.60 -18.94 -10.28
CA THR B 29 22.90 -18.37 -10.57
C THR B 29 22.75 -16.96 -11.09
N LYS B 30 23.86 -16.26 -11.18
CA LYS B 30 23.82 -14.91 -11.76
C LYS B 30 23.54 -15.07 -13.25
N GLU B 31 24.02 -16.14 -13.86
CA GLU B 31 23.73 -16.37 -15.25
C GLU B 31 22.24 -16.56 -15.49
N ASP B 32 21.52 -17.14 -14.52
CA ASP B 32 20.08 -17.25 -14.62
C ASP B 32 19.43 -15.87 -14.71
N VAL B 33 19.81 -14.98 -13.80
CA VAL B 33 19.22 -13.64 -13.76
C VAL B 33 19.56 -12.87 -15.02
N LEU B 34 20.83 -12.93 -15.45
CA LEU B 34 21.25 -12.16 -16.61
C LEU B 34 20.49 -12.59 -17.87
N GLU B 35 20.28 -13.90 -18.02
CA GLU B 35 19.44 -14.38 -19.13
C GLU B 35 18.04 -13.79 -19.05
N ALA B 36 17.40 -13.91 -17.89
CA ALA B 36 16.02 -13.44 -17.74
C ALA B 36 15.90 -11.94 -17.98
N VAL B 37 16.96 -11.17 -17.69
CA VAL B 37 16.93 -9.75 -17.96
C VAL B 37 16.78 -9.48 -19.46
N LYS B 38 17.52 -10.23 -20.28
CA LYS B 38 17.47 -10.03 -21.72
C LYS B 38 16.13 -10.48 -22.31
N GLU B 39 15.69 -11.69 -21.96
CA GLU B 39 14.50 -12.25 -22.62
C GLU B 39 13.22 -11.58 -22.16
N ARG B 40 13.21 -10.94 -21.00
CA ARG B 40 12.02 -10.27 -20.48
C ARG B 40 12.15 -8.75 -20.54
N ASP B 41 13.22 -8.24 -21.15
CA ASP B 41 13.41 -6.80 -21.38
C ASP B 41 13.34 -6.02 -20.08
N VAL B 42 14.02 -6.52 -19.05
CA VAL B 42 14.12 -5.80 -17.78
C VAL B 42 15.13 -4.68 -17.95
N LYS B 43 14.72 -3.45 -17.67
CA LYS B 43 15.58 -2.29 -17.90
C LYS B 43 16.21 -1.74 -16.63
N PHE B 44 15.52 -1.82 -15.49
CA PHE B 44 16.06 -1.34 -14.23
C PHE B 44 15.88 -2.41 -13.17
N ILE B 45 16.91 -2.57 -12.34
CA ILE B 45 16.86 -3.46 -11.19
C ILE B 45 16.83 -2.58 -9.94
N ARG B 46 15.92 -2.90 -9.02
CA ARG B 46 15.80 -2.18 -7.76
C ARG B 46 16.34 -3.07 -6.65
N THR B 47 17.34 -2.58 -5.94
CA THR B 47 17.75 -3.26 -4.72
C THR B 47 16.65 -3.12 -3.68
N GLN B 48 16.67 -4.02 -2.70
CA GLN B 48 15.67 -3.97 -1.64
C GLN B 48 16.31 -4.32 -0.31
N PHE B 49 16.14 -3.43 0.66
CA PHE B 49 16.58 -3.67 2.03
C PHE B 49 15.76 -2.77 2.95
N THR B 50 16.05 -2.85 4.24
CA THR B 50 15.34 -2.06 5.24
C THR B 50 16.33 -1.39 6.16
N ASP B 51 15.93 -0.25 6.71
CA ASP B 51 16.72 0.38 7.77
C ASP B 51 16.39 -0.28 9.11
N THR B 52 17.02 0.21 10.17
CA THR B 52 16.84 -0.40 11.49
C THR B 52 15.38 -0.39 11.92
N LEU B 53 14.63 0.63 11.52
CA LEU B 53 13.24 0.80 11.97
C LEU B 53 12.23 0.12 11.07
N GLY B 54 12.65 -0.51 9.99
CA GLY B 54 11.75 -1.21 9.09
C GLY B 54 11.33 -0.44 7.86
N ILE B 55 11.78 0.80 7.70
CA ILE B 55 11.46 1.57 6.50
C ILE B 55 12.13 0.92 5.30
N ILE B 56 11.37 0.73 4.23
CA ILE B 56 11.85 0.01 3.05
C ILE B 56 12.78 0.92 2.25
N LYS B 57 13.99 0.43 1.97
CA LYS B 57 15.02 1.20 1.29
C LYS B 57 15.37 0.53 -0.04
N SER B 58 15.75 1.36 -1.01
CA SER B 58 15.98 0.88 -2.37
C SER B 58 16.80 1.91 -3.14
N TRP B 59 17.46 1.45 -4.19
CA TRP B 59 17.98 2.33 -5.21
C TRP B 59 18.02 1.58 -6.54
N ALA B 60 17.99 2.35 -7.62
CA ALA B 60 17.84 1.81 -8.96
C ALA B 60 19.19 1.55 -9.61
N ILE B 61 19.31 0.40 -10.27
CA ILE B 61 20.47 0.03 -11.05
C ILE B 61 20.02 -0.21 -12.49
N PRO B 62 20.63 0.42 -13.49
CA PRO B 62 20.33 0.05 -14.87
C PRO B 62 20.74 -1.39 -15.15
N ALA B 63 19.94 -2.06 -15.99
CA ALA B 63 20.18 -3.47 -16.27
C ALA B 63 21.53 -3.70 -16.94
N GLU B 64 22.03 -2.71 -17.68
CA GLU B 64 23.36 -2.84 -18.28
C GLU B 64 24.45 -2.95 -17.22
N GLN B 65 24.26 -2.31 -16.07
CA GLN B 65 25.19 -2.35 -14.96
C GLN B 65 25.14 -3.66 -14.18
N LEU B 66 24.13 -4.50 -14.44
CA LEU B 66 23.85 -5.62 -13.54
C LEU B 66 24.96 -6.66 -13.55
N GLU B 67 25.52 -6.94 -14.73
CA GLU B 67 26.57 -7.98 -14.83
C GLU B 67 27.80 -7.60 -14.01
N GLU B 68 28.17 -6.32 -13.98
CA GLU B 68 29.34 -5.91 -13.19
C GLU B 68 28.98 -5.92 -11.71
N ALA B 69 27.71 -5.69 -11.39
CA ALA B 69 27.22 -5.69 -10.00
C ALA B 69 27.36 -7.08 -9.40
N PHE B 70 27.12 -8.12 -10.20
CA PHE B 70 27.24 -9.50 -9.69
C PHE B 70 28.71 -9.85 -9.47
N GLU B 71 29.60 -9.26 -10.26
CA GLU B 71 31.04 -9.55 -10.19
C GLU B 71 31.69 -8.85 -9.01
N ASN B 72 31.43 -7.56 -8.81
CA ASN B 72 32.18 -6.85 -7.77
C ASN B 72 31.31 -6.30 -6.64
N GLY B 73 30.00 -6.44 -6.70
CA GLY B 73 29.14 -5.81 -5.72
C GLY B 73 28.88 -4.36 -6.05
N VAL B 74 28.10 -3.70 -5.19
CA VAL B 74 27.69 -2.32 -5.40
C VAL B 74 28.01 -1.52 -4.14
N MET B 75 28.87 -0.50 -4.29
CA MET B 75 29.10 0.44 -3.21
C MET B 75 27.87 1.32 -2.99
N PHE B 76 27.51 1.54 -1.72
CA PHE B 76 26.40 2.42 -1.40
C PHE B 76 26.61 2.95 0.01
N ASP B 77 25.89 4.03 0.33
CA ASP B 77 25.98 4.68 1.64
C ASP B 77 25.22 3.82 2.64
N GLY B 78 25.95 3.06 3.44
CA GLY B 78 25.34 2.16 4.41
C GLY B 78 24.72 2.86 5.60
N SER B 79 24.98 4.16 5.78
CA SER B 79 24.31 4.90 6.83
C SER B 79 22.80 5.00 6.58
N SER B 80 22.37 4.72 5.35
CA SER B 80 20.94 4.62 5.04
C SER B 80 20.24 3.55 5.87
N ILE B 81 20.99 2.55 6.35
CA ILE B 81 20.41 1.51 7.19
C ILE B 81 20.17 1.99 8.63
N GLN B 82 20.93 3.00 9.08
CA GLN B 82 20.82 3.45 10.46
C GLN B 82 19.44 4.04 10.78
N GLY B 83 18.70 4.51 9.79
CA GLY B 83 17.45 5.18 10.05
C GLY B 83 17.61 6.69 10.03
N PHE B 84 16.77 7.44 10.73
CA PHE B 84 16.96 8.88 10.80
C PHE B 84 17.95 9.29 11.89
N THR B 85 18.64 8.32 12.51
CA THR B 85 19.68 8.60 13.48
C THR B 85 21.08 8.44 12.88
N ARG B 86 21.22 8.55 11.56
CA ARG B 86 22.52 8.44 10.93
C ARG B 86 23.31 9.72 11.17
N ILE B 87 24.53 9.56 11.68
CA ILE B 87 25.40 10.69 12.01
C ILE B 87 26.38 11.00 10.90
N GLU B 88 27.04 9.96 10.35
CA GLU B 88 28.03 10.13 9.31
C GLU B 88 27.83 9.05 8.24
N GLU B 89 28.41 9.31 7.07
CA GLU B 89 28.39 8.34 5.98
C GLU B 89 29.19 7.10 6.36
N SER B 90 28.93 6.02 5.63
CA SER B 90 29.67 4.78 5.85
C SER B 90 29.62 3.98 4.55
N ASP B 91 30.76 3.89 3.86
CA ASP B 91 30.83 3.11 2.64
C ASP B 91 30.59 1.65 2.93
N MET B 92 29.67 1.03 2.18
CA MET B 92 29.34 -0.37 2.35
C MET B 92 29.08 -1.00 0.99
N LYS B 93 29.22 -2.32 0.95
CA LYS B 93 29.08 -3.10 -0.27
C LYS B 93 27.84 -3.98 -0.18
N LEU B 94 27.05 -4.00 -1.26
CA LEU B 94 25.91 -4.90 -1.38
C LEU B 94 26.25 -5.99 -2.38
N ALA B 95 26.35 -7.23 -1.90
CA ALA B 95 26.57 -8.38 -2.75
C ALA B 95 25.21 -8.94 -3.14
N LEU B 96 24.85 -8.81 -4.43
CA LEU B 96 23.53 -9.20 -4.88
C LEU B 96 23.32 -10.71 -4.78
N ASP B 97 22.11 -11.11 -4.38
CA ASP B 97 21.76 -12.51 -4.25
C ASP B 97 20.89 -12.89 -5.44
N PRO B 98 21.39 -13.67 -6.39
CA PRO B 98 20.60 -13.95 -7.60
C PRO B 98 19.28 -14.66 -7.34
N SER B 99 19.20 -15.49 -6.29
CA SER B 99 17.97 -16.22 -6.03
C SER B 99 16.83 -15.32 -5.55
N THR B 100 17.13 -14.08 -5.16
CA THR B 100 16.10 -13.14 -4.72
C THR B 100 15.56 -12.28 -5.85
N PHE B 101 16.04 -12.48 -7.08
CA PHE B 101 15.61 -11.68 -8.22
C PHE B 101 14.15 -11.99 -8.55
N ARG B 102 13.31 -10.96 -8.55
CA ARG B 102 11.88 -11.12 -8.83
C ARG B 102 11.39 -9.92 -9.61
N ILE B 103 10.60 -10.18 -10.65
CA ILE B 103 10.10 -9.13 -11.52
C ILE B 103 8.86 -8.50 -10.90
N LEU B 104 8.82 -7.17 -10.85
CA LEU B 104 7.71 -6.47 -10.24
C LEU B 104 6.44 -6.59 -11.09
N PRO B 105 5.26 -6.54 -10.48
CA PRO B 105 4.02 -6.85 -11.20
C PRO B 105 3.42 -5.70 -11.99
N TRP B 106 4.14 -4.61 -12.22
CA TRP B 106 3.70 -3.60 -13.16
C TRP B 106 4.60 -3.59 -14.38
N ARG B 107 4.03 -3.18 -15.52
CA ARG B 107 4.72 -3.24 -16.81
C ARG B 107 4.75 -1.85 -17.43
N PRO B 108 5.77 -1.06 -17.13
CA PRO B 108 5.91 0.24 -17.79
C PRO B 108 6.16 0.06 -19.28
N ALA B 109 5.75 1.06 -20.06
CA ALA B 109 6.00 1.01 -21.49
C ALA B 109 7.49 0.97 -21.80
N THR B 110 8.32 1.59 -20.96
CA THR B 110 9.75 1.61 -21.19
C THR B 110 10.36 0.21 -21.10
N GLY B 111 9.98 -0.54 -20.08
CA GLY B 111 10.52 -1.88 -19.90
C GLY B 111 10.13 -2.44 -18.55
N ALA B 112 10.41 -3.73 -18.39
CA ALA B 112 10.08 -4.42 -17.15
C ALA B 112 11.01 -3.99 -16.03
N VAL B 113 10.54 -4.16 -14.79
CA VAL B 113 11.28 -3.78 -13.60
C VAL B 113 11.34 -4.98 -12.66
N ALA B 114 12.48 -5.16 -12.01
CA ALA B 114 12.66 -6.27 -11.07
C ALA B 114 13.34 -5.76 -9.81
N ARG B 115 13.15 -6.50 -8.72
CA ARG B 115 13.86 -6.24 -7.48
C ARG B 115 14.86 -7.35 -7.20
N ILE B 116 15.84 -7.03 -6.36
CA ILE B 116 16.83 -8.01 -5.92
C ILE B 116 17.30 -7.62 -4.53
N LEU B 117 17.59 -8.62 -3.72
CA LEU B 117 18.11 -8.44 -2.38
C LEU B 117 19.61 -8.74 -2.37
N GLY B 118 20.20 -8.76 -1.18
CA GLY B 118 21.62 -9.05 -1.09
C GLY B 118 22.10 -8.98 0.35
N ASP B 119 23.42 -9.07 0.49
CA ASP B 119 24.08 -9.01 1.78
C ASP B 119 25.00 -7.81 1.83
N VAL B 120 24.99 -7.11 2.96
CA VAL B 120 25.75 -5.87 3.13
C VAL B 120 27.07 -6.18 3.80
N TYR B 121 28.16 -5.74 3.19
CA TYR B 121 29.51 -5.99 3.68
C TYR B 121 30.23 -4.67 3.94
N LEU B 122 31.09 -4.68 4.96
CA LEU B 122 31.95 -3.55 5.27
C LEU B 122 33.12 -3.50 4.28
N PRO B 123 33.81 -2.35 4.20
CA PRO B 123 34.99 -2.29 3.31
C PRO B 123 36.07 -3.30 3.67
N ASP B 124 36.19 -3.70 4.94
CA ASP B 124 37.19 -4.69 5.33
C ASP B 124 36.81 -6.12 4.97
N GLY B 125 35.64 -6.33 4.37
CA GLY B 125 35.23 -7.64 3.91
C GLY B 125 34.31 -8.40 4.85
N ASN B 126 34.05 -7.86 6.07
CA ASN B 126 33.17 -8.54 7.00
C ASN B 126 31.71 -8.12 6.77
N PRO B 127 30.76 -9.01 7.02
CA PRO B 127 29.35 -8.63 6.91
C PRO B 127 29.01 -7.53 7.90
N PHE B 128 28.14 -6.62 7.48
CA PHE B 128 27.71 -5.53 8.33
C PHE B 128 26.64 -6.03 9.29
N LYS B 129 26.96 -6.06 10.59
CA LYS B 129 26.05 -6.60 11.59
C LYS B 129 24.83 -5.72 11.81
N GLY B 130 24.81 -4.50 11.29
CA GLY B 130 23.68 -3.61 11.49
C GLY B 130 22.50 -3.83 10.57
N ASP B 131 22.65 -4.66 9.54
CA ASP B 131 21.53 -4.95 8.65
C ASP B 131 20.53 -5.85 9.38
N PRO B 132 19.27 -5.46 9.46
CA PRO B 132 18.27 -6.36 10.07
C PRO B 132 18.20 -7.72 9.41
N ARG B 133 18.43 -7.80 8.10
CA ARG B 133 18.44 -9.10 7.43
C ARG B 133 19.55 -9.99 7.97
N TYR B 134 20.72 -9.41 8.28
CA TYR B 134 21.78 -10.18 8.92
C TYR B 134 21.35 -10.67 10.30
N VAL B 135 20.60 -9.84 11.03
CA VAL B 135 20.15 -10.21 12.37
C VAL B 135 19.24 -11.44 12.31
N LEU B 136 18.30 -11.45 11.38
CA LEU B 136 17.46 -12.63 11.20
C LEU B 136 18.29 -13.85 10.79
N LYS B 137 19.32 -13.63 9.98
CA LYS B 137 20.12 -14.76 9.51
C LYS B 137 20.90 -15.41 10.63
N THR B 138 21.41 -14.62 11.58
CA THR B 138 22.11 -15.22 12.72
C THR B 138 21.14 -15.92 13.67
N ALA B 139 19.90 -15.44 13.74
CA ALA B 139 18.87 -16.18 14.48
C ALA B 139 18.58 -17.52 13.82
N ILE B 140 18.57 -17.57 12.49
CA ILE B 140 18.40 -18.83 11.77
C ILE B 140 19.58 -19.75 12.07
N LYS B 141 20.78 -19.19 12.17
CA LYS B 141 21.97 -20.00 12.45
C LYS B 141 21.90 -20.62 13.84
N GLU B 142 21.37 -19.87 14.82
CA GLU B 142 21.20 -20.43 16.16
C GLU B 142 20.20 -21.58 16.15
N ALA B 143 19.14 -21.48 15.33
CA ALA B 143 18.20 -22.58 15.20
C ALA B 143 18.86 -23.79 14.56
N GLU B 144 19.70 -23.58 13.54
CA GLU B 144 20.37 -24.69 12.88
C GLU B 144 21.32 -25.42 13.83
N LYS B 145 21.93 -24.70 14.77
CA LYS B 145 22.81 -25.34 15.74
C LYS B 145 22.06 -26.38 16.58
N MET B 146 20.82 -26.07 16.95
CA MET B 146 19.96 -27.02 17.64
C MET B 146 19.13 -27.88 16.70
N GLY B 147 19.40 -27.81 15.39
CA GLY B 147 18.74 -28.67 14.42
C GLY B 147 17.39 -28.18 13.94
N PHE B 148 17.02 -26.94 14.22
CA PHE B 148 15.70 -26.42 13.89
C PHE B 148 15.75 -25.48 12.69
N SER B 149 14.70 -25.53 11.89
CA SER B 149 14.40 -24.50 10.90
C SER B 149 12.99 -23.99 11.18
N MET B 150 12.79 -22.70 10.99
CA MET B 150 11.55 -22.03 11.39
C MET B 150 10.76 -21.61 10.16
N ASN B 151 9.46 -21.94 10.17
CA ASN B 151 8.53 -21.49 9.16
C ASN B 151 7.57 -20.48 9.76
N VAL B 152 7.16 -19.51 8.94
CA VAL B 152 6.34 -18.39 9.40
C VAL B 152 5.23 -18.15 8.40
N GLY B 153 4.00 -17.98 8.90
CA GLY B 153 2.93 -17.45 8.08
C GLY B 153 2.29 -16.23 8.72
N PRO B 154 2.54 -15.05 8.14
CA PRO B 154 1.95 -13.82 8.69
C PRO B 154 0.62 -13.47 8.05
N GLU B 155 -0.21 -12.81 8.85
CA GLU B 155 -1.52 -12.34 8.43
C GLU B 155 -1.50 -10.81 8.52
N LEU B 156 -1.37 -10.14 7.39
CA LEU B 156 -1.20 -8.69 7.34
C LEU B 156 -2.53 -8.01 7.12
N GLU B 157 -2.91 -7.16 8.08
CA GLU B 157 -4.09 -6.34 8.00
C GLU B 157 -3.68 -4.96 7.51
N PHE B 158 -4.51 -4.35 6.67
CA PHE B 158 -4.25 -3.00 6.19
C PHE B 158 -5.57 -2.32 5.86
N PHE B 159 -5.51 -1.02 5.70
CA PHE B 159 -6.68 -0.21 5.36
C PHE B 159 -6.55 0.30 3.94
N LEU B 160 -7.71 0.49 3.29
CA LEU B 160 -7.78 1.00 1.94
C LEU B 160 -8.56 2.31 2.00
N PHE B 161 -7.85 3.43 1.84
CA PHE B 161 -8.45 4.75 1.97
C PHE B 161 -8.46 5.48 0.63
N LYS B 162 -9.28 6.52 0.56
CA LYS B 162 -9.30 7.39 -0.61
C LYS B 162 -8.20 8.43 -0.51
N LEU B 163 -7.73 8.88 -1.67
CA LEU B 163 -6.82 10.01 -1.74
C LEU B 163 -7.63 11.30 -1.85
N ASP B 164 -7.06 12.39 -1.37
CA ASP B 164 -7.72 13.68 -1.48
C ASP B 164 -7.55 14.22 -2.91
N ALA B 165 -8.00 15.46 -3.14
CA ALA B 165 -7.96 16.03 -4.48
C ALA B 165 -6.53 16.24 -4.96
N ASN B 166 -5.55 16.30 -4.06
CA ASN B 166 -4.15 16.50 -4.43
C ASN B 166 -3.36 15.21 -4.46
N GLY B 167 -4.04 14.07 -4.32
CA GLY B 167 -3.35 12.79 -4.33
C GLY B 167 -2.72 12.38 -3.02
N ASN B 168 -3.01 13.11 -1.89
CA ASN B 168 -2.39 12.72 -0.63
C ASN B 168 -3.26 11.72 0.12
N PRO B 169 -2.65 10.87 0.93
CA PRO B 169 -3.42 9.92 1.74
C PRO B 169 -4.36 10.63 2.70
N THR B 170 -5.54 10.03 2.89
CA THR B 170 -6.46 10.44 3.94
C THR B 170 -6.89 9.22 4.73
N THR B 171 -7.84 9.38 5.65
CA THR B 171 -8.51 8.26 6.30
C THR B 171 -9.96 8.14 5.84
N GLU B 172 -10.27 8.68 4.67
CA GLU B 172 -11.62 8.57 4.12
C GLU B 172 -11.91 7.13 3.73
N LEU B 173 -13.07 6.63 4.15
CA LEU B 173 -13.41 5.23 3.95
C LEU B 173 -13.72 4.93 2.49
N THR B 174 -13.43 3.70 2.10
CA THR B 174 -13.79 3.20 0.78
C THR B 174 -14.98 2.25 0.82
N ASP B 175 -15.31 1.72 2.00
CA ASP B 175 -16.52 0.92 2.17
C ASP B 175 -16.87 0.96 3.65
N GLN B 176 -18.07 0.46 3.97
CA GLN B 176 -18.53 0.35 5.35
C GLN B 176 -18.75 -1.10 5.76
N GLY B 177 -18.05 -2.03 5.12
CA GLY B 177 -18.26 -3.44 5.38
C GLY B 177 -17.59 -3.92 6.64
N GLY B 178 -17.91 -5.17 7.00
CA GLY B 178 -17.35 -5.77 8.19
C GLY B 178 -16.61 -7.07 7.93
N TYR B 179 -16.44 -7.86 8.98
CA TYR B 179 -15.62 -9.07 8.91
C TYR B 179 -16.10 -10.02 7.82
N PHE B 180 -15.21 -10.31 6.87
CA PHE B 180 -15.45 -11.25 5.78
C PHE B 180 -16.53 -10.79 4.82
N ASP B 181 -16.89 -9.51 4.86
CA ASP B 181 -17.87 -8.99 3.92
C ASP B 181 -17.33 -9.04 2.49
N PHE B 182 -18.24 -9.20 1.54
CA PHE B 182 -17.88 -9.04 0.13
C PHE B 182 -18.00 -7.56 -0.20
N ALA B 183 -16.99 -6.81 0.25
CA ALA B 183 -16.93 -5.37 0.04
C ALA B 183 -15.49 -4.98 -0.24
N PRO B 184 -15.27 -3.86 -0.95
CA PRO B 184 -16.26 -2.98 -1.59
C PRO B 184 -16.77 -3.57 -2.89
N LEU B 185 -17.86 -3.04 -3.44
CA LEU B 185 -18.42 -3.53 -4.70
C LEU B 185 -18.40 -2.48 -5.80
N ASP B 186 -17.87 -1.29 -5.53
CA ASP B 186 -17.66 -0.25 -6.53
C ASP B 186 -16.25 -0.41 -7.12
N LEU B 187 -15.72 0.64 -7.75
CA LEU B 187 -14.37 0.60 -8.30
C LEU B 187 -13.33 0.09 -7.31
N GLY B 188 -13.59 0.19 -5.99
CA GLY B 188 -12.72 -0.42 -5.01
C GLY B 188 -12.66 -1.93 -5.10
N GLN B 189 -13.71 -2.56 -5.62
CA GLN B 189 -13.66 -4.01 -5.88
C GLN B 189 -12.55 -4.34 -6.85
N ASP B 190 -12.27 -3.46 -7.80
CA ASP B 190 -11.25 -3.74 -8.82
C ASP B 190 -9.83 -3.55 -8.27
N VAL B 191 -9.59 -2.48 -7.51
CA VAL B 191 -8.26 -2.29 -6.92
C VAL B 191 -7.96 -3.41 -5.93
N ARG B 192 -8.97 -3.82 -5.16
CA ARG B 192 -8.78 -4.94 -4.23
C ARG B 192 -8.42 -6.21 -4.98
N ARG B 193 -9.06 -6.45 -6.12
CA ARG B 193 -8.73 -7.62 -6.94
C ARG B 193 -7.40 -7.45 -7.65
N ASP B 194 -7.05 -6.21 -8.03
CA ASP B 194 -5.76 -5.97 -8.65
C ASP B 194 -4.61 -6.27 -7.70
N ILE B 195 -4.80 -5.96 -6.40
CA ILE B 195 -3.78 -6.26 -5.41
C ILE B 195 -3.54 -7.76 -5.31
N ASP B 196 -4.63 -8.54 -5.23
CA ASP B 196 -4.50 -9.99 -5.14
C ASP B 196 -3.84 -10.57 -6.37
N TYR B 197 -4.22 -10.08 -7.56
CA TYR B 197 -3.67 -10.61 -8.80
C TYR B 197 -2.17 -10.37 -8.90
N ALA B 198 -1.71 -9.18 -8.51
CA ALA B 198 -0.29 -8.86 -8.62
C ALA B 198 0.57 -9.65 -7.64
N LEU B 199 0.06 -9.91 -6.44
CA LEU B 199 0.79 -10.76 -5.51
C LEU B 199 0.93 -12.17 -6.07
N GLU B 200 -0.15 -12.72 -6.63
CA GLU B 200 -0.07 -14.04 -7.26
C GLU B 200 0.84 -14.00 -8.48
N HIS B 201 0.85 -12.88 -9.21
CA HIS B 201 1.71 -12.74 -10.38
C HIS B 201 3.19 -12.80 -10.00
N MET B 202 3.53 -12.48 -8.76
CA MET B 202 4.90 -12.56 -8.27
C MET B 202 5.22 -13.88 -7.59
N GLY B 203 4.28 -14.83 -7.56
CA GLY B 203 4.53 -16.09 -6.89
C GLY B 203 4.41 -16.05 -5.40
N PHE B 204 3.61 -15.12 -4.86
CA PHE B 204 3.41 -15.05 -3.42
C PHE B 204 2.65 -16.27 -2.88
N GLN B 205 1.83 -16.90 -3.70
CA GLN B 205 0.98 -18.02 -3.30
C GLN B 205 0.15 -17.66 -2.07
N ILE B 206 -0.73 -16.69 -2.26
CA ILE B 206 -1.56 -16.20 -1.16
C ILE B 206 -2.48 -17.31 -0.68
N GLU B 207 -2.62 -17.41 0.65
CA GLU B 207 -3.52 -18.39 1.23
C GLU B 207 -4.97 -17.91 1.17
N ALA B 208 -5.25 -16.74 1.75
CA ALA B 208 -6.58 -16.18 1.71
C ALA B 208 -6.50 -14.67 1.77
N SER B 209 -7.53 -14.01 1.25
CA SER B 209 -7.69 -12.57 1.38
C SER B 209 -9.17 -12.27 1.58
N HIS B 210 -9.46 -11.39 2.52
CA HIS B 210 -10.84 -11.10 2.88
C HIS B 210 -10.91 -9.70 3.49
N HIS B 211 -12.14 -9.22 3.64
CA HIS B 211 -12.39 -8.01 4.41
C HIS B 211 -12.21 -8.28 5.90
N GLU B 212 -11.78 -7.26 6.63
CA GLU B 212 -11.57 -7.40 8.06
C GLU B 212 -12.66 -6.65 8.82
N VAL B 213 -12.54 -6.59 10.14
CA VAL B 213 -13.61 -6.13 11.01
C VAL B 213 -13.93 -4.66 10.73
N ALA B 214 -12.92 -3.82 10.69
CA ALA B 214 -13.14 -2.39 10.57
C ALA B 214 -13.54 -2.02 9.13
N PRO B 215 -14.27 -0.92 8.95
CA PRO B 215 -14.59 -0.47 7.59
C PRO B 215 -13.33 -0.19 6.80
N SER B 216 -13.36 -0.55 5.52
CA SER B 216 -12.25 -0.35 4.60
C SER B 216 -10.98 -1.10 5.02
N GLN B 217 -11.12 -2.11 5.89
CA GLN B 217 -9.97 -2.87 6.36
C GLN B 217 -9.93 -4.23 5.66
N HIS B 218 -8.72 -4.70 5.38
CA HIS B 218 -8.53 -5.90 4.58
C HIS B 218 -7.37 -6.72 5.14
N GLU B 219 -7.37 -8.00 4.82
CA GLU B 219 -6.36 -8.93 5.30
C GLU B 219 -5.90 -9.81 4.15
N ILE B 220 -4.59 -10.07 4.09
CA ILE B 220 -4.02 -11.02 3.15
C ILE B 220 -3.16 -11.99 3.93
N ASP B 221 -3.44 -13.28 3.78
CA ASP B 221 -2.78 -14.34 4.53
C ASP B 221 -1.69 -14.96 3.68
N PHE B 222 -0.44 -14.84 4.15
CA PHE B 222 0.71 -15.32 3.41
C PHE B 222 0.80 -16.85 3.48
N ARG B 223 1.48 -17.41 2.49
CA ARG B 223 1.80 -18.82 2.52
C ARG B 223 2.71 -19.12 3.70
N PHE B 224 2.47 -20.26 4.34
CA PHE B 224 3.29 -20.70 5.45
C PHE B 224 4.60 -21.26 4.90
N GLY B 225 5.68 -20.50 5.08
CA GLY B 225 6.96 -20.90 4.50
C GLY B 225 8.18 -20.46 5.29
N ASP B 226 9.36 -20.59 4.69
CA ASP B 226 10.61 -20.31 5.38
C ASP B 226 10.66 -18.85 5.85
N VAL B 227 11.24 -18.66 7.04
CA VAL B 227 11.17 -17.34 7.69
C VAL B 227 11.92 -16.29 6.89
N LEU B 228 13.11 -16.61 6.38
CA LEU B 228 13.89 -15.62 5.64
C LEU B 228 13.19 -15.21 4.36
N CYS B 229 12.70 -16.18 3.60
CA CYS B 229 11.93 -15.88 2.39
C CYS B 229 10.65 -15.13 2.71
N THR B 230 9.96 -15.52 3.78
CA THR B 230 8.73 -14.85 4.16
C THR B 230 8.98 -13.40 4.59
N ALA B 231 10.05 -13.17 5.36
CA ALA B 231 10.36 -11.81 5.79
C ALA B 231 10.66 -10.91 4.59
N ASP B 232 11.38 -11.43 3.60
CA ASP B 232 11.60 -10.68 2.37
C ASP B 232 10.27 -10.34 1.69
N ASN B 233 9.33 -11.29 1.69
CA ASN B 233 8.04 -11.07 1.04
C ASN B 233 7.22 -10.02 1.78
N VAL B 234 7.32 -9.95 3.10
CA VAL B 234 6.56 -8.94 3.84
C VAL B 234 6.99 -7.54 3.42
N VAL B 235 8.30 -7.32 3.31
CA VAL B 235 8.80 -6.02 2.84
C VAL B 235 8.36 -5.77 1.39
N THR B 236 8.47 -6.78 0.53
CA THR B 236 8.00 -6.62 -0.84
C THR B 236 6.50 -6.35 -0.88
N PHE B 237 5.74 -7.03 -0.03
CA PHE B 237 4.29 -6.88 -0.02
C PHE B 237 3.89 -5.42 0.20
N LYS B 238 4.58 -4.72 1.09
CA LYS B 238 4.14 -3.39 1.50
C LYS B 238 4.21 -2.39 0.35
N TYR B 239 5.36 -2.29 -0.33
CA TYR B 239 5.44 -1.30 -1.40
C TYR B 239 4.72 -1.74 -2.67
N VAL B 240 4.51 -3.04 -2.86
CA VAL B 240 3.75 -3.48 -4.02
C VAL B 240 2.28 -3.11 -3.86
N VAL B 241 1.72 -3.38 -2.68
CA VAL B 241 0.33 -3.03 -2.43
C VAL B 241 0.13 -1.51 -2.49
N LYS B 242 1.06 -0.76 -1.89
CA LYS B 242 0.92 0.69 -1.89
C LYS B 242 1.00 1.27 -3.30
N SER B 243 1.94 0.79 -4.10
CA SER B 243 2.10 1.33 -5.45
C SER B 243 0.88 1.01 -6.32
N ILE B 244 0.34 -0.20 -6.19
CA ILE B 244 -0.80 -0.58 -7.01
C ILE B 244 -2.06 0.15 -6.57
N ALA B 245 -2.28 0.27 -5.27
CA ALA B 245 -3.39 1.07 -4.79
C ALA B 245 -3.26 2.52 -5.24
N TYR B 246 -2.03 3.06 -5.18
CA TYR B 246 -1.80 4.44 -5.57
C TYR B 246 -2.20 4.69 -7.02
N HIS B 247 -1.84 3.77 -7.92
CA HIS B 247 -2.11 3.97 -9.33
C HIS B 247 -3.57 3.78 -9.70
N LYS B 248 -4.41 3.31 -8.79
CA LYS B 248 -5.84 3.25 -9.00
C LYS B 248 -6.60 4.30 -8.20
N GLY B 249 -5.89 5.24 -7.58
CA GLY B 249 -6.54 6.32 -6.85
C GLY B 249 -6.83 6.04 -5.40
N TYR B 250 -6.19 5.05 -4.79
CA TYR B 250 -6.42 4.67 -3.41
C TYR B 250 -5.12 4.68 -2.64
N TYR B 251 -5.25 4.69 -1.31
CA TYR B 251 -4.10 4.60 -0.42
C TYR B 251 -4.21 3.37 0.47
N ALA B 252 -3.12 2.59 0.52
CA ALA B 252 -3.04 1.43 1.40
C ALA B 252 -2.26 1.82 2.65
N SER B 253 -2.89 1.70 3.80
CA SER B 253 -2.30 2.12 5.07
C SER B 253 -1.97 0.90 5.92
N PHE B 254 -0.74 0.87 6.43
CA PHE B 254 -0.32 -0.14 7.39
C PHE B 254 -0.14 0.43 8.79
N MET B 255 -0.78 1.57 9.05
CA MET B 255 -0.79 2.11 10.40
C MET B 255 -1.48 1.13 11.35
N PRO B 256 -0.95 0.94 12.56
CA PRO B 256 -1.65 0.06 13.52
C PRO B 256 -3.07 0.48 13.81
N LYS B 257 -3.30 1.77 14.09
CA LYS B 257 -4.61 2.28 14.48
C LYS B 257 -4.85 3.64 13.83
N PRO B 258 -5.24 3.65 12.56
CA PRO B 258 -5.49 4.94 11.90
C PRO B 258 -6.78 5.60 12.35
N LEU B 259 -7.76 4.84 12.84
CA LEU B 259 -9.06 5.37 13.20
C LEU B 259 -9.41 4.97 14.62
N PHE B 260 -9.88 5.93 15.41
CA PHE B 260 -10.37 5.63 16.75
C PHE B 260 -11.73 4.94 16.67
N GLY B 261 -11.97 4.06 17.64
CA GLY B 261 -13.28 3.44 17.80
C GLY B 261 -13.54 2.23 16.94
N VAL B 262 -12.62 1.87 16.06
CA VAL B 262 -12.72 0.66 15.25
C VAL B 262 -11.44 -0.13 15.42
N ASN B 263 -11.43 -1.34 14.86
CA ASN B 263 -10.29 -2.24 15.02
C ASN B 263 -9.02 -1.63 14.45
N GLY B 264 -7.90 -2.02 15.04
CA GLY B 264 -6.60 -1.71 14.47
C GLY B 264 -6.11 -2.83 13.55
N SER B 265 -4.97 -2.57 12.93
CA SER B 265 -4.34 -3.55 12.04
C SER B 265 -3.21 -4.24 12.78
N GLY B 266 -3.25 -5.57 12.80
CA GLY B 266 -2.19 -6.36 13.39
C GLY B 266 -1.47 -7.21 12.35
N MET B 267 -0.39 -7.85 12.78
CA MET B 267 0.32 -8.84 11.97
C MET B 267 0.46 -10.10 12.81
N HIS B 268 -0.58 -10.93 12.81
CA HIS B 268 -0.51 -12.21 13.49
C HIS B 268 0.58 -13.06 12.84
N SER B 269 1.44 -13.65 13.68
CA SER B 269 2.63 -14.36 13.21
C SER B 269 2.53 -15.82 13.63
N ASN B 270 2.03 -16.66 12.72
CA ASN B 270 2.05 -18.09 12.91
C ASN B 270 3.45 -18.61 12.68
N GLN B 271 3.87 -19.59 13.47
CA GLN B 271 5.23 -20.09 13.38
C GLN B 271 5.29 -21.52 13.90
N SER B 272 6.29 -22.26 13.42
CA SER B 272 6.60 -23.58 13.95
C SER B 272 8.03 -23.92 13.59
N LEU B 273 8.60 -24.86 14.34
CA LEU B 273 9.95 -25.35 14.11
C LEU B 273 9.90 -26.70 13.41
N PHE B 274 10.91 -26.95 12.59
CA PHE B 274 11.04 -28.21 11.87
C PHE B 274 12.43 -28.78 12.07
N LYS B 275 12.50 -30.10 12.17
CA LYS B 275 13.77 -30.82 12.25
C LYS B 275 13.60 -32.14 11.52
N ASP B 276 14.55 -32.46 10.64
CA ASP B 276 14.50 -33.67 9.83
C ASP B 276 13.21 -33.71 9.01
N GLY B 277 12.79 -32.55 8.52
CA GLY B 277 11.57 -32.46 7.73
C GLY B 277 10.32 -32.82 8.48
N LYS B 278 10.35 -32.85 9.81
CA LYS B 278 9.19 -33.15 10.64
C LYS B 278 8.86 -31.95 11.52
N ASN B 279 7.58 -31.73 11.75
CA ASN B 279 7.13 -30.64 12.61
C ASN B 279 7.38 -31.03 14.06
N VAL B 280 8.25 -30.27 14.75
CA VAL B 280 8.63 -30.62 16.12
C VAL B 280 7.65 -30.06 17.15
N PHE B 281 6.62 -29.34 16.72
CA PHE B 281 5.58 -28.88 17.63
C PHE B 281 4.45 -29.89 17.80
N TYR B 282 4.40 -30.92 16.96
CA TYR B 282 3.33 -31.90 16.97
C TYR B 282 3.76 -33.17 17.70
N ASP B 283 2.92 -33.62 18.63
CA ASP B 283 3.09 -34.90 19.30
C ASP B 283 1.76 -35.63 19.35
N PRO B 284 1.61 -36.74 18.63
CA PRO B 284 0.32 -37.44 18.62
C PRO B 284 -0.09 -38.00 19.97
N ASP B 285 0.85 -38.17 20.89
CA ASP B 285 0.57 -38.85 22.15
C ASP B 285 0.01 -37.93 23.23
N THR B 286 0.44 -36.66 23.26
CA THR B 286 0.05 -35.75 24.32
C THR B 286 -1.41 -35.33 24.17
N PRO B 287 -2.04 -34.87 25.27
CA PRO B 287 -3.47 -34.52 25.18
C PRO B 287 -3.78 -33.42 24.17
N THR B 288 -3.08 -32.28 24.23
CA THR B 288 -3.30 -31.23 23.26
C THR B 288 -2.70 -31.54 21.90
N LYS B 289 -2.04 -32.70 21.78
CA LYS B 289 -1.32 -33.09 20.56
C LYS B 289 -0.20 -32.10 20.25
N LEU B 290 0.36 -31.49 21.29
CA LEU B 290 1.51 -30.61 21.19
C LEU B 290 2.68 -31.22 21.94
N SER B 291 3.87 -31.12 21.36
CA SER B 291 5.05 -31.72 21.96
C SER B 291 5.54 -30.88 23.13
N GLN B 292 6.57 -31.38 23.81
CA GLN B 292 7.18 -30.63 24.91
C GLN B 292 7.99 -29.45 24.40
N ASP B 293 8.55 -29.56 23.19
CA ASP B 293 9.29 -28.43 22.62
C ASP B 293 8.37 -27.24 22.38
N ALA B 294 7.13 -27.50 21.93
CA ALA B 294 6.18 -26.43 21.74
C ALA B 294 5.86 -25.72 23.05
N MET B 295 5.72 -26.49 24.13
CA MET B 295 5.50 -25.89 25.45
C MET B 295 6.67 -25.00 25.84
N TYR B 296 7.89 -25.50 25.69
CA TYR B 296 9.08 -24.70 26.00
C TYR B 296 9.16 -23.49 25.09
N TYR B 297 8.83 -23.65 23.81
CA TYR B 297 8.86 -22.53 22.87
C TYR B 297 7.88 -21.44 23.29
N ILE B 298 6.68 -21.84 23.74
CA ILE B 298 5.72 -20.87 24.25
C ILE B 298 6.26 -20.21 25.51
N GLY B 299 6.86 -20.99 26.40
CA GLY B 299 7.40 -20.43 27.63
C GLY B 299 8.43 -19.34 27.38
N GLY B 300 9.34 -19.59 26.44
CA GLY B 300 10.33 -18.58 26.11
C GLY B 300 9.71 -17.32 25.54
N LEU B 301 8.68 -17.49 24.70
CA LEU B 301 7.97 -16.33 24.15
C LEU B 301 7.32 -15.52 25.26
N LEU B 302 6.63 -16.19 26.19
CA LEU B 302 5.98 -15.48 27.28
C LEU B 302 6.99 -14.84 28.22
N LYS B 303 8.17 -15.44 28.36
CA LYS B 303 9.16 -14.90 29.29
C LYS B 303 9.76 -13.59 28.80
N HIS B 304 9.89 -13.41 27.49
CA HIS B 304 10.63 -12.29 26.93
C HIS B 304 9.79 -11.31 26.12
N ILE B 305 8.49 -11.57 25.96
CA ILE B 305 7.69 -10.77 25.03
C ILE B 305 7.67 -9.30 25.45
N ARG B 306 7.64 -9.03 26.76
CA ARG B 306 7.66 -7.64 27.22
C ARG B 306 8.93 -6.92 26.78
N GLU B 307 10.06 -7.64 26.75
CA GLU B 307 11.33 -6.99 26.49
C GLU B 307 11.49 -6.55 25.03
N PHE B 308 10.71 -7.08 24.10
CA PHE B 308 10.81 -6.66 22.71
C PHE B 308 9.46 -6.30 22.10
N THR B 309 8.50 -5.92 22.95
CA THR B 309 7.27 -5.34 22.42
C THR B 309 7.56 -4.07 21.62
N ALA B 310 8.62 -3.35 22.00
CA ALA B 310 9.04 -2.18 21.23
C ALA B 310 9.46 -2.54 19.82
N VAL B 311 9.81 -3.79 19.55
CA VAL B 311 10.13 -4.21 18.18
C VAL B 311 8.88 -4.66 17.43
N THR B 312 8.00 -5.43 18.08
CA THR B 312 6.79 -5.90 17.41
C THR B 312 5.74 -4.79 17.29
N ASN B 313 5.78 -3.80 18.17
CA ASN B 313 4.85 -2.67 18.17
C ASN B 313 5.69 -1.40 18.25
N PRO B 314 6.26 -0.95 17.13
CA PRO B 314 7.39 -0.01 17.18
C PRO B 314 7.07 1.47 17.19
N VAL B 315 5.83 1.90 16.92
CA VAL B 315 5.52 3.31 16.82
C VAL B 315 4.54 3.71 17.92
N VAL B 316 4.42 5.02 18.13
CA VAL B 316 3.53 5.53 19.16
C VAL B 316 2.10 5.07 18.90
N ASN B 317 1.69 5.06 17.64
CA ASN B 317 0.35 4.63 17.27
C ASN B 317 0.11 3.16 17.58
N SER B 318 1.17 2.36 17.77
CA SER B 318 0.98 0.93 18.04
C SER B 318 0.18 0.69 19.30
N TYR B 319 0.28 1.59 20.28
CA TYR B 319 -0.35 1.39 21.57
C TYR B 319 -1.73 2.02 21.66
N LYS B 320 -2.18 2.69 20.61
CA LYS B 320 -3.59 2.98 20.46
C LYS B 320 -4.37 1.75 19.99
N ARG B 321 -3.67 0.77 19.43
CA ARG B 321 -4.25 -0.53 19.12
C ARG B 321 -4.18 -1.47 20.32
N LEU B 322 -3.08 -1.42 21.07
CA LEU B 322 -2.91 -2.26 22.27
C LEU B 322 -3.67 -1.64 23.45
N VAL B 323 -4.98 -1.54 23.28
CA VAL B 323 -5.90 -1.10 24.32
C VAL B 323 -7.00 -2.14 24.43
N PRO B 324 -7.63 -2.30 25.59
CA PRO B 324 -8.67 -3.34 25.73
C PRO B 324 -9.87 -3.09 24.81
N GLY B 325 -10.40 -4.17 24.26
CA GLY B 325 -11.71 -4.16 23.63
C GLY B 325 -11.78 -4.30 22.12
N TYR B 326 -10.65 -4.44 21.41
CA TYR B 326 -10.69 -4.49 19.94
C TYR B 326 -9.79 -5.59 19.40
N GLU B 327 -9.89 -6.80 19.96
CA GLU B 327 -9.25 -7.98 19.39
C GLU B 327 -7.73 -7.94 19.54
N ALA B 328 -7.19 -6.81 19.98
CA ALA B 328 -5.74 -6.86 20.15
C ALA B 328 -5.39 -7.26 21.58
N PRO B 329 -4.45 -8.19 21.75
CA PRO B 329 -4.14 -8.70 23.08
C PRO B 329 -3.28 -7.71 23.86
N VAL B 330 -3.70 -7.42 25.10
CA VAL B 330 -2.91 -6.58 26.00
C VAL B 330 -2.41 -7.33 27.21
N TYR B 331 -2.83 -8.58 27.39
CA TYR B 331 -2.42 -9.39 28.53
C TYR B 331 -1.60 -10.58 28.05
N ILE B 332 -0.58 -10.93 28.83
CA ILE B 332 0.36 -11.98 28.45
C ILE B 332 -0.19 -13.31 28.93
N SER B 333 -0.67 -14.11 27.99
CA SER B 333 -1.21 -15.44 28.29
C SER B 333 -1.22 -16.25 26.99
N TRP B 334 -1.43 -17.55 27.16
CA TRP B 334 -1.57 -18.46 26.02
C TRP B 334 -2.77 -19.37 26.25
N SER B 335 -3.39 -19.80 25.16
CA SER B 335 -4.57 -20.66 25.23
C SER B 335 -4.77 -21.34 23.89
N ALA B 336 -5.54 -22.42 23.90
CA ALA B 336 -5.86 -23.17 22.69
C ALA B 336 -7.26 -22.88 22.18
N GLN B 337 -8.13 -22.29 23.00
CA GLN B 337 -9.55 -22.13 22.66
C GLN B 337 -9.89 -20.73 22.16
N ASN B 338 -9.68 -19.71 22.99
CA ASN B 338 -10.09 -18.35 22.65
C ASN B 338 -8.94 -17.61 21.97
N ARG B 339 -9.28 -16.84 20.94
CA ARG B 339 -8.25 -16.13 20.18
C ARG B 339 -7.69 -14.94 20.91
N SER B 340 -8.44 -14.34 21.83
CA SER B 340 -8.05 -13.06 22.39
C SER B 340 -6.87 -13.17 23.33
N SER B 341 -6.20 -14.32 23.33
CA SER B 341 -4.96 -14.48 24.07
C SER B 341 -3.79 -13.93 23.25
N LEU B 342 -2.70 -13.64 23.96
CA LEU B 342 -1.48 -13.19 23.29
C LEU B 342 -0.93 -14.27 22.36
N ILE B 343 -0.91 -15.52 22.83
CA ILE B 343 -0.47 -16.65 22.04
C ILE B 343 -1.66 -17.59 21.88
N ARG B 344 -1.95 -17.98 20.64
CA ARG B 344 -3.06 -18.87 20.34
C ARG B 344 -2.53 -20.10 19.59
N ILE B 345 -3.12 -21.25 19.86
CA ILE B 345 -2.82 -22.49 19.15
C ILE B 345 -3.96 -22.76 18.19
N PRO B 346 -3.76 -22.71 16.87
CA PRO B 346 -4.80 -23.15 15.94
C PRO B 346 -5.08 -24.63 16.07
N ALA B 347 -6.26 -25.02 15.60
CA ALA B 347 -6.71 -26.40 15.76
C ALA B 347 -5.87 -27.37 14.94
N THR B 348 -5.30 -26.93 13.83
CA THR B 348 -4.60 -27.84 12.93
C THR B 348 -3.44 -28.52 13.65
N ARG B 349 -3.27 -29.80 13.37
CA ARG B 349 -2.23 -30.62 13.99
C ARG B 349 -1.39 -31.27 12.89
N GLY B 350 -0.54 -32.21 13.29
CA GLY B 350 0.34 -32.84 12.34
C GLY B 350 1.36 -31.85 11.80
N ASN B 351 1.56 -31.89 10.48
CA ASN B 351 2.56 -31.03 9.86
C ASN B 351 2.17 -29.56 9.89
N GLY B 352 0.89 -29.25 10.11
CA GLY B 352 0.42 -27.89 10.19
C GLY B 352 0.38 -27.31 11.59
N THR B 353 0.94 -28.02 12.57
CA THR B 353 0.94 -27.51 13.94
C THR B 353 1.75 -26.23 14.03
N ARG B 354 1.15 -25.20 14.64
CA ARG B 354 1.81 -23.91 14.75
C ARG B 354 1.26 -23.19 15.97
N ILE B 355 1.97 -22.15 16.38
CA ILE B 355 1.51 -21.24 17.42
C ILE B 355 1.45 -19.84 16.83
N GLU B 356 0.42 -19.09 17.18
CA GLU B 356 0.18 -17.77 16.62
C GLU B 356 0.44 -16.72 17.69
N LEU B 357 1.34 -15.79 17.40
CA LEU B 357 1.58 -14.62 18.24
C LEU B 357 0.83 -13.45 17.64
N ARG B 358 -0.03 -12.82 18.43
CA ARG B 358 -1.03 -11.91 17.89
C ARG B 358 -0.79 -10.45 18.26
N CYS B 359 0.31 -10.12 18.95
CA CYS B 359 0.61 -8.74 19.32
C CYS B 359 1.16 -7.86 18.19
N PRO B 360 1.99 -8.35 17.27
CA PRO B 360 2.65 -7.43 16.33
C PRO B 360 1.67 -6.73 15.40
N ASP B 361 2.11 -5.59 14.89
CA ASP B 361 1.39 -4.81 13.90
C ASP B 361 2.26 -4.64 12.65
N PRO B 362 1.67 -4.34 11.49
CA PRO B 362 2.46 -4.29 10.25
C PRO B 362 3.46 -3.15 10.19
N ALA B 363 3.62 -2.36 11.24
CA ALA B 363 4.66 -1.34 11.25
C ALA B 363 6.01 -1.89 11.69
N CYS B 364 6.05 -3.10 12.24
CA CYS B 364 7.29 -3.65 12.75
C CYS B 364 8.23 -4.07 11.61
N ASN B 365 9.51 -4.09 11.92
CA ASN B 365 10.49 -4.65 11.00
C ASN B 365 10.37 -6.16 11.03
N PRO B 366 10.01 -6.81 9.92
CA PRO B 366 9.85 -8.28 9.97
C PRO B 366 11.13 -9.02 10.29
N TYR B 367 12.29 -8.51 9.85
CA TYR B 367 13.55 -9.18 10.15
C TYR B 367 13.83 -9.19 11.64
N LEU B 368 13.61 -8.07 12.32
CA LEU B 368 13.88 -8.01 13.74
C LEU B 368 12.81 -8.74 14.55
N ALA B 369 11.55 -8.60 14.15
CA ALA B 369 10.46 -9.22 14.90
C ALA B 369 10.54 -10.74 14.81
N PHE B 370 10.73 -11.28 13.60
CA PHE B 370 10.83 -12.73 13.45
C PHE B 370 12.09 -13.27 14.13
N ALA B 371 13.19 -12.52 14.07
CA ALA B 371 14.42 -12.97 14.71
C ALA B 371 14.24 -13.08 16.22
N LEU B 372 13.57 -12.09 16.84
CA LEU B 372 13.43 -12.09 18.28
C LEU B 372 12.42 -13.14 18.74
N MET B 373 11.36 -13.36 17.97
CA MET B 373 10.45 -14.46 18.29
C MET B 373 11.18 -15.80 18.28
N LEU B 374 12.00 -16.02 17.25
CA LEU B 374 12.77 -17.26 17.17
C LEU B 374 13.73 -17.39 18.35
N ARG B 375 14.48 -16.33 18.65
CA ARG B 375 15.46 -16.38 19.72
C ARG B 375 14.77 -16.63 21.07
N ALA B 376 13.65 -15.96 21.31
CA ALA B 376 12.92 -16.17 22.57
C ALA B 376 12.41 -17.60 22.68
N GLY B 377 11.80 -18.11 21.60
CA GLY B 377 11.31 -19.48 21.63
C GLY B 377 12.44 -20.49 21.81
N LEU B 378 13.55 -20.28 21.12
CA LEU B 378 14.71 -21.16 21.28
C LEU B 378 15.26 -21.08 22.69
N GLU B 379 15.25 -19.88 23.28
CA GLU B 379 15.67 -19.75 24.67
C GLU B 379 14.78 -20.56 25.60
N GLY B 380 13.47 -20.62 25.29
CA GLY B 380 12.59 -21.46 26.08
C GLY B 380 12.94 -22.93 25.99
N ILE B 381 13.29 -23.39 24.80
CA ILE B 381 13.58 -24.81 24.61
C ILE B 381 14.88 -25.18 25.31
N LYS B 382 15.91 -24.34 25.19
CA LYS B 382 17.21 -24.70 25.75
C LYS B 382 17.22 -24.62 27.28
N ASN B 383 16.35 -23.78 27.86
CA ASN B 383 16.26 -23.65 29.31
C ASN B 383 15.02 -24.34 29.88
N LYS B 384 14.25 -25.03 29.04
CA LYS B 384 13.07 -25.79 29.46
C LYS B 384 12.14 -24.93 30.32
N ILE B 385 11.71 -23.82 29.73
CA ILE B 385 10.89 -22.82 30.43
C ILE B 385 9.43 -23.25 30.34
N ASP B 386 8.84 -23.59 31.48
CA ASP B 386 7.45 -24.01 31.51
C ASP B 386 6.53 -22.82 31.23
N PRO B 387 5.55 -22.96 30.35
CA PRO B 387 4.66 -21.83 30.04
C PRO B 387 3.51 -21.66 31.04
N GLY B 388 3.35 -22.60 31.95
CA GLY B 388 2.27 -22.47 32.94
C GLY B 388 0.94 -22.94 32.39
N GLU B 389 -0.12 -22.80 33.19
CA GLU B 389 -1.44 -23.25 32.72
C GLU B 389 -1.93 -22.29 31.66
N PRO B 390 -2.72 -22.74 30.67
CA PRO B 390 -3.31 -21.85 29.70
C PRO B 390 -4.47 -21.09 30.36
N THR B 391 -4.79 -19.91 29.88
CA THR B 391 -5.93 -19.20 30.49
C THR B 391 -7.10 -19.25 29.51
N ASN B 392 -8.00 -20.20 29.73
CA ASN B 392 -9.17 -20.48 28.87
C ASN B 392 -10.31 -19.50 29.05
N VAL B 393 -10.20 -18.54 29.97
CA VAL B 393 -11.23 -17.54 30.13
C VAL B 393 -10.79 -16.27 29.41
N ASN B 394 -11.76 -15.40 29.11
CA ASN B 394 -11.45 -14.11 28.53
C ASN B 394 -10.94 -13.19 29.64
N ILE B 395 -9.64 -12.86 29.59
CA ILE B 395 -9.01 -12.08 30.65
C ILE B 395 -9.63 -10.69 30.75
N PHE B 396 -10.22 -10.19 29.67
CA PHE B 396 -10.84 -8.87 29.69
C PHE B 396 -12.02 -8.80 30.66
N HIS B 397 -12.55 -9.95 31.08
CA HIS B 397 -13.67 -10.01 32.02
C HIS B 397 -13.23 -10.12 33.48
N LEU B 398 -11.95 -9.89 33.77
CA LEU B 398 -11.41 -10.12 35.10
C LEU B 398 -11.03 -8.79 35.76
N SER B 399 -11.02 -8.80 37.08
CA SER B 399 -10.57 -7.64 37.83
C SER B 399 -9.04 -7.61 37.87
N ASP B 400 -8.50 -6.49 38.37
CA ASP B 400 -7.08 -6.46 38.68
C ASP B 400 -6.74 -7.50 39.73
N LYS B 401 -7.62 -7.69 40.71
CA LYS B 401 -7.40 -8.69 41.75
C LYS B 401 -7.39 -10.10 41.18
N GLU B 402 -8.37 -10.42 40.31
CA GLU B 402 -8.39 -11.73 39.68
C GLU B 402 -7.18 -11.93 38.77
N ARG B 403 -6.83 -10.90 38.00
CA ARG B 403 -5.63 -10.96 37.17
C ARG B 403 -4.37 -11.08 38.03
N GLU B 404 -4.30 -10.32 39.13
CA GLU B 404 -3.16 -10.42 40.02
C GLU B 404 -3.10 -11.77 40.71
N GLU B 405 -4.26 -12.35 41.04
CA GLU B 405 -4.29 -13.66 41.68
C GLU B 405 -3.67 -14.72 40.78
N ARG B 406 -4.00 -14.68 39.48
CA ARG B 406 -3.42 -15.61 38.51
C ARG B 406 -2.08 -15.14 37.97
N GLY B 407 -1.58 -13.99 38.41
CA GLY B 407 -0.29 -13.50 37.96
C GLY B 407 -0.24 -13.19 36.48
N ILE B 408 -1.30 -12.61 35.93
CA ILE B 408 -1.37 -12.27 34.51
C ILE B 408 -0.85 -10.86 34.34
N ARG B 409 0.24 -10.72 33.59
CA ARG B 409 0.90 -9.44 33.36
C ARG B 409 0.42 -8.81 32.07
N SER B 410 0.66 -7.52 31.94
CA SER B 410 0.25 -6.74 30.78
C SER B 410 1.41 -6.49 29.84
N LEU B 411 1.07 -6.25 28.58
CA LEU B 411 2.03 -5.71 27.64
C LEU B 411 2.31 -4.25 28.01
N PRO B 412 3.44 -3.70 27.57
CA PRO B 412 3.70 -2.28 27.83
C PRO B 412 2.58 -1.40 27.29
N ALA B 413 2.19 -0.40 28.09
CA ALA B 413 1.02 0.40 27.77
C ALA B 413 1.30 1.52 26.78
N ASP B 414 2.56 1.88 26.57
CA ASP B 414 2.92 2.85 25.55
C ASP B 414 4.37 2.62 25.14
N LEU B 415 4.78 3.33 24.08
CA LEU B 415 6.12 3.14 23.53
C LEU B 415 7.21 3.45 24.56
N LYS B 416 6.98 4.43 25.42
CA LYS B 416 7.96 4.75 26.45
C LYS B 416 8.18 3.57 27.39
N GLU B 417 7.09 2.91 27.80
CA GLU B 417 7.23 1.75 28.67
C GLU B 417 7.94 0.60 27.96
N ALA B 418 7.60 0.38 26.68
CA ALA B 418 8.27 -0.67 25.92
C ALA B 418 9.74 -0.36 25.72
N ILE B 419 10.08 0.90 25.48
CA ILE B 419 11.48 1.29 25.38
C ILE B 419 12.23 0.95 26.66
N ASP B 420 11.63 1.31 27.79
CA ASP B 420 12.26 1.08 29.11
C ASP B 420 12.42 -0.43 29.35
N GLU B 421 11.48 -1.24 28.91
CA GLU B 421 11.63 -2.69 29.13
C GLU B 421 12.71 -3.24 28.20
N MET B 422 12.90 -2.64 27.04
CA MET B 422 13.91 -3.13 26.08
C MET B 422 15.30 -2.65 26.47
N LYS B 423 15.40 -1.46 27.08
CA LYS B 423 16.70 -0.86 27.45
C LYS B 423 17.47 -1.76 28.41
N GLY B 424 16.78 -2.41 29.35
CA GLY B 424 17.45 -3.26 30.34
C GLY B 424 17.34 -4.75 30.08
N SER B 425 17.14 -5.15 28.83
CA SER B 425 17.03 -6.56 28.48
C SER B 425 18.36 -7.06 27.93
N LYS B 426 19.05 -7.91 28.70
CA LYS B 426 20.25 -8.55 28.18
C LYS B 426 19.92 -9.47 27.02
N PHE B 427 18.71 -10.03 26.99
CA PHE B 427 18.35 -10.96 25.93
C PHE B 427 18.24 -10.26 24.58
N VAL B 428 17.56 -9.11 24.55
CA VAL B 428 17.36 -8.40 23.28
C VAL B 428 18.68 -7.86 22.77
N LYS B 429 19.56 -7.41 23.67
CA LYS B 429 20.86 -6.89 23.24
C LYS B 429 21.69 -7.98 22.57
N GLU B 430 21.70 -9.18 23.15
CA GLU B 430 22.47 -10.28 22.55
C GLU B 430 21.90 -10.67 21.19
N ALA B 431 20.57 -10.74 21.08
CA ALA B 431 19.94 -11.21 19.84
C ALA B 431 20.04 -10.18 18.73
N LEU B 432 19.99 -8.90 19.05
CA LEU B 432 20.05 -7.85 18.03
C LEU B 432 21.48 -7.41 17.73
N GLY B 433 22.39 -7.53 18.69
CA GLY B 433 23.69 -6.92 18.52
C GLY B 433 23.71 -5.48 18.99
N GLU B 434 24.88 -5.03 19.41
CA GLU B 434 24.99 -3.70 20.02
C GLU B 434 24.60 -2.60 19.03
N HIS B 435 25.07 -2.71 17.77
CA HIS B 435 24.81 -1.65 16.80
C HIS B 435 23.32 -1.46 16.58
N VAL B 436 22.59 -2.55 16.32
CA VAL B 436 21.16 -2.45 16.10
C VAL B 436 20.46 -2.03 17.38
N PHE B 437 20.92 -2.55 18.52
CA PHE B 437 20.25 -2.30 19.80
C PHE B 437 20.24 -0.82 20.14
N SER B 438 21.41 -0.18 20.14
CA SER B 438 21.48 1.23 20.51
C SER B 438 20.81 2.11 19.46
N HIS B 439 21.03 1.81 18.18
CA HIS B 439 20.45 2.63 17.12
C HIS B 439 18.93 2.55 17.13
N TYR B 440 18.37 1.36 17.38
CA TYR B 440 16.92 1.24 17.48
C TYR B 440 16.38 2.05 18.66
N LEU B 441 16.98 1.87 19.84
CA LEU B 441 16.47 2.56 21.03
C LEU B 441 16.63 4.06 20.91
N CYS B 442 17.77 4.53 20.39
CA CYS B 442 17.99 5.97 20.27
C CYS B 442 16.94 6.61 19.37
N ALA B 443 16.62 5.95 18.25
CA ALA B 443 15.61 6.48 17.34
C ALA B 443 14.23 6.51 18.01
N LYS B 444 13.86 5.45 18.72
CA LYS B 444 12.55 5.42 19.34
C LYS B 444 12.44 6.41 20.49
N GLU B 445 13.53 6.66 21.22
CA GLU B 445 13.50 7.67 22.28
C GLU B 445 13.26 9.06 21.71
N MET B 446 13.88 9.37 20.58
CA MET B 446 13.68 10.69 19.96
C MET B 446 12.23 10.78 19.47
N GLU B 447 11.68 9.67 19.01
CA GLU B 447 10.30 9.63 18.52
C GLU B 447 9.37 9.93 19.69
N TRP B 448 9.62 9.31 20.83
CA TRP B 448 8.75 9.51 22.00
C TRP B 448 8.90 10.91 22.57
N ASP B 449 10.14 11.43 22.64
CA ASP B 449 10.35 12.76 23.18
C ASP B 449 9.62 13.81 22.37
N GLU B 450 9.61 13.65 21.05
CA GLU B 450 8.85 14.56 20.19
C GLU B 450 7.36 14.43 20.43
N TYR B 451 6.86 13.20 20.60
CA TYR B 451 5.43 12.98 20.79
C TYR B 451 4.93 13.53 22.12
N LYS B 452 5.69 13.31 23.19
CA LYS B 452 5.20 13.63 24.52
C LYS B 452 5.06 15.13 24.76
N ALA B 453 5.70 15.97 23.95
CA ALA B 453 5.61 17.41 24.10
C ALA B 453 4.47 18.03 23.30
N VAL B 454 3.85 17.28 22.41
CA VAL B 454 2.83 17.85 21.51
C VAL B 454 1.56 18.14 22.29
N VAL B 455 0.98 19.32 22.04
CA VAL B 455 -0.33 19.68 22.58
C VAL B 455 -1.37 19.29 21.53
N HIS B 456 -2.12 18.22 21.81
CA HIS B 456 -3.07 17.65 20.86
C HIS B 456 -4.40 18.39 20.90
N PRO B 457 -5.15 18.37 19.79
CA PRO B 457 -6.49 18.99 19.79
C PRO B 457 -7.43 18.40 20.84
N TRP B 458 -7.27 17.13 21.21
CA TRP B 458 -8.11 16.54 22.24
C TRP B 458 -7.99 17.31 23.55
N GLU B 459 -6.77 17.79 23.86
CA GLU B 459 -6.58 18.55 25.09
C GLU B 459 -7.27 19.91 25.02
N LEU B 460 -7.25 20.55 23.86
CA LEU B 460 -7.97 21.81 23.71
C LEU B 460 -9.47 21.62 23.87
N SER B 461 -10.02 20.54 23.30
CA SER B 461 -11.45 20.32 23.39
C SER B 461 -11.88 20.09 24.84
N ARG B 462 -11.07 19.39 25.62
CA ARG B 462 -11.46 19.05 26.98
C ARG B 462 -11.18 20.18 27.96
N TYR B 463 -10.07 20.90 27.78
CA TYR B 463 -9.58 21.82 28.81
C TYR B 463 -9.74 23.30 28.48
N LEU B 464 -9.80 23.68 27.21
CA LEU B 464 -9.81 25.11 26.89
C LEU B 464 -11.01 25.81 27.50
N SER B 465 -12.20 25.20 27.40
CA SER B 465 -13.39 25.80 28.00
C SER B 465 -13.39 25.67 29.52
N MET B 466 -12.78 24.61 30.06
CA MET B 466 -12.97 24.26 31.46
C MET B 466 -12.03 25.03 32.39
N LEU B 467 -10.81 25.32 31.96
CA LEU B 467 -9.80 25.87 32.87
C LEU B 467 -9.69 27.39 32.80
N LYS C 25 -22.60 -25.41 -19.21
CA LYS C 25 -23.25 -26.66 -18.83
C LYS C 25 -23.46 -26.73 -17.33
N LYS C 26 -23.68 -27.94 -16.82
CA LYS C 26 -23.91 -28.17 -15.39
C LYS C 26 -22.67 -28.81 -14.78
N CYS C 27 -22.25 -28.28 -13.63
CA CYS C 27 -21.08 -28.79 -12.93
C CYS C 27 -21.52 -29.79 -11.86
N THR C 28 -20.85 -30.93 -11.82
CA THR C 28 -21.22 -31.99 -10.88
C THR C 28 -20.04 -32.47 -10.06
N THR C 29 -18.84 -32.45 -10.65
CA THR C 29 -17.66 -33.01 -10.04
C THR C 29 -16.56 -31.97 -9.93
N LYS C 30 -15.59 -32.22 -9.04
CA LYS C 30 -14.45 -31.34 -8.91
C LYS C 30 -13.64 -31.28 -10.21
N GLU C 31 -13.65 -32.37 -10.98
CA GLU C 31 -12.97 -32.36 -12.27
C GLU C 31 -13.69 -31.45 -13.27
N ASP C 32 -15.02 -31.39 -13.22
CA ASP C 32 -15.76 -30.47 -14.07
C ASP C 32 -15.35 -29.02 -13.81
N VAL C 33 -15.32 -28.64 -12.53
CA VAL C 33 -14.98 -27.27 -12.18
C VAL C 33 -13.55 -26.94 -12.61
N LEU C 34 -12.61 -27.86 -12.35
CA LEU C 34 -11.21 -27.57 -12.56
C LEU C 34 -10.90 -27.33 -14.04
N GLU C 35 -11.51 -28.11 -14.94
CA GLU C 35 -11.26 -27.89 -16.36
C GLU C 35 -11.95 -26.62 -16.86
N ALA C 36 -13.12 -26.30 -16.30
CA ALA C 36 -13.77 -25.04 -16.63
C ALA C 36 -12.93 -23.85 -16.21
N VAL C 37 -12.19 -23.99 -15.10
CA VAL C 37 -11.26 -22.95 -14.67
C VAL C 37 -10.19 -22.73 -15.73
N LYS C 38 -9.64 -23.82 -16.28
CA LYS C 38 -8.68 -23.70 -17.37
C LYS C 38 -9.33 -23.14 -18.63
N GLU C 39 -10.54 -23.62 -18.96
CA GLU C 39 -11.14 -23.29 -20.25
C GLU C 39 -11.65 -21.85 -20.31
N ARG C 40 -12.17 -21.33 -19.20
CA ARG C 40 -12.68 -19.96 -19.17
C ARG C 40 -11.69 -18.97 -18.57
N ASP C 41 -10.47 -19.42 -18.25
CA ASP C 41 -9.41 -18.56 -17.71
C ASP C 41 -9.85 -17.89 -16.41
N VAL C 42 -10.33 -18.69 -15.47
CA VAL C 42 -10.69 -18.20 -14.15
C VAL C 42 -9.44 -18.08 -13.30
N LYS C 43 -9.25 -16.90 -12.69
CA LYS C 43 -8.10 -16.66 -11.83
C LYS C 43 -8.44 -16.58 -10.36
N PHE C 44 -9.62 -16.09 -10.01
CA PHE C 44 -10.02 -15.90 -8.63
C PHE C 44 -11.33 -16.65 -8.36
N ILE C 45 -11.35 -17.42 -7.28
CA ILE C 45 -12.56 -18.06 -6.78
C ILE C 45 -12.94 -17.36 -5.48
N ARG C 46 -14.18 -16.87 -5.42
CA ARG C 46 -14.71 -16.26 -4.21
C ARG C 46 -15.68 -17.24 -3.56
N THR C 47 -15.44 -17.58 -2.30
CA THR C 47 -16.43 -18.33 -1.55
C THR C 47 -17.63 -17.45 -1.25
N GLN C 48 -18.76 -18.09 -0.94
CA GLN C 48 -19.99 -17.37 -0.67
C GLN C 48 -20.74 -18.05 0.46
N PHE C 49 -21.04 -17.30 1.51
CA PHE C 49 -21.84 -17.78 2.63
C PHE C 49 -22.40 -16.57 3.35
N THR C 50 -23.22 -16.83 4.37
CA THR C 50 -23.87 -15.78 5.13
C THR C 50 -23.68 -16.01 6.61
N ASP C 51 -23.73 -14.92 7.39
CA ASP C 51 -23.72 -15.03 8.83
C ASP C 51 -25.15 -15.19 9.33
N THR C 52 -25.33 -15.16 10.65
CA THR C 52 -26.65 -15.42 11.23
C THR C 52 -27.67 -14.40 10.76
N LEU C 53 -27.26 -13.15 10.58
CA LEU C 53 -28.18 -12.06 10.25
C LEU C 53 -28.36 -11.85 8.76
N GLY C 54 -27.75 -12.68 7.92
CA GLY C 54 -27.96 -12.59 6.48
C GLY C 54 -26.94 -11.77 5.71
N ILE C 55 -25.95 -11.19 6.39
CA ILE C 55 -24.90 -10.46 5.68
C ILE C 55 -24.09 -11.43 4.84
N ILE C 56 -23.85 -11.06 3.59
CA ILE C 56 -23.14 -11.93 2.65
C ILE C 56 -21.65 -11.92 2.97
N LYS C 57 -21.07 -13.12 3.13
CA LYS C 57 -19.69 -13.30 3.54
C LYS C 57 -18.91 -13.98 2.42
N SER C 58 -17.60 -13.71 2.35
CA SER C 58 -16.81 -14.17 1.23
C SER C 58 -15.33 -14.01 1.53
N TRP C 59 -14.51 -14.84 0.89
CA TRP C 59 -13.08 -14.58 0.78
C TRP C 59 -12.59 -15.14 -0.55
N ALA C 60 -11.45 -14.62 -1.00
CA ALA C 60 -10.93 -14.90 -2.33
C ALA C 60 -9.85 -15.98 -2.26
N ILE C 61 -9.92 -16.93 -3.18
CA ILE C 61 -8.97 -18.02 -3.29
C ILE C 61 -8.33 -17.94 -4.67
N PRO C 62 -7.01 -17.94 -4.79
CA PRO C 62 -6.39 -18.05 -6.12
C PRO C 62 -6.78 -19.36 -6.79
N ALA C 63 -7.00 -19.29 -8.11
CA ALA C 63 -7.50 -20.45 -8.83
C ALA C 63 -6.53 -21.63 -8.77
N GLU C 64 -5.23 -21.36 -8.61
CA GLU C 64 -4.25 -22.45 -8.58
C GLU C 64 -4.35 -23.28 -7.30
N GLN C 65 -4.95 -22.74 -6.24
CA GLN C 65 -5.15 -23.48 -5.00
C GLN C 65 -6.44 -24.30 -5.01
N LEU C 66 -7.21 -24.25 -6.11
CA LEU C 66 -8.52 -24.87 -6.12
C LEU C 66 -8.45 -26.39 -6.03
N GLU C 67 -7.38 -27.01 -6.56
CA GLU C 67 -7.26 -28.45 -6.48
C GLU C 67 -7.06 -28.91 -5.03
N GLU C 68 -6.17 -28.24 -4.30
CA GLU C 68 -5.97 -28.57 -2.90
C GLU C 68 -7.23 -28.30 -2.08
N ALA C 69 -7.99 -27.26 -2.44
CA ALA C 69 -9.21 -26.94 -1.72
C ALA C 69 -10.25 -28.04 -1.84
N PHE C 70 -10.35 -28.65 -3.02
CA PHE C 70 -11.32 -29.74 -3.21
C PHE C 70 -10.86 -30.98 -2.43
N GLU C 71 -9.55 -31.14 -2.31
CA GLU C 71 -9.01 -32.34 -1.66
C GLU C 71 -9.07 -32.26 -0.13
N ASN C 72 -8.74 -31.11 0.46
CA ASN C 72 -8.69 -31.08 1.95
C ASN C 72 -9.64 -30.07 2.57
N GLY C 73 -10.32 -29.24 1.79
CA GLY C 73 -11.12 -28.15 2.34
C GLY C 73 -10.26 -26.93 2.61
N VAL C 74 -10.91 -25.87 3.09
CA VAL C 74 -10.24 -24.60 3.36
C VAL C 74 -10.51 -24.21 4.80
N MET C 75 -9.45 -24.06 5.59
CA MET C 75 -9.59 -23.53 6.94
C MET C 75 -9.91 -22.04 6.89
N PHE C 76 -10.82 -21.62 7.77
CA PHE C 76 -11.18 -20.21 7.84
C PHE C 76 -11.74 -19.94 9.23
N ASP C 77 -11.87 -18.65 9.54
CA ASP C 77 -12.37 -18.21 10.84
C ASP C 77 -13.88 -18.33 10.83
N GLY C 78 -14.40 -19.40 11.43
CA GLY C 78 -15.83 -19.60 11.53
C GLY C 78 -16.53 -18.55 12.37
N SER C 79 -15.79 -17.75 13.14
CA SER C 79 -16.42 -16.68 13.90
C SER C 79 -17.04 -15.62 13.00
N SER C 80 -16.68 -15.61 11.71
CA SER C 80 -17.31 -14.73 10.73
C SER C 80 -18.80 -15.01 10.57
N ILE C 81 -19.25 -16.23 10.89
CA ILE C 81 -20.65 -16.58 10.76
C ILE C 81 -21.48 -16.04 11.93
N GLN C 82 -20.83 -15.69 13.05
CA GLN C 82 -21.58 -15.17 14.20
C GLN C 82 -22.25 -13.83 13.90
N GLY C 83 -21.68 -13.04 13.00
CA GLY C 83 -22.11 -11.66 12.86
C GLY C 83 -21.28 -10.75 13.74
N PHE C 84 -21.84 -9.59 14.07
CA PHE C 84 -21.11 -8.65 14.90
C PHE C 84 -21.14 -9.03 16.39
N THR C 85 -21.76 -10.15 16.75
CA THR C 85 -21.72 -10.67 18.11
C THR C 85 -20.59 -11.69 18.31
N ARG C 86 -19.56 -11.63 17.48
CA ARG C 86 -18.42 -12.53 17.61
C ARG C 86 -17.39 -11.92 18.56
N ILE C 87 -16.84 -12.75 19.44
CA ILE C 87 -15.85 -12.32 20.41
C ILE C 87 -14.57 -13.16 20.31
N GLU C 88 -14.70 -14.47 20.22
CA GLU C 88 -13.56 -15.37 20.09
C GLU C 88 -13.52 -15.97 18.67
N GLU C 89 -12.37 -16.52 18.32
CA GLU C 89 -12.19 -17.19 17.04
C GLU C 89 -12.62 -18.65 17.15
N SER C 90 -12.88 -19.26 16.00
CA SER C 90 -13.21 -20.68 15.93
C SER C 90 -12.75 -21.19 14.57
N ASP C 91 -11.72 -22.03 14.56
CA ASP C 91 -11.23 -22.59 13.31
C ASP C 91 -12.28 -23.54 12.74
N MET C 92 -12.58 -23.37 11.45
CA MET C 92 -13.59 -24.18 10.78
C MET C 92 -13.13 -24.49 9.37
N LYS C 93 -13.68 -25.57 8.81
CA LYS C 93 -13.28 -26.08 7.50
C LYS C 93 -14.46 -25.98 6.54
N LEU C 94 -14.22 -25.40 5.37
CA LEU C 94 -15.22 -25.30 4.31
C LEU C 94 -14.93 -26.36 3.26
N ALA C 95 -15.90 -27.25 3.03
CA ALA C 95 -15.80 -28.28 2.01
C ALA C 95 -16.55 -27.81 0.78
N LEU C 96 -15.82 -27.51 -0.29
CA LEU C 96 -16.42 -26.90 -1.47
C LEU C 96 -17.40 -27.85 -2.16
N ASP C 97 -18.52 -27.31 -2.61
CA ASP C 97 -19.51 -28.06 -3.36
C ASP C 97 -19.30 -27.78 -4.84
N PRO C 98 -18.81 -28.74 -5.63
CA PRO C 98 -18.53 -28.47 -7.04
C PRO C 98 -19.75 -28.06 -7.85
N SER C 99 -20.95 -28.49 -7.45
CA SER C 99 -22.15 -28.15 -8.19
C SER C 99 -22.57 -26.69 -8.01
N THR C 100 -22.05 -25.99 -7.01
CA THR C 100 -22.39 -24.60 -6.79
C THR C 100 -21.46 -23.63 -7.50
N PHE C 101 -20.47 -24.14 -8.24
CA PHE C 101 -19.53 -23.30 -8.95
C PHE C 101 -20.22 -22.55 -10.08
N ARG C 102 -20.03 -21.23 -10.11
CA ARG C 102 -20.66 -20.39 -11.13
C ARG C 102 -19.75 -19.20 -11.41
N ILE C 103 -19.62 -18.85 -12.69
CA ILE C 103 -18.76 -17.76 -13.12
C ILE C 103 -19.51 -16.44 -12.99
N LEU C 104 -18.90 -15.46 -12.34
CA LEU C 104 -19.55 -14.18 -12.09
C LEU C 104 -19.68 -13.38 -13.39
N PRO C 105 -20.76 -12.57 -13.52
CA PRO C 105 -21.06 -11.90 -14.78
C PRO C 105 -20.33 -10.56 -14.98
N TRP C 106 -19.03 -10.57 -14.71
CA TRP C 106 -18.18 -9.45 -15.10
C TRP C 106 -16.81 -9.99 -15.46
N ARG C 107 -16.17 -9.33 -16.43
CA ARG C 107 -14.94 -9.82 -17.04
C ARG C 107 -13.81 -8.85 -16.73
N PRO C 108 -13.07 -9.07 -15.65
CA PRO C 108 -11.95 -8.18 -15.32
C PRO C 108 -10.87 -8.24 -16.38
N ALA C 109 -9.90 -7.34 -16.23
CA ALA C 109 -8.83 -7.23 -17.23
C ALA C 109 -8.08 -8.54 -17.38
N THR C 110 -7.72 -9.18 -16.27
CA THR C 110 -6.89 -10.37 -16.26
C THR C 110 -7.66 -11.53 -15.63
N GLY C 111 -8.44 -12.23 -16.44
CA GLY C 111 -9.08 -13.46 -15.99
C GLY C 111 -10.46 -13.24 -15.41
N ALA C 112 -11.30 -14.27 -15.55
CA ALA C 112 -12.66 -14.24 -15.03
C ALA C 112 -12.67 -14.59 -13.55
N VAL C 113 -13.81 -14.33 -12.91
CA VAL C 113 -14.02 -14.63 -11.49
C VAL C 113 -15.23 -15.55 -11.37
N ALA C 114 -15.19 -16.41 -10.35
CA ALA C 114 -16.27 -17.35 -10.09
C ALA C 114 -16.51 -17.46 -8.60
N ARG C 115 -17.73 -17.85 -8.25
CA ARG C 115 -18.10 -18.10 -6.85
C ARG C 115 -18.39 -19.58 -6.64
N ILE C 116 -18.31 -19.99 -5.38
CA ILE C 116 -18.59 -21.37 -4.99
C ILE C 116 -19.07 -21.37 -3.55
N LEU C 117 -19.94 -22.31 -3.23
CA LEU C 117 -20.46 -22.51 -1.89
C LEU C 117 -19.93 -23.82 -1.33
N GLY C 118 -20.24 -24.08 -0.06
CA GLY C 118 -19.77 -25.31 0.55
C GLY C 118 -20.47 -25.55 1.87
N ASP C 119 -20.05 -26.62 2.53
CA ASP C 119 -20.56 -27.01 3.83
C ASP C 119 -19.48 -26.75 4.88
N VAL C 120 -19.89 -26.12 5.99
CA VAL C 120 -18.95 -25.74 7.05
C VAL C 120 -18.87 -26.87 8.06
N TYR C 121 -17.64 -27.28 8.39
CA TYR C 121 -17.40 -28.38 9.32
C TYR C 121 -16.53 -27.92 10.48
N LEU C 122 -16.82 -28.45 11.66
CA LEU C 122 -15.98 -28.23 12.82
C LEU C 122 -14.69 -29.04 12.70
N PRO C 123 -13.65 -28.66 13.44
CA PRO C 123 -12.40 -29.45 13.39
C PRO C 123 -12.58 -30.90 13.82
N ASP C 124 -13.57 -31.20 14.65
CA ASP C 124 -13.82 -32.58 15.05
C ASP C 124 -14.44 -33.42 13.94
N GLY C 125 -14.86 -32.81 12.83
CA GLY C 125 -15.44 -33.53 11.72
C GLY C 125 -16.94 -33.41 11.59
N ASN C 126 -17.64 -32.91 12.60
CA ASN C 126 -19.08 -32.75 12.53
C ASN C 126 -19.44 -31.47 11.77
N PRO C 127 -20.60 -31.46 11.10
CA PRO C 127 -21.06 -30.22 10.48
C PRO C 127 -21.33 -29.15 11.54
N PHE C 128 -20.99 -27.91 11.21
CA PHE C 128 -21.24 -26.79 12.11
C PHE C 128 -22.72 -26.42 12.05
N LYS C 129 -23.41 -26.52 13.18
CA LYS C 129 -24.86 -26.31 13.19
C LYS C 129 -25.23 -24.84 13.19
N GLY C 130 -24.27 -23.93 13.34
CA GLY C 130 -24.57 -22.51 13.33
C GLY C 130 -24.63 -21.88 11.94
N ASP C 131 -24.28 -22.64 10.91
CA ASP C 131 -24.36 -22.13 9.54
C ASP C 131 -25.83 -22.03 9.12
N PRO C 132 -26.30 -20.86 8.70
CA PRO C 132 -27.70 -20.77 8.24
C PRO C 132 -28.03 -21.71 7.10
N ARG C 133 -27.06 -21.98 6.21
CA ARG C 133 -27.30 -22.93 5.13
C ARG C 133 -27.55 -24.33 5.67
N TYR C 134 -26.83 -24.72 6.72
CA TYR C 134 -27.08 -26.00 7.37
C TYR C 134 -28.48 -26.04 7.97
N VAL C 135 -28.95 -24.90 8.51
CA VAL C 135 -30.28 -24.84 9.09
C VAL C 135 -31.33 -25.12 8.03
N LEU C 136 -31.19 -24.53 6.84
CA LEU C 136 -32.10 -24.83 5.75
C LEU C 136 -32.01 -26.29 5.33
N LYS C 137 -30.81 -26.87 5.36
CA LYS C 137 -30.64 -28.26 4.95
C LYS C 137 -31.39 -29.21 5.88
N THR C 138 -31.37 -28.94 7.19
CA THR C 138 -32.11 -29.79 8.13
C THR C 138 -33.61 -29.67 7.91
N ALA C 139 -34.09 -28.47 7.58
CA ALA C 139 -35.50 -28.30 7.24
C ALA C 139 -35.86 -29.06 5.97
N ILE C 140 -34.97 -29.03 4.97
CA ILE C 140 -35.14 -29.86 3.79
C ILE C 140 -35.18 -31.33 4.17
N LYS C 141 -34.31 -31.72 5.11
CA LYS C 141 -34.29 -33.10 5.58
C LYS C 141 -35.60 -33.48 6.24
N GLU C 142 -36.16 -32.57 7.05
CA GLU C 142 -37.44 -32.83 7.71
C GLU C 142 -38.55 -33.06 6.68
N ALA C 143 -38.57 -32.26 5.62
CA ALA C 143 -39.57 -32.43 4.58
C ALA C 143 -39.36 -33.73 3.81
N GLU C 144 -38.09 -34.11 3.59
CA GLU C 144 -37.81 -35.37 2.90
C GLU C 144 -38.29 -36.56 3.71
N LYS C 145 -38.13 -36.51 5.04
CA LYS C 145 -38.64 -37.57 5.90
C LYS C 145 -40.13 -37.79 5.68
N MET C 146 -40.86 -36.71 5.44
CA MET C 146 -42.28 -36.76 5.14
C MET C 146 -42.58 -36.99 3.67
N GLY C 147 -41.55 -37.11 2.83
CA GLY C 147 -41.77 -37.34 1.41
C GLY C 147 -42.02 -36.10 0.59
N PHE C 148 -41.69 -34.91 1.11
CA PHE C 148 -41.94 -33.66 0.41
C PHE C 148 -40.64 -32.98 0.04
N SER C 149 -40.68 -32.23 -1.06
CA SER C 149 -39.65 -31.25 -1.40
C SER C 149 -40.33 -29.90 -1.60
N MET C 150 -39.61 -28.84 -1.32
CA MET C 150 -40.17 -27.49 -1.34
C MET C 150 -39.57 -26.70 -2.49
N ASN C 151 -40.45 -26.14 -3.32
CA ASN C 151 -40.07 -25.23 -4.39
C ASN C 151 -40.42 -23.81 -3.99
N VAL C 152 -39.54 -22.86 -4.30
CA VAL C 152 -39.70 -21.48 -3.88
C VAL C 152 -39.41 -20.57 -5.07
N GLY C 153 -40.31 -19.62 -5.33
CA GLY C 153 -40.03 -18.54 -6.24
C GLY C 153 -40.22 -17.19 -5.57
N PRO C 154 -39.11 -16.51 -5.29
CA PRO C 154 -39.18 -15.22 -4.60
C PRO C 154 -39.25 -14.03 -5.55
N GLU C 155 -39.94 -13.00 -5.09
CA GLU C 155 -40.11 -11.75 -5.83
C GLU C 155 -39.32 -10.68 -5.10
N LEU C 156 -38.18 -10.28 -5.67
CA LEU C 156 -37.27 -9.34 -5.01
C LEU C 156 -37.46 -7.94 -5.56
N GLU C 157 -37.84 -7.02 -4.67
CA GLU C 157 -38.01 -5.61 -4.98
C GLU C 157 -36.83 -4.84 -4.42
N PHE C 158 -36.31 -3.89 -5.21
CA PHE C 158 -35.18 -3.07 -4.81
C PHE C 158 -35.36 -1.67 -5.38
N PHE C 159 -34.57 -0.74 -4.86
CA PHE C 159 -34.55 0.63 -5.32
C PHE C 159 -33.25 0.92 -6.06
N LEU C 160 -33.34 1.72 -7.11
CA LEU C 160 -32.18 2.15 -7.88
C LEU C 160 -31.99 3.64 -7.63
N PHE C 161 -30.99 3.97 -6.81
CA PHE C 161 -30.68 5.35 -6.46
C PHE C 161 -29.38 5.78 -7.14
N LYS C 162 -29.16 7.09 -7.20
CA LYS C 162 -27.89 7.58 -7.72
C LYS C 162 -26.88 7.76 -6.59
N LEU C 163 -25.62 7.84 -6.97
CA LEU C 163 -24.54 8.09 -6.05
C LEU C 163 -24.25 9.59 -5.97
N ASP C 164 -23.72 10.03 -4.83
CA ASP C 164 -23.36 11.43 -4.66
C ASP C 164 -22.01 11.70 -5.34
N ALA C 165 -21.43 12.88 -5.06
CA ALA C 165 -20.21 13.28 -5.73
C ALA C 165 -19.03 12.40 -5.36
N ASN C 166 -19.06 11.77 -4.19
CA ASN C 166 -17.97 10.93 -3.73
C ASN C 166 -18.23 9.44 -3.97
N GLY C 167 -19.24 9.11 -4.77
CA GLY C 167 -19.59 7.72 -5.00
C GLY C 167 -20.33 7.06 -3.87
N ASN C 168 -20.79 7.81 -2.87
CA ASN C 168 -21.49 7.26 -1.74
C ASN C 168 -22.97 7.05 -2.07
N PRO C 169 -23.60 6.04 -1.48
CA PRO C 169 -25.03 5.82 -1.70
C PRO C 169 -25.87 6.98 -1.18
N THR C 170 -26.97 7.25 -1.89
CA THR C 170 -27.99 8.18 -1.44
C THR C 170 -29.35 7.55 -1.68
N THR C 171 -30.41 8.28 -1.32
CA THR C 171 -31.76 7.90 -1.67
C THR C 171 -32.35 8.79 -2.77
N GLU C 172 -31.50 9.50 -3.48
CA GLU C 172 -31.97 10.40 -4.53
C GLU C 172 -32.35 9.63 -5.79
N LEU C 173 -33.50 10.01 -6.35
CA LEU C 173 -34.24 9.17 -7.29
C LEU C 173 -33.61 9.16 -8.67
N THR C 174 -33.86 8.07 -9.40
CA THR C 174 -33.45 7.93 -10.78
C THR C 174 -34.60 8.04 -11.78
N ASP C 175 -35.84 7.89 -11.33
CA ASP C 175 -37.01 8.10 -12.17
C ASP C 175 -38.21 8.38 -11.28
N GLN C 176 -39.30 8.82 -11.90
CA GLN C 176 -40.57 9.05 -11.21
C GLN C 176 -41.66 8.08 -11.67
N GLY C 177 -41.27 6.94 -12.22
CA GLY C 177 -42.24 6.02 -12.79
C GLY C 177 -43.03 5.28 -11.74
N GLY C 178 -44.07 4.59 -12.20
CA GLY C 178 -44.93 3.81 -11.32
C GLY C 178 -45.01 2.35 -11.67
N TYR C 179 -46.09 1.69 -11.23
CA TYR C 179 -46.22 0.24 -11.35
C TYR C 179 -46.21 -0.19 -12.82
N PHE C 180 -45.24 -1.03 -13.17
CA PHE C 180 -45.06 -1.60 -14.51
C PHE C 180 -44.75 -0.53 -15.57
N ASP C 181 -44.34 0.66 -15.14
CA ASP C 181 -43.96 1.70 -16.10
C ASP C 181 -42.75 1.26 -16.89
N PHE C 182 -42.71 1.65 -18.17
CA PHE C 182 -41.47 1.55 -18.95
C PHE C 182 -40.59 2.73 -18.56
N ALA C 183 -39.86 2.56 -17.47
CA ALA C 183 -38.98 3.60 -16.95
C ALA C 183 -37.87 2.93 -16.16
N PRO C 184 -36.70 3.55 -16.03
CA PRO C 184 -36.29 4.84 -16.62
C PRO C 184 -35.99 4.72 -18.11
N LEU C 185 -36.00 5.83 -18.85
CA LEU C 185 -35.67 5.84 -20.26
C LEU C 185 -34.38 6.59 -20.55
N ASP C 186 -33.69 7.08 -19.53
CA ASP C 186 -32.38 7.72 -19.66
C ASP C 186 -31.30 6.65 -19.49
N LEU C 187 -30.06 7.07 -19.18
CA LEU C 187 -28.97 6.13 -18.94
C LEU C 187 -29.34 5.05 -17.94
N GLY C 188 -30.28 5.33 -17.03
CA GLY C 188 -30.78 4.31 -16.13
C GLY C 188 -31.45 3.15 -16.84
N GLN C 189 -31.98 3.39 -18.04
CA GLN C 189 -32.50 2.29 -18.85
C GLN C 189 -31.42 1.27 -19.14
N ASP C 190 -30.17 1.71 -19.30
CA ASP C 190 -29.09 0.80 -19.62
C ASP C 190 -28.65 -0.03 -18.42
N VAL C 191 -28.58 0.58 -17.23
CA VAL C 191 -28.18 -0.19 -16.05
C VAL C 191 -29.24 -1.22 -15.68
N ARG C 192 -30.52 -0.85 -15.81
CA ARG C 192 -31.59 -1.82 -15.57
C ARG C 192 -31.46 -3.00 -16.52
N ARG C 193 -31.19 -2.72 -17.80
CA ARG C 193 -30.96 -3.79 -18.77
C ARG C 193 -29.71 -4.58 -18.44
N ASP C 194 -28.65 -3.91 -17.98
CA ASP C 194 -27.41 -4.59 -17.64
C ASP C 194 -27.61 -5.57 -16.49
N ILE C 195 -28.45 -5.19 -15.51
CA ILE C 195 -28.72 -6.08 -14.38
C ILE C 195 -29.45 -7.33 -14.87
N ASP C 196 -30.46 -7.16 -15.72
CA ASP C 196 -31.21 -8.30 -16.22
C ASP C 196 -30.31 -9.23 -17.03
N TYR C 197 -29.43 -8.66 -17.87
CA TYR C 197 -28.56 -9.47 -18.71
C TYR C 197 -27.50 -10.20 -17.89
N ALA C 198 -27.02 -9.59 -16.81
CA ALA C 198 -26.04 -10.24 -15.96
C ALA C 198 -26.62 -11.49 -15.29
N LEU C 199 -27.86 -11.39 -14.80
CA LEU C 199 -28.49 -12.54 -14.16
C LEU C 199 -28.72 -13.66 -15.16
N GLU C 200 -29.08 -13.33 -16.39
CA GLU C 200 -29.26 -14.35 -17.42
C GLU C 200 -27.93 -14.98 -17.81
N HIS C 201 -26.84 -14.21 -17.79
CA HIS C 201 -25.51 -14.76 -18.03
C HIS C 201 -25.15 -15.83 -17.00
N MET C 202 -25.64 -15.68 -15.77
CA MET C 202 -25.35 -16.61 -14.69
C MET C 202 -26.29 -17.82 -14.69
N GLY C 203 -27.25 -17.89 -15.60
CA GLY C 203 -28.19 -18.99 -15.62
C GLY C 203 -29.33 -18.87 -14.63
N PHE C 204 -29.67 -17.65 -14.21
CA PHE C 204 -30.75 -17.46 -13.25
C PHE C 204 -32.10 -17.86 -13.83
N GLN C 205 -32.32 -17.58 -15.12
CA GLN C 205 -33.61 -17.82 -15.78
C GLN C 205 -34.74 -17.05 -15.09
N ILE C 206 -34.62 -15.72 -15.16
CA ILE C 206 -35.61 -14.83 -14.59
C ILE C 206 -36.97 -15.07 -15.24
N GLU C 207 -38.03 -14.98 -14.44
CA GLU C 207 -39.37 -15.05 -15.00
C GLU C 207 -39.83 -13.69 -15.52
N ALA C 208 -39.66 -12.64 -14.72
CA ALA C 208 -40.05 -11.30 -15.14
C ALA C 208 -39.22 -10.27 -14.40
N SER C 209 -39.11 -9.09 -15.01
CA SER C 209 -38.49 -7.92 -14.40
C SER C 209 -39.28 -6.70 -14.82
N HIS C 210 -39.59 -5.83 -13.85
CA HIS C 210 -40.48 -4.71 -14.13
C HIS C 210 -40.31 -3.64 -13.06
N HIS C 211 -40.88 -2.47 -13.34
CA HIS C 211 -40.90 -1.37 -12.39
C HIS C 211 -41.97 -1.60 -11.33
N GLU C 212 -41.65 -1.23 -10.09
CA GLU C 212 -42.59 -1.39 -8.99
C GLU C 212 -43.32 -0.06 -8.73
N VAL C 213 -44.08 -0.03 -7.63
CA VAL C 213 -45.02 1.07 -7.40
C VAL C 213 -44.29 2.37 -7.09
N ALA C 214 -43.30 2.32 -6.22
CA ALA C 214 -42.61 3.53 -5.81
C ALA C 214 -41.69 4.04 -6.92
N PRO C 215 -41.39 5.34 -6.93
CA PRO C 215 -40.40 5.84 -7.89
C PRO C 215 -39.05 5.18 -7.66
N SER C 216 -38.36 4.87 -8.76
CA SER C 216 -37.05 4.24 -8.76
C SER C 216 -37.06 2.84 -8.14
N GLN C 217 -38.23 2.23 -7.99
CA GLN C 217 -38.35 0.90 -7.41
C GLN C 217 -38.55 -0.13 -8.51
N HIS C 218 -37.85 -1.26 -8.40
CA HIS C 218 -37.84 -2.29 -9.42
C HIS C 218 -38.05 -3.64 -8.77
N GLU C 219 -38.49 -4.60 -9.58
CA GLU C 219 -38.74 -5.96 -9.11
C GLU C 219 -38.22 -6.96 -10.13
N ILE C 220 -37.61 -8.03 -9.63
CA ILE C 220 -37.19 -9.16 -10.46
C ILE C 220 -37.74 -10.43 -9.84
N ASP C 221 -38.43 -11.22 -10.64
CA ASP C 221 -39.06 -12.45 -10.18
C ASP C 221 -38.22 -13.65 -10.60
N PHE C 222 -37.87 -14.49 -9.64
CA PHE C 222 -37.03 -15.65 -9.88
C PHE C 222 -37.84 -16.79 -10.50
N ARG C 223 -37.12 -17.72 -11.12
CA ARG C 223 -37.74 -18.96 -11.55
C ARG C 223 -38.18 -19.76 -10.32
N PHE C 224 -39.24 -20.53 -10.50
CA PHE C 224 -39.78 -21.37 -9.43
C PHE C 224 -38.96 -22.66 -9.37
N GLY C 225 -38.14 -22.82 -8.33
CA GLY C 225 -37.22 -23.93 -8.28
C GLY C 225 -36.97 -24.42 -6.86
N ASP C 226 -36.05 -25.37 -6.75
CA ASP C 226 -35.73 -25.99 -5.48
C ASP C 226 -35.29 -24.94 -4.46
N VAL C 227 -35.70 -25.14 -3.20
CA VAL C 227 -35.52 -24.11 -2.18
C VAL C 227 -34.04 -23.86 -1.89
N LEU C 228 -33.22 -24.92 -1.83
CA LEU C 228 -31.81 -24.73 -1.53
C LEU C 228 -31.12 -23.95 -2.65
N CYS C 229 -31.41 -24.30 -3.91
CA CYS C 229 -30.86 -23.56 -5.03
C CYS C 229 -31.34 -22.12 -5.04
N THR C 230 -32.62 -21.90 -4.73
CA THR C 230 -33.17 -20.56 -4.76
C THR C 230 -32.54 -19.67 -3.69
N ALA C 231 -32.37 -20.20 -2.48
CA ALA C 231 -31.78 -19.40 -1.40
C ALA C 231 -30.34 -19.02 -1.74
N ASP C 232 -29.58 -19.93 -2.35
CA ASP C 232 -28.24 -19.61 -2.82
C ASP C 232 -28.28 -18.47 -3.83
N ASN C 233 -29.30 -18.46 -4.71
CA ASN C 233 -29.40 -17.45 -5.74
C ASN C 233 -29.79 -16.09 -5.17
N VAL C 234 -30.62 -16.06 -4.12
CA VAL C 234 -31.00 -14.79 -3.51
C VAL C 234 -29.77 -14.08 -2.98
N VAL C 235 -28.88 -14.82 -2.31
CA VAL C 235 -27.63 -14.25 -1.82
C VAL C 235 -26.78 -13.76 -2.98
N THR C 236 -26.62 -14.60 -4.01
CA THR C 236 -25.84 -14.20 -5.17
C THR C 236 -26.46 -12.98 -5.86
N PHE C 237 -27.79 -12.97 -5.96
CA PHE C 237 -28.49 -11.86 -6.59
C PHE C 237 -28.11 -10.52 -5.99
N LYS C 238 -27.98 -10.48 -4.66
CA LYS C 238 -27.84 -9.19 -3.98
C LYS C 238 -26.52 -8.51 -4.34
N TYR C 239 -25.39 -9.21 -4.22
CA TYR C 239 -24.13 -8.55 -4.53
C TYR C 239 -23.87 -8.44 -6.03
N VAL C 240 -24.48 -9.31 -6.85
CA VAL C 240 -24.35 -9.17 -8.28
C VAL C 240 -25.04 -7.89 -8.75
N VAL C 241 -26.26 -7.65 -8.29
CA VAL C 241 -26.98 -6.45 -8.67
C VAL C 241 -26.27 -5.21 -8.15
N LYS C 242 -25.81 -5.24 -6.90
CA LYS C 242 -25.12 -4.09 -6.33
C LYS C 242 -23.85 -3.76 -7.10
N SER C 243 -23.06 -4.79 -7.44
CA SER C 243 -21.81 -4.55 -8.15
C SER C 243 -22.07 -4.01 -9.55
N ILE C 244 -23.06 -4.55 -10.26
CA ILE C 244 -23.35 -4.09 -11.61
C ILE C 244 -23.82 -2.63 -11.59
N ALA C 245 -24.71 -2.30 -10.66
CA ALA C 245 -25.18 -0.93 -10.54
C ALA C 245 -24.05 0.02 -10.14
N TYR C 246 -23.23 -0.38 -9.16
CA TYR C 246 -22.12 0.45 -8.72
C TYR C 246 -21.21 0.83 -9.89
N HIS C 247 -20.81 -0.16 -10.68
CA HIS C 247 -19.91 0.08 -11.80
C HIS C 247 -20.56 0.87 -12.93
N LYS C 248 -21.82 1.22 -12.80
CA LYS C 248 -22.49 2.12 -13.74
C LYS C 248 -22.86 3.45 -13.11
N GLY C 249 -22.49 3.69 -11.86
CA GLY C 249 -22.75 4.95 -11.20
C GLY C 249 -24.06 5.01 -10.43
N TYR C 250 -24.69 3.88 -10.16
CA TYR C 250 -25.96 3.84 -9.44
C TYR C 250 -25.81 2.99 -8.19
N TYR C 251 -26.83 3.03 -7.34
CA TYR C 251 -26.86 2.23 -6.13
C TYR C 251 -28.16 1.43 -6.07
N ALA C 252 -28.03 0.12 -5.84
CA ALA C 252 -29.18 -0.76 -5.66
C ALA C 252 -29.39 -0.99 -4.17
N SER C 253 -30.57 -0.62 -3.69
CA SER C 253 -30.89 -0.67 -2.27
C SER C 253 -31.90 -1.76 -1.99
N PHE C 254 -31.60 -2.62 -1.02
CA PHE C 254 -32.54 -3.62 -0.54
C PHE C 254 -33.10 -3.26 0.83
N MET C 255 -33.03 -2.00 1.20
CA MET C 255 -33.69 -1.54 2.41
C MET C 255 -35.19 -1.79 2.30
N PRO C 256 -35.84 -2.26 3.38
CA PRO C 256 -37.29 -2.43 3.31
C PRO C 256 -38.05 -1.14 3.03
N LYS C 257 -37.57 -0.01 3.57
CA LYS C 257 -38.30 1.26 3.47
C LYS C 257 -37.30 2.40 3.51
N PRO C 258 -36.65 2.69 2.37
CA PRO C 258 -35.67 3.79 2.36
C PRO C 258 -36.30 5.16 2.31
N LEU C 259 -37.59 5.27 1.95
CA LEU C 259 -38.24 6.56 1.77
C LEU C 259 -39.62 6.54 2.44
N PHE C 260 -39.95 7.62 3.13
CA PHE C 260 -41.27 7.77 3.70
C PHE C 260 -42.28 8.20 2.64
N GLY C 261 -43.52 7.72 2.80
CA GLY C 261 -44.61 8.14 1.95
C GLY C 261 -44.80 7.34 0.68
N VAL C 262 -43.87 6.44 0.36
CA VAL C 262 -43.98 5.59 -0.81
C VAL C 262 -43.86 4.14 -0.37
N ASN C 263 -44.09 3.23 -1.32
CA ASN C 263 -44.06 1.81 -1.03
C ASN C 263 -42.69 1.37 -0.52
N GLY C 264 -42.70 0.31 0.29
CA GLY C 264 -41.47 -0.36 0.67
C GLY C 264 -41.15 -1.51 -0.27
N SER C 265 -40.05 -2.19 0.02
CA SER C 265 -39.60 -3.33 -0.75
C SER C 265 -39.80 -4.60 0.07
N GLY C 266 -40.56 -5.55 -0.47
CA GLY C 266 -40.75 -6.84 0.15
C GLY C 266 -40.08 -7.94 -0.66
N MET C 267 -40.11 -9.13 -0.10
CA MET C 267 -39.69 -10.34 -0.80
C MET C 267 -40.81 -11.36 -0.65
N HIS C 268 -41.80 -11.26 -1.54
CA HIS C 268 -42.88 -12.24 -1.55
C HIS C 268 -42.31 -13.62 -1.85
N SER C 269 -42.74 -14.61 -1.09
CA SER C 269 -42.21 -15.97 -1.20
C SER C 269 -43.35 -16.89 -1.63
N ASN C 270 -43.46 -17.09 -2.94
CA ASN C 270 -44.31 -18.15 -3.45
C ASN C 270 -43.66 -19.49 -3.15
N GLN C 271 -44.43 -20.43 -2.61
CA GLN C 271 -43.89 -21.72 -2.22
C GLN C 271 -44.89 -22.82 -2.55
N SER C 272 -44.36 -24.04 -2.67
CA SER C 272 -45.15 -25.20 -3.01
C SER C 272 -44.44 -26.44 -2.51
N LEU C 273 -45.21 -27.48 -2.24
CA LEU C 273 -44.66 -28.79 -1.87
C LEU C 273 -44.91 -29.77 -2.99
N PHE C 274 -43.92 -30.63 -3.24
CA PHE C 274 -44.02 -31.65 -4.27
C PHE C 274 -43.75 -33.01 -3.67
N LYS C 275 -44.57 -33.99 -4.04
CA LYS C 275 -44.38 -35.38 -3.62
C LYS C 275 -44.00 -36.17 -4.88
N ASP C 276 -42.71 -36.13 -5.21
CA ASP C 276 -42.13 -36.85 -6.34
C ASP C 276 -42.92 -36.59 -7.63
N GLY C 277 -42.89 -35.33 -8.05
CA GLY C 277 -43.41 -34.91 -9.33
C GLY C 277 -44.79 -34.31 -9.30
N LYS C 278 -45.55 -34.53 -8.23
CA LYS C 278 -46.91 -34.01 -8.10
C LYS C 278 -46.94 -32.88 -7.09
N ASN C 279 -47.60 -31.79 -7.45
CA ASN C 279 -47.82 -30.68 -6.53
C ASN C 279 -48.90 -31.09 -5.53
N VAL C 280 -48.52 -31.22 -4.25
CA VAL C 280 -49.46 -31.69 -3.25
C VAL C 280 -50.46 -30.62 -2.84
N PHE C 281 -50.26 -29.37 -3.27
CA PHE C 281 -51.22 -28.31 -2.98
C PHE C 281 -52.40 -28.32 -3.95
N TYR C 282 -52.29 -29.03 -5.07
CA TYR C 282 -53.36 -29.07 -6.05
C TYR C 282 -54.28 -30.25 -5.77
N ASP C 283 -55.58 -30.02 -5.95
CA ASP C 283 -56.60 -31.06 -5.83
C ASP C 283 -57.74 -30.73 -6.78
N PRO C 284 -57.87 -31.46 -7.89
CA PRO C 284 -58.92 -31.13 -8.86
C PRO C 284 -60.33 -31.24 -8.33
N ASP C 285 -60.56 -32.03 -7.28
CA ASP C 285 -61.92 -32.35 -6.84
C ASP C 285 -62.49 -31.38 -5.81
N THR C 286 -61.67 -30.51 -5.21
CA THR C 286 -62.22 -29.52 -4.29
C THR C 286 -62.68 -28.28 -5.05
N PRO C 287 -63.63 -27.52 -4.48
CA PRO C 287 -64.12 -26.32 -5.19
C PRO C 287 -63.02 -25.30 -5.47
N THR C 288 -62.22 -24.95 -4.46
CA THR C 288 -61.11 -24.02 -4.67
C THR C 288 -59.95 -24.66 -5.42
N LYS C 289 -59.98 -25.96 -5.65
CA LYS C 289 -58.92 -26.73 -6.28
C LYS C 289 -57.63 -26.75 -5.46
N LEU C 290 -57.71 -26.38 -4.19
CA LEU C 290 -56.62 -26.55 -3.24
C LEU C 290 -56.88 -27.79 -2.40
N SER C 291 -55.81 -28.51 -2.08
CA SER C 291 -55.93 -29.74 -1.32
C SER C 291 -56.08 -29.45 0.18
N GLN C 292 -56.38 -30.51 0.94
CA GLN C 292 -56.43 -30.39 2.38
C GLN C 292 -55.08 -30.01 2.96
N ASP C 293 -54.01 -30.61 2.44
CA ASP C 293 -52.68 -30.36 2.98
C ASP C 293 -52.24 -28.92 2.71
N ALA C 294 -52.68 -28.33 1.60
CA ALA C 294 -52.42 -26.91 1.37
C ALA C 294 -53.11 -26.06 2.43
N MET C 295 -54.32 -26.44 2.83
CA MET C 295 -55.00 -25.74 3.92
C MET C 295 -54.23 -25.88 5.22
N TYR C 296 -53.74 -27.09 5.51
CA TYR C 296 -52.97 -27.30 6.75
C TYR C 296 -51.65 -26.55 6.71
N TYR C 297 -50.99 -26.52 5.55
CA TYR C 297 -49.74 -25.77 5.40
C TYR C 297 -49.95 -24.30 5.71
N ILE C 298 -51.06 -23.73 5.24
CA ILE C 298 -51.40 -22.34 5.56
C ILE C 298 -51.67 -22.21 7.06
N GLY C 299 -52.36 -23.18 7.65
CA GLY C 299 -52.66 -23.10 9.07
C GLY C 299 -51.41 -23.05 9.93
N GLY C 300 -50.44 -23.92 9.63
CA GLY C 300 -49.20 -23.89 10.37
C GLY C 300 -48.42 -22.61 10.17
N LEU C 301 -48.45 -22.07 8.94
CA LEU C 301 -47.81 -20.79 8.67
C LEU C 301 -48.45 -19.67 9.46
N LEU C 302 -49.79 -19.62 9.51
CA LEU C 302 -50.47 -18.59 10.27
C LEU C 302 -50.24 -18.74 11.77
N LYS C 303 -50.18 -19.97 12.25
CA LYS C 303 -50.03 -20.22 13.67
C LYS C 303 -48.69 -19.73 14.20
N HIS C 304 -47.66 -19.73 13.36
CA HIS C 304 -46.29 -19.46 13.80
C HIS C 304 -45.69 -18.17 13.26
N ILE C 305 -46.37 -17.46 12.36
CA ILE C 305 -45.73 -16.34 11.66
C ILE C 305 -45.33 -15.23 12.64
N ARG C 306 -46.14 -15.01 13.68
CA ARG C 306 -45.76 -14.04 14.69
C ARG C 306 -44.44 -14.41 15.36
N GLU C 307 -44.16 -15.70 15.46
CA GLU C 307 -43.01 -16.18 16.23
C GLU C 307 -41.70 -15.99 15.50
N PHE C 308 -41.70 -15.83 14.17
CA PHE C 308 -40.45 -15.63 13.45
C PHE C 308 -40.54 -14.48 12.46
N THR C 309 -41.40 -13.48 12.76
CA THR C 309 -41.37 -12.23 12.02
C THR C 309 -40.02 -11.54 12.16
N ALA C 310 -39.36 -11.72 13.30
CA ALA C 310 -38.02 -11.17 13.49
C ALA C 310 -37.02 -11.73 12.50
N VAL C 311 -37.31 -12.90 11.92
CA VAL C 311 -36.44 -13.46 10.89
C VAL C 311 -36.84 -12.96 9.49
N THR C 312 -38.14 -12.94 9.20
CA THR C 312 -38.60 -12.44 7.90
C THR C 312 -38.42 -10.93 7.80
N ASN C 313 -38.46 -10.22 8.93
CA ASN C 313 -38.37 -8.76 8.97
C ASN C 313 -37.35 -8.39 10.04
N PRO C 314 -36.06 -8.50 9.72
CA PRO C 314 -35.02 -8.54 10.76
C PRO C 314 -34.43 -7.21 11.21
N VAL C 315 -34.70 -6.10 10.53
CA VAL C 315 -34.06 -4.83 10.91
C VAL C 315 -35.13 -3.87 11.39
N VAL C 316 -34.68 -2.82 12.07
CA VAL C 316 -35.59 -1.80 12.57
C VAL C 316 -36.39 -1.20 11.43
N ASN C 317 -35.74 -0.94 10.30
CA ASN C 317 -36.41 -0.36 9.15
C ASN C 317 -37.50 -1.26 8.59
N SER C 318 -37.44 -2.57 8.88
CA SER C 318 -38.45 -3.49 8.36
C SER C 318 -39.86 -3.10 8.80
N TYR C 319 -39.99 -2.54 10.00
CA TYR C 319 -41.28 -2.23 10.57
C TYR C 319 -41.75 -0.82 10.24
N LYS C 320 -40.96 -0.07 9.48
CA LYS C 320 -41.51 1.10 8.78
C LYS C 320 -42.20 0.69 7.49
N ARG C 321 -41.95 -0.52 6.99
CA ARG C 321 -42.71 -1.05 5.86
C ARG C 321 -44.01 -1.68 6.33
N LEU C 322 -43.98 -2.34 7.50
CA LEU C 322 -45.17 -3.00 8.06
C LEU C 322 -46.01 -1.97 8.81
N VAL C 323 -46.57 -1.04 8.05
CA VAL C 323 -47.52 -0.05 8.57
C VAL C 323 -48.73 -0.04 7.64
N PRO C 324 -49.92 0.30 8.14
CA PRO C 324 -51.11 0.27 7.28
C PRO C 324 -51.04 1.29 6.17
N GLY C 325 -51.55 0.92 5.00
CA GLY C 325 -51.77 1.84 3.91
C GLY C 325 -50.85 1.73 2.71
N TYR C 326 -50.05 0.67 2.60
CA TYR C 326 -49.12 0.57 1.47
C TYR C 326 -49.05 -0.82 0.85
N GLU C 327 -50.06 -1.66 1.06
CA GLU C 327 -50.15 -3.01 0.50
C GLU C 327 -49.11 -3.95 1.10
N ALA C 328 -48.35 -3.50 2.10
CA ALA C 328 -47.60 -4.46 2.89
C ALA C 328 -48.53 -5.05 3.96
N PRO C 329 -48.47 -6.36 4.19
CA PRO C 329 -49.41 -6.98 5.12
C PRO C 329 -49.09 -6.65 6.57
N VAL C 330 -50.13 -6.32 7.32
CA VAL C 330 -49.99 -5.94 8.72
C VAL C 330 -50.78 -6.92 9.58
N TYR C 331 -51.85 -7.47 9.01
CA TYR C 331 -52.76 -8.35 9.72
C TYR C 331 -52.56 -9.79 9.24
N ILE C 332 -52.84 -10.73 10.13
CA ILE C 332 -52.58 -12.15 9.91
C ILE C 332 -53.85 -12.77 9.37
N SER C 333 -53.87 -13.08 8.08
CA SER C 333 -55.03 -13.69 7.44
C SER C 333 -54.57 -14.29 6.11
N TRP C 334 -55.50 -15.02 5.48
CA TRP C 334 -55.26 -15.59 4.16
C TRP C 334 -56.50 -15.37 3.30
N SER C 335 -56.30 -15.36 1.99
CA SER C 335 -57.39 -15.20 1.05
C SER C 335 -56.93 -15.67 -0.32
N ALA C 336 -57.92 -15.95 -1.19
CA ALA C 336 -57.67 -16.31 -2.57
C ALA C 336 -57.93 -15.16 -3.54
N GLN C 337 -58.61 -14.11 -3.09
CA GLN C 337 -58.99 -12.99 -3.96
C GLN C 337 -58.27 -11.71 -3.58
N ASN C 338 -58.36 -11.29 -2.32
CA ASN C 338 -57.69 -10.09 -1.87
C ASN C 338 -56.18 -10.31 -1.88
N ARG C 339 -55.46 -9.37 -2.50
CA ARG C 339 -54.01 -9.47 -2.55
C ARG C 339 -53.35 -9.02 -1.25
N SER C 340 -53.97 -8.08 -0.54
CA SER C 340 -53.35 -7.47 0.63
C SER C 340 -53.43 -8.35 1.87
N SER C 341 -53.72 -9.63 1.71
CA SER C 341 -53.66 -10.57 2.81
C SER C 341 -52.20 -10.98 3.08
N LEU C 342 -51.97 -11.50 4.29
CA LEU C 342 -50.64 -11.99 4.64
C LEU C 342 -50.24 -13.15 3.74
N ILE C 343 -51.17 -14.07 3.50
CA ILE C 343 -50.96 -15.21 2.61
C ILE C 343 -51.97 -15.11 1.47
N ARG C 344 -51.45 -15.10 0.24
CA ARG C 344 -52.27 -15.03 -0.95
C ARG C 344 -52.16 -16.33 -1.72
N ILE C 345 -53.26 -16.77 -2.33
CA ILE C 345 -53.27 -17.91 -3.23
C ILE C 345 -53.41 -17.37 -4.65
N PRO C 346 -52.37 -17.44 -5.48
CA PRO C 346 -52.53 -17.06 -6.89
C PRO C 346 -53.54 -17.96 -7.59
N ALA C 347 -54.01 -17.46 -8.74
CA ALA C 347 -55.08 -18.16 -9.45
C ALA C 347 -54.61 -19.46 -10.08
N THR C 348 -53.33 -19.56 -10.41
CA THR C 348 -52.81 -20.71 -11.16
C THR C 348 -53.02 -22.01 -10.39
N ARG C 349 -53.33 -23.08 -11.12
CA ARG C 349 -53.60 -24.37 -10.50
C ARG C 349 -52.74 -25.45 -11.14
N GLY C 350 -53.03 -26.71 -10.83
CA GLY C 350 -52.25 -27.80 -11.39
C GLY C 350 -50.84 -27.80 -10.82
N ASN C 351 -49.84 -27.95 -11.69
CA ASN C 351 -48.47 -28.01 -11.23
C ASN C 351 -48.00 -26.70 -10.63
N GLY C 352 -48.53 -25.58 -11.12
CA GLY C 352 -48.13 -24.26 -10.66
C GLY C 352 -48.87 -23.77 -9.43
N THR C 353 -49.62 -24.63 -8.75
CA THR C 353 -50.32 -24.24 -7.54
C THR C 353 -49.30 -23.87 -6.47
N ARG C 354 -49.52 -22.72 -5.83
CA ARG C 354 -48.59 -22.22 -4.83
C ARG C 354 -49.34 -21.32 -3.87
N ILE C 355 -48.71 -21.06 -2.72
CA ILE C 355 -49.18 -20.04 -1.80
C ILE C 355 -48.07 -19.02 -1.65
N GLU C 356 -48.46 -17.76 -1.41
CA GLU C 356 -47.51 -16.65 -1.38
C GLU C 356 -47.58 -15.96 -0.03
N LEU C 357 -46.46 -15.92 0.67
CA LEU C 357 -46.33 -15.19 1.93
C LEU C 357 -45.66 -13.86 1.63
N ARG C 358 -46.33 -12.76 2.00
CA ARG C 358 -45.97 -11.44 1.48
C ARG C 358 -45.32 -10.54 2.53
N CYS C 359 -45.12 -11.00 3.75
CA CYS C 359 -44.49 -10.17 4.78
C CYS C 359 -42.98 -10.01 4.68
N PRO C 360 -42.19 -10.99 4.21
CA PRO C 360 -40.73 -10.83 4.27
C PRO C 360 -40.23 -9.70 3.39
N ASP C 361 -39.10 -9.11 3.80
CA ASP C 361 -38.40 -8.10 3.04
C ASP C 361 -37.03 -8.62 2.60
N PRO C 362 -36.38 -7.95 1.63
CA PRO C 362 -35.10 -8.47 1.13
C PRO C 362 -33.93 -8.32 2.10
N ALA C 363 -34.18 -7.82 3.31
CA ALA C 363 -33.13 -7.78 4.32
C ALA C 363 -33.00 -9.08 5.09
N CYS C 364 -33.95 -10.01 4.94
CA CYS C 364 -33.95 -11.24 5.72
C CYS C 364 -32.94 -12.23 5.17
N ASN C 365 -32.49 -13.12 6.05
CA ASN C 365 -31.65 -14.24 5.67
C ASN C 365 -32.52 -15.27 4.95
N PRO C 366 -32.34 -15.48 3.64
CA PRO C 366 -33.22 -16.42 2.94
C PRO C 366 -33.11 -17.85 3.44
N TYR C 367 -31.96 -18.23 3.99
CA TYR C 367 -31.81 -19.58 4.53
C TYR C 367 -32.71 -19.78 5.75
N LEU C 368 -32.64 -18.86 6.72
CA LEU C 368 -33.47 -18.98 7.91
C LEU C 368 -34.94 -18.76 7.59
N ALA C 369 -35.23 -17.78 6.73
CA ALA C 369 -36.63 -17.46 6.42
C ALA C 369 -37.32 -18.62 5.73
N PHE C 370 -36.67 -19.21 4.72
CA PHE C 370 -37.27 -20.34 4.03
C PHE C 370 -37.38 -21.56 4.93
N ALA C 371 -36.38 -21.77 5.78
CA ALA C 371 -36.40 -22.93 6.68
C ALA C 371 -37.58 -22.85 7.65
N LEU C 372 -37.82 -21.67 8.24
CA LEU C 372 -38.92 -21.54 9.18
C LEU C 372 -40.27 -21.60 8.49
N MET C 373 -40.36 -21.06 7.27
CA MET C 373 -41.58 -21.19 6.49
C MET C 373 -41.90 -22.67 6.25
N LEU C 374 -40.90 -23.44 5.84
CA LEU C 374 -41.09 -24.86 5.56
C LEU C 374 -41.52 -25.61 6.82
N ARG C 375 -40.82 -25.36 7.94
CA ARG C 375 -41.15 -26.06 9.18
C ARG C 375 -42.56 -25.73 9.64
N ALA C 376 -42.95 -24.45 9.56
CA ALA C 376 -44.28 -24.07 10.00
C ALA C 376 -45.36 -24.74 9.18
N GLY C 377 -45.16 -24.79 7.85
CA GLY C 377 -46.12 -25.49 7.01
C GLY C 377 -46.12 -26.98 7.25
N LEU C 378 -44.94 -27.57 7.45
CA LEU C 378 -44.86 -28.99 7.78
C LEU C 378 -45.56 -29.29 9.09
N GLU C 379 -45.39 -28.42 10.09
CA GLU C 379 -46.08 -28.61 11.36
C GLU C 379 -47.59 -28.53 11.17
N GLY C 380 -48.05 -27.63 10.31
CA GLY C 380 -49.49 -27.55 10.02
C GLY C 380 -50.02 -28.84 9.42
N ILE C 381 -49.26 -29.42 8.48
CA ILE C 381 -49.67 -30.68 7.86
C ILE C 381 -49.69 -31.81 8.89
N LYS C 382 -48.64 -31.87 9.73
CA LYS C 382 -48.56 -32.92 10.73
C LYS C 382 -49.69 -32.83 11.75
N ASN C 383 -50.01 -31.63 12.20
CA ASN C 383 -50.97 -31.43 13.28
C ASN C 383 -52.36 -31.02 12.80
N LYS C 384 -52.60 -31.05 11.48
CA LYS C 384 -53.91 -30.74 10.91
C LYS C 384 -54.44 -29.39 11.40
N ILE C 385 -53.64 -28.35 11.20
CA ILE C 385 -53.94 -27.04 11.74
C ILE C 385 -54.88 -26.31 10.78
N ASP C 386 -56.14 -26.17 11.17
CA ASP C 386 -57.13 -25.50 10.34
C ASP C 386 -56.77 -24.02 10.20
N PRO C 387 -56.69 -23.49 8.97
CA PRO C 387 -56.36 -22.06 8.81
C PRO C 387 -57.53 -21.12 9.03
N GLY C 388 -58.75 -21.65 9.17
CA GLY C 388 -59.91 -20.80 9.31
C GLY C 388 -60.41 -20.30 7.97
N GLU C 389 -61.52 -19.56 8.07
CA GLU C 389 -62.21 -18.96 6.92
C GLU C 389 -61.30 -17.88 6.34
N PRO C 390 -61.22 -17.73 5.01
CA PRO C 390 -60.42 -16.68 4.44
C PRO C 390 -61.08 -15.33 4.67
N THR C 391 -60.26 -14.29 4.80
CA THR C 391 -60.75 -12.92 4.98
C THR C 391 -60.80 -12.31 3.59
N ASN C 392 -61.98 -12.25 3.00
CA ASN C 392 -62.16 -11.77 1.61
C ASN C 392 -62.45 -10.27 1.60
N VAL C 393 -62.27 -9.61 2.73
CA VAL C 393 -62.45 -8.17 2.78
C VAL C 393 -61.10 -7.51 3.00
N ASN C 394 -61.04 -6.22 2.73
CA ASN C 394 -59.86 -5.44 3.08
C ASN C 394 -59.87 -5.20 4.59
N ILE C 395 -58.97 -5.89 5.31
CA ILE C 395 -58.91 -5.73 6.76
C ILE C 395 -58.54 -4.30 7.11
N PHE C 396 -57.82 -3.61 6.21
CA PHE C 396 -57.49 -2.21 6.43
C PHE C 396 -58.74 -1.36 6.56
N HIS C 397 -59.75 -1.62 5.73
CA HIS C 397 -60.98 -0.83 5.77
C HIS C 397 -61.79 -1.10 7.02
N LEU C 398 -61.66 -2.29 7.61
CA LEU C 398 -62.40 -2.63 8.81
C LEU C 398 -61.93 -1.79 9.99
N SER C 399 -62.79 -1.68 10.99
CA SER C 399 -62.43 -1.02 12.23
C SER C 399 -61.85 -2.03 13.22
N ASP C 400 -61.22 -1.52 14.27
CA ASP C 400 -60.61 -2.40 15.26
C ASP C 400 -61.64 -3.30 15.93
N LYS C 401 -62.91 -2.88 16.01
CA LYS C 401 -63.92 -3.71 16.64
C LYS C 401 -64.22 -4.96 15.81
N GLU C 402 -64.36 -4.80 14.49
CA GLU C 402 -64.64 -5.95 13.64
C GLU C 402 -63.48 -6.94 13.64
N ARG C 403 -62.25 -6.42 13.68
CA ARG C 403 -61.07 -7.29 13.70
C ARG C 403 -61.10 -8.22 14.90
N GLU C 404 -61.45 -7.70 16.08
CA GLU C 404 -61.57 -8.56 17.27
C GLU C 404 -62.71 -9.56 17.10
N GLU C 405 -63.83 -9.13 16.50
CA GLU C 405 -64.94 -10.05 16.29
C GLU C 405 -64.54 -11.19 15.37
N ARG C 406 -63.78 -10.90 14.32
CA ARG C 406 -63.26 -11.93 13.43
C ARG C 406 -62.00 -12.59 13.96
N GLY C 407 -61.48 -12.13 15.10
CA GLY C 407 -60.28 -12.72 15.67
C GLY C 407 -59.04 -12.55 14.83
N ILE C 408 -58.82 -11.35 14.29
CA ILE C 408 -57.72 -11.07 13.40
C ILE C 408 -56.61 -10.42 14.21
N ARG C 409 -55.48 -11.11 14.36
CA ARG C 409 -54.33 -10.57 15.06
C ARG C 409 -53.43 -9.82 14.09
N SER C 410 -52.47 -9.08 14.66
CA SER C 410 -51.54 -8.27 13.89
C SER C 410 -50.14 -8.87 13.95
N LEU C 411 -49.35 -8.54 12.93
CA LEU C 411 -47.93 -8.82 12.98
C LEU C 411 -47.28 -7.90 14.03
N PRO C 412 -46.10 -8.28 14.53
CA PRO C 412 -45.40 -7.40 15.47
C PRO C 412 -45.19 -6.01 14.90
N ALA C 413 -45.40 -5.00 15.75
CA ALA C 413 -45.39 -3.61 15.29
C ALA C 413 -43.98 -3.02 15.20
N ASP C 414 -43.00 -3.63 15.86
CA ASP C 414 -41.62 -3.17 15.75
C ASP C 414 -40.70 -4.33 16.10
N LEU C 415 -39.39 -4.11 15.92
CA LEU C 415 -38.42 -5.19 16.10
C LEU C 415 -38.40 -5.71 17.54
N LYS C 416 -38.63 -4.82 18.51
CA LYS C 416 -38.66 -5.25 19.91
C LYS C 416 -39.75 -6.28 20.16
N GLU C 417 -40.97 -6.00 19.67
CA GLU C 417 -42.06 -6.95 19.86
C GLU C 417 -41.79 -8.26 19.13
N ALA C 418 -41.21 -8.17 17.93
CA ALA C 418 -40.84 -9.39 17.21
C ALA C 418 -39.78 -10.17 17.95
N ILE C 419 -38.81 -9.47 18.55
CA ILE C 419 -37.79 -10.14 19.36
C ILE C 419 -38.45 -10.89 20.51
N ASP C 420 -39.37 -10.23 21.20
CA ASP C 420 -40.02 -10.85 22.38
C ASP C 420 -40.86 -12.05 21.96
N GLU C 421 -41.50 -12.00 20.80
CA GLU C 421 -42.33 -13.12 20.33
C GLU C 421 -41.45 -14.32 20.01
N MET C 422 -40.28 -14.08 19.43
CA MET C 422 -39.37 -15.17 19.04
C MET C 422 -38.66 -15.73 20.27
N LYS C 423 -38.32 -14.87 21.22
CA LYS C 423 -37.59 -15.24 22.46
C LYS C 423 -38.25 -16.42 23.17
N GLY C 424 -39.57 -16.40 23.31
CA GLY C 424 -40.25 -17.50 23.99
C GLY C 424 -40.98 -18.43 23.04
N SER C 425 -40.36 -18.78 21.93
CA SER C 425 -41.01 -19.67 20.94
C SER C 425 -40.27 -21.00 20.86
N LYS C 426 -40.84 -22.05 21.41
CA LYS C 426 -40.24 -23.38 21.31
C LYS C 426 -40.06 -23.79 19.86
N PHE C 427 -41.01 -23.43 18.99
CA PHE C 427 -40.95 -23.84 17.60
C PHE C 427 -39.73 -23.26 16.89
N VAL C 428 -39.48 -21.95 17.09
CA VAL C 428 -38.35 -21.31 16.42
C VAL C 428 -37.03 -21.84 16.97
N LYS C 429 -36.96 -22.04 18.29
CA LYS C 429 -35.73 -22.54 18.91
C LYS C 429 -35.36 -23.91 18.36
N GLU C 430 -36.34 -24.80 18.22
CA GLU C 430 -36.06 -26.15 17.74
C GLU C 430 -35.64 -26.13 16.28
N ALA C 431 -36.28 -25.28 15.46
CA ALA C 431 -36.01 -25.28 14.03
C ALA C 431 -34.64 -24.70 13.71
N LEU C 432 -34.28 -23.58 14.35
CA LEU C 432 -33.00 -22.94 14.11
C LEU C 432 -31.85 -23.66 14.80
N GLY C 433 -32.12 -24.34 15.90
CA GLY C 433 -31.00 -24.75 16.73
C GLY C 433 -30.62 -23.66 17.70
N GLU C 434 -30.20 -24.07 18.89
CA GLU C 434 -29.97 -23.11 19.96
C GLU C 434 -28.78 -22.20 19.67
N HIS C 435 -27.84 -22.62 18.83
CA HIS C 435 -26.71 -21.76 18.48
C HIS C 435 -27.20 -20.52 17.72
N VAL C 436 -27.87 -20.74 16.59
CA VAL C 436 -28.39 -19.63 15.80
C VAL C 436 -29.42 -18.84 16.59
N PHE C 437 -30.25 -19.54 17.36
CA PHE C 437 -31.35 -18.88 18.08
C PHE C 437 -30.83 -17.80 19.01
N SER C 438 -29.88 -18.13 19.88
CA SER C 438 -29.38 -17.15 20.84
C SER C 438 -28.52 -16.08 20.16
N HIS C 439 -27.67 -16.49 19.22
CA HIS C 439 -26.82 -15.53 18.53
C HIS C 439 -27.66 -14.54 17.73
N TYR C 440 -28.70 -15.03 17.05
CA TYR C 440 -29.57 -14.14 16.29
C TYR C 440 -30.29 -13.16 17.22
N LEU C 441 -30.84 -13.67 18.32
CA LEU C 441 -31.59 -12.84 19.25
C LEU C 441 -30.69 -11.82 19.94
N CYS C 442 -29.48 -12.24 20.33
CA CYS C 442 -28.56 -11.33 20.99
C CYS C 442 -28.17 -10.17 20.08
N ALA C 443 -27.92 -10.47 18.80
CA ALA C 443 -27.58 -9.42 17.84
C ALA C 443 -28.74 -8.45 17.65
N LYS C 444 -29.96 -8.96 17.56
CA LYS C 444 -31.11 -8.10 17.34
C LYS C 444 -31.42 -7.25 18.57
N GLU C 445 -31.20 -7.80 19.77
CA GLU C 445 -31.43 -7.01 20.97
C GLU C 445 -30.41 -5.87 21.09
N MET C 446 -29.16 -6.13 20.73
CA MET C 446 -28.16 -5.06 20.71
C MET C 446 -28.52 -3.99 19.68
N GLU C 447 -29.02 -4.42 18.51
CA GLU C 447 -29.45 -3.48 17.49
C GLU C 447 -30.61 -2.62 17.98
N TRP C 448 -31.55 -3.21 18.70
CA TRP C 448 -32.70 -2.43 19.17
C TRP C 448 -32.31 -1.45 20.26
N ASP C 449 -31.48 -1.88 21.21
CA ASP C 449 -31.08 -0.99 22.30
C ASP C 449 -30.34 0.22 21.77
N GLU C 450 -29.58 0.07 20.70
CA GLU C 450 -28.92 1.22 20.09
C GLU C 450 -29.95 2.16 19.47
N TYR C 451 -30.91 1.60 18.74
CA TYR C 451 -31.91 2.42 18.05
C TYR C 451 -32.78 3.18 19.04
N LYS C 452 -33.21 2.52 20.12
CA LYS C 452 -34.24 3.07 20.99
C LYS C 452 -33.77 4.31 21.74
N ALA C 453 -32.46 4.50 21.91
CA ALA C 453 -31.96 5.66 22.66
C ALA C 453 -31.65 6.86 21.77
N VAL C 454 -31.76 6.72 20.45
CA VAL C 454 -31.38 7.81 19.54
C VAL C 454 -32.45 8.89 19.57
N VAL C 455 -32.01 10.14 19.66
CA VAL C 455 -32.91 11.28 19.51
C VAL C 455 -32.92 11.66 18.04
N HIS C 456 -34.07 11.50 17.40
CA HIS C 456 -34.21 11.69 15.97
C HIS C 456 -34.57 13.14 15.64
N PRO C 457 -34.20 13.60 14.44
CA PRO C 457 -34.57 14.97 14.03
C PRO C 457 -36.07 15.20 14.00
N TRP C 458 -36.87 14.14 13.81
CA TRP C 458 -38.31 14.29 13.86
C TRP C 458 -38.75 14.81 15.23
N GLU C 459 -38.12 14.32 16.30
CA GLU C 459 -38.45 14.78 17.64
C GLU C 459 -38.11 16.26 17.81
N LEU C 460 -36.96 16.69 17.28
CA LEU C 460 -36.60 18.10 17.34
C LEU C 460 -37.60 18.96 16.59
N SER C 461 -38.02 18.51 15.40
CA SER C 461 -38.96 19.30 14.61
C SER C 461 -40.28 19.46 15.35
N ARG C 462 -40.75 18.42 16.04
CA ARG C 462 -42.03 18.49 16.71
C ARG C 462 -41.95 19.19 18.06
N TYR C 463 -40.91 18.91 18.82
CA TYR C 463 -40.92 19.34 20.24
C TYR C 463 -39.99 20.48 20.60
N LEU C 464 -38.97 20.79 19.81
CA LEU C 464 -38.02 21.81 20.23
C LEU C 464 -38.70 23.17 20.41
N SER C 465 -39.55 23.56 19.47
CA SER C 465 -40.29 24.81 19.57
C SER C 465 -41.55 24.71 20.41
N MET C 466 -42.04 23.51 20.69
CA MET C 466 -43.30 23.35 21.39
C MET C 466 -43.13 23.30 22.91
N LEU C 467 -42.08 22.65 23.40
CA LEU C 467 -41.90 22.46 24.83
C LEU C 467 -41.08 23.59 25.46
#